data_2DGP
#
_entry.id   2DGP
#
_entity_poly.entity_id   1
_entity_poly.type   'polypeptide(L)'
_entity_poly.pdbx_seq_one_letter_code
;GSSGSSGMKDHDAIKLFIGQIPRNLDEKDLKPLFEEFGKIYELTVLKDRFTGMHKGCAFLTYCERESALKAQSALHEQKT
LPGMNRPIQVKPADSESRGGSGPSSG
;
_entity_poly.pdbx_strand_id   A
#
# COMPACT_ATOMS: atom_id res chain seq x y z
N GLY A 1 13.39 20.05 13.18
CA GLY A 1 13.13 20.52 11.83
C GLY A 1 11.84 21.31 11.73
N SER A 2 11.21 21.27 10.57
CA SER A 2 9.96 22.00 10.35
C SER A 2 8.77 21.05 10.43
N SER A 3 8.77 20.02 9.60
CA SER A 3 7.69 19.05 9.58
C SER A 3 7.96 17.91 10.56
N GLY A 4 9.20 17.42 10.57
CA GLY A 4 9.55 16.34 11.46
C GLY A 4 8.63 15.14 11.33
N SER A 5 7.80 14.92 12.33
CA SER A 5 6.87 13.80 12.32
C SER A 5 7.62 12.47 12.30
N SER A 6 8.68 12.38 13.10
CA SER A 6 9.50 11.18 13.17
C SER A 6 9.07 10.31 14.35
N GLY A 7 8.05 9.48 14.14
CA GLY A 7 7.57 8.61 15.20
C GLY A 7 7.40 7.18 14.73
N MET A 8 6.23 6.61 15.02
CA MET A 8 5.94 5.23 14.63
C MET A 8 4.55 5.13 14.01
N LYS A 9 4.31 4.05 13.28
CA LYS A 9 3.02 3.83 12.64
C LYS A 9 1.90 3.72 13.68
N ASP A 10 0.73 4.24 13.34
CA ASP A 10 -0.41 4.20 14.23
C ASP A 10 -0.66 2.79 14.75
N HIS A 11 -1.31 2.68 15.90
CA HIS A 11 -1.61 1.39 16.50
C HIS A 11 -2.30 0.48 15.50
N ASP A 12 -3.35 0.99 14.86
CA ASP A 12 -4.10 0.22 13.88
C ASP A 12 -3.79 0.70 12.46
N ALA A 13 -2.68 0.23 11.91
CA ALA A 13 -2.27 0.61 10.56
C ALA A 13 -3.12 -0.09 9.51
N ILE A 14 -3.18 0.48 8.32
CA ILE A 14 -3.96 -0.10 7.22
C ILE A 14 -3.06 -0.77 6.20
N LYS A 15 -3.33 -2.04 5.92
CA LYS A 15 -2.55 -2.80 4.95
C LYS A 15 -3.09 -2.59 3.54
N LEU A 16 -2.51 -1.64 2.82
CA LEU A 16 -2.94 -1.35 1.46
C LEU A 16 -2.44 -2.43 0.49
N PHE A 17 -3.38 -3.06 -0.20
CA PHE A 17 -3.05 -4.11 -1.15
C PHE A 17 -2.93 -3.54 -2.57
N ILE A 18 -1.73 -3.58 -3.12
CA ILE A 18 -1.49 -3.07 -4.47
C ILE A 18 -1.40 -4.21 -5.47
N GLY A 19 -2.03 -4.02 -6.63
CA GLY A 19 -2.01 -5.04 -7.67
C GLY A 19 -1.69 -4.47 -9.03
N GLN A 20 -1.57 -5.35 -10.02
CA GLN A 20 -1.27 -4.93 -11.38
C GLN A 20 0.19 -4.45 -11.50
N ILE A 21 1.09 -5.20 -10.87
CA ILE A 21 2.51 -4.86 -10.91
C ILE A 21 3.35 -6.03 -11.41
N PRO A 22 4.29 -5.74 -12.32
CA PRO A 22 5.16 -6.76 -12.90
C PRO A 22 6.18 -7.28 -11.89
N ARG A 23 6.66 -8.50 -12.12
CA ARG A 23 7.63 -9.12 -11.23
C ARG A 23 9.05 -8.73 -11.62
N ASN A 24 9.24 -7.45 -11.94
CA ASN A 24 10.55 -6.95 -12.34
C ASN A 24 10.94 -5.73 -11.51
N LEU A 25 10.12 -5.42 -10.51
CA LEU A 25 10.38 -4.28 -9.64
C LEU A 25 11.01 -4.73 -8.33
N ASP A 26 11.30 -3.76 -7.46
CA ASP A 26 11.91 -4.06 -6.16
C ASP A 26 11.32 -3.18 -5.07
N GLU A 27 11.36 -3.65 -3.84
CA GLU A 27 10.83 -2.92 -2.71
C GLU A 27 11.51 -1.55 -2.58
N LYS A 28 12.82 -1.52 -2.84
CA LYS A 28 13.58 -0.28 -2.75
C LYS A 28 13.26 0.64 -3.92
N ASP A 29 12.53 0.11 -4.90
CA ASP A 29 12.15 0.89 -6.08
C ASP A 29 10.70 1.34 -5.98
N LEU A 30 9.93 0.64 -5.15
CA LEU A 30 8.51 0.97 -4.97
C LEU A 30 8.30 1.77 -3.69
N LYS A 31 9.05 1.43 -2.64
CA LYS A 31 8.95 2.12 -1.37
C LYS A 31 9.17 3.63 -1.54
N PRO A 32 10.18 3.99 -2.34
CA PRO A 32 10.51 5.39 -2.61
C PRO A 32 9.28 6.22 -2.97
N LEU A 33 8.65 5.86 -4.09
CA LEU A 33 7.45 6.58 -4.55
C LEU A 33 6.51 6.86 -3.39
N PHE A 34 5.91 5.80 -2.85
CA PHE A 34 4.98 5.93 -1.74
C PHE A 34 5.58 6.78 -0.63
N GLU A 35 6.86 6.54 -0.33
CA GLU A 35 7.55 7.28 0.72
C GLU A 35 7.37 8.78 0.53
N GLU A 36 7.38 9.23 -0.73
CA GLU A 36 7.21 10.64 -1.05
C GLU A 36 5.83 11.14 -0.62
N PHE A 37 4.87 10.22 -0.57
CA PHE A 37 3.51 10.56 -0.17
C PHE A 37 3.32 10.39 1.33
N GLY A 38 3.81 9.28 1.86
CA GLY A 38 3.68 9.02 3.29
C GLY A 38 4.92 8.39 3.88
N LYS A 39 5.07 8.48 5.19
CA LYS A 39 6.22 7.91 5.88
C LYS A 39 6.04 6.41 6.09
N ILE A 40 6.19 5.64 5.02
CA ILE A 40 6.04 4.19 5.09
C ILE A 40 6.75 3.63 6.31
N TYR A 41 6.12 2.66 6.96
CA TYR A 41 6.69 2.03 8.15
C TYR A 41 7.28 0.66 7.82
N GLU A 42 6.59 -0.07 6.94
CA GLU A 42 7.05 -1.40 6.54
C GLU A 42 6.47 -1.78 5.19
N LEU A 43 7.31 -2.32 4.32
CA LEU A 43 6.89 -2.74 2.99
C LEU A 43 7.26 -4.19 2.72
N THR A 44 6.32 -4.94 2.17
CA THR A 44 6.55 -6.35 1.86
C THR A 44 5.90 -6.75 0.55
N VAL A 45 6.68 -7.35 -0.34
CA VAL A 45 6.18 -7.78 -1.64
C VAL A 45 5.80 -9.25 -1.63
N LEU A 46 4.51 -9.54 -1.68
CA LEU A 46 4.03 -10.91 -1.67
C LEU A 46 4.76 -11.76 -2.71
N LYS A 47 5.69 -12.59 -2.25
CA LYS A 47 6.47 -13.44 -3.14
C LYS A 47 6.58 -14.85 -2.57
N ASP A 48 5.83 -15.78 -3.14
CA ASP A 48 5.84 -17.17 -2.69
C ASP A 48 7.22 -17.79 -2.89
N ARG A 49 7.43 -18.97 -2.32
CA ARG A 49 8.70 -19.67 -2.44
C ARG A 49 8.52 -21.00 -3.15
N PHE A 50 7.28 -21.31 -3.52
CA PHE A 50 6.98 -22.56 -4.21
C PHE A 50 6.70 -22.32 -5.69
N THR A 51 5.54 -21.71 -5.97
CA THR A 51 5.16 -21.42 -7.35
C THR A 51 4.79 -19.94 -7.51
N GLY A 52 4.24 -19.36 -6.46
CA GLY A 52 3.86 -17.96 -6.51
C GLY A 52 5.02 -17.02 -6.26
N MET A 53 6.17 -17.37 -6.82
CA MET A 53 7.37 -16.56 -6.66
C MET A 53 7.02 -15.08 -6.59
N HIS A 54 6.02 -14.67 -7.38
CA HIS A 54 5.58 -13.29 -7.41
C HIS A 54 4.10 -13.19 -7.77
N LYS A 55 3.29 -12.80 -6.80
CA LYS A 55 1.85 -12.66 -7.01
C LYS A 55 1.52 -11.31 -7.65
N GLY A 56 2.40 -10.84 -8.53
CA GLY A 56 2.18 -9.57 -9.19
C GLY A 56 1.48 -8.56 -8.29
N CYS A 57 1.92 -8.47 -7.04
CA CYS A 57 1.33 -7.55 -6.09
C CYS A 57 2.27 -7.31 -4.91
N ALA A 58 1.90 -6.37 -4.05
CA ALA A 58 2.71 -6.04 -2.87
C ALA A 58 1.87 -5.39 -1.78
N PHE A 59 2.30 -5.55 -0.54
CA PHE A 59 1.58 -4.99 0.60
C PHE A 59 2.29 -3.75 1.12
N LEU A 60 1.52 -2.69 1.39
CA LEU A 60 2.09 -1.45 1.90
C LEU A 60 1.38 -1.02 3.18
N THR A 61 2.15 -0.49 4.13
CA THR A 61 1.59 -0.03 5.40
C THR A 61 1.98 1.41 5.69
N TYR A 62 0.99 2.29 5.72
CA TYR A 62 1.23 3.70 5.99
C TYR A 62 1.13 4.01 7.48
N CYS A 63 2.08 4.78 7.98
CA CYS A 63 2.09 5.15 9.40
C CYS A 63 0.78 5.81 9.81
N GLU A 64 0.38 6.82 9.03
CA GLU A 64 -0.86 7.54 9.33
C GLU A 64 -2.01 7.01 8.47
N ARG A 65 -3.15 6.76 9.11
CA ARG A 65 -4.31 6.24 8.40
C ARG A 65 -4.74 7.20 7.30
N GLU A 66 -4.91 8.47 7.65
CA GLU A 66 -5.32 9.48 6.68
C GLU A 66 -4.39 9.50 5.48
N SER A 67 -3.09 9.65 5.73
CA SER A 67 -2.09 9.69 4.67
C SER A 67 -2.43 8.68 3.58
N ALA A 68 -2.52 7.40 3.96
CA ALA A 68 -2.85 6.34 3.02
C ALA A 68 -3.91 6.79 2.02
N LEU A 69 -5.00 7.36 2.53
CA LEU A 69 -6.09 7.83 1.69
C LEU A 69 -5.55 8.71 0.56
N LYS A 70 -4.67 9.64 0.91
CA LYS A 70 -4.08 10.55 -0.07
C LYS A 70 -3.40 9.77 -1.19
N ALA A 71 -2.34 9.05 -0.84
CA ALA A 71 -1.60 8.26 -1.81
C ALA A 71 -2.54 7.34 -2.60
N GLN A 72 -3.58 6.85 -1.93
CA GLN A 72 -4.55 5.97 -2.58
C GLN A 72 -5.22 6.66 -3.77
N SER A 73 -5.95 7.73 -3.49
CA SER A 73 -6.64 8.48 -4.54
C SER A 73 -5.65 9.21 -5.43
N ALA A 74 -4.45 9.45 -4.90
CA ALA A 74 -3.41 10.15 -5.64
C ALA A 74 -2.74 9.21 -6.65
N LEU A 75 -2.61 7.94 -6.27
CA LEU A 75 -1.99 6.94 -7.14
C LEU A 75 -3.05 6.18 -7.93
N HIS A 76 -4.01 5.60 -7.22
CA HIS A 76 -5.07 4.85 -7.86
C HIS A 76 -5.46 5.47 -9.20
N GLU A 77 -5.66 4.62 -10.21
CA GLU A 77 -6.03 5.09 -11.53
C GLU A 77 -5.36 6.42 -11.85
N GLN A 78 -4.12 6.57 -11.40
CA GLN A 78 -3.36 7.80 -11.63
C GLN A 78 -2.02 7.49 -12.29
N LYS A 79 -1.37 6.43 -11.84
CA LYS A 79 -0.07 6.03 -12.38
C LYS A 79 -0.18 4.69 -13.09
N THR A 80 0.54 4.56 -14.20
CA THR A 80 0.53 3.32 -14.98
C THR A 80 1.94 2.82 -15.23
N LEU A 81 2.30 1.72 -14.59
CA LEU A 81 3.63 1.13 -14.74
C LEU A 81 3.87 0.73 -16.19
N PRO A 82 5.15 0.77 -16.61
CA PRO A 82 5.55 0.40 -17.97
C PRO A 82 5.41 -1.08 -18.24
N GLY A 83 4.57 -1.43 -19.21
CA GLY A 83 4.35 -2.83 -19.54
C GLY A 83 2.94 -3.28 -19.25
N MET A 84 2.26 -2.57 -18.35
CA MET A 84 0.89 -2.91 -17.98
C MET A 84 -0.11 -1.98 -18.67
N ASN A 85 -0.93 -2.54 -19.55
CA ASN A 85 -1.92 -1.76 -20.28
C ASN A 85 -2.83 -1.00 -19.31
N ARG A 86 -3.09 -1.60 -18.16
CA ARG A 86 -3.94 -0.98 -17.15
C ARG A 86 -3.10 -0.31 -16.07
N PRO A 87 -3.68 0.71 -15.42
CA PRO A 87 -3.00 1.46 -14.36
C PRO A 87 -2.80 0.63 -13.09
N ILE A 88 -2.22 1.24 -12.07
CA ILE A 88 -1.99 0.55 -10.80
C ILE A 88 -3.21 0.63 -9.90
N GLN A 89 -3.63 -0.51 -9.38
CA GLN A 89 -4.78 -0.57 -8.48
C GLN A 89 -4.35 -0.52 -7.02
N VAL A 90 -5.06 0.27 -6.24
CA VAL A 90 -4.75 0.41 -4.82
C VAL A 90 -6.01 0.29 -3.97
N LYS A 91 -6.04 -0.72 -3.10
CA LYS A 91 -7.19 -0.97 -2.24
C LYS A 91 -6.75 -1.63 -0.94
N PRO A 92 -7.38 -1.24 0.18
CA PRO A 92 -7.07 -1.79 1.50
C PRO A 92 -7.53 -3.24 1.65
N ALA A 93 -6.72 -4.05 2.32
CA ALA A 93 -7.04 -5.45 2.53
C ALA A 93 -8.06 -5.62 3.66
N ASP A 94 -9.13 -4.85 3.61
CA ASP A 94 -10.17 -4.91 4.62
C ASP A 94 -11.32 -5.81 4.17
N SER A 95 -11.99 -6.45 5.13
CA SER A 95 -13.10 -7.34 4.82
C SER A 95 -14.42 -6.74 5.31
N GLU A 96 -15.18 -6.16 4.39
CA GLU A 96 -16.46 -5.55 4.73
C GLU A 96 -17.55 -6.61 4.83
N SER A 97 -18.29 -6.59 5.93
CA SER A 97 -19.36 -7.55 6.15
C SER A 97 -20.26 -7.65 4.92
N ARG A 98 -20.32 -8.84 4.34
CA ARG A 98 -21.14 -9.08 3.15
C ARG A 98 -21.25 -10.57 2.85
N GLY A 99 -22.10 -10.91 1.88
CA GLY A 99 -22.29 -12.30 1.52
C GLY A 99 -23.74 -12.64 1.24
N GLY A 100 -24.33 -11.98 0.25
CA GLY A 100 -25.71 -12.23 -0.09
C GLY A 100 -26.14 -11.50 -1.36
N SER A 101 -26.91 -12.18 -2.19
CA SER A 101 -27.39 -11.59 -3.45
C SER A 101 -28.46 -12.47 -4.08
N GLY A 102 -29.46 -11.83 -4.68
CA GLY A 102 -30.54 -12.56 -5.33
C GLY A 102 -31.90 -12.00 -5.00
N PRO A 103 -32.20 -10.81 -5.54
CA PRO A 103 -33.48 -10.13 -5.32
C PRO A 103 -34.65 -10.85 -6.00
N SER A 104 -35.86 -10.50 -5.61
CA SER A 104 -37.05 -11.11 -6.19
C SER A 104 -38.29 -10.25 -5.92
N SER A 105 -39.41 -10.64 -6.52
CA SER A 105 -40.66 -9.91 -6.35
C SER A 105 -40.49 -8.45 -6.77
N GLY A 106 -39.80 -8.24 -7.88
CA GLY A 106 -39.59 -6.89 -8.37
C GLY A 106 -38.33 -6.26 -7.81
N GLY A 1 18.62 20.95 9.68
CA GLY A 1 17.22 20.62 9.48
C GLY A 1 17.01 19.19 9.07
N SER A 2 15.96 18.93 8.29
CA SER A 2 15.65 17.58 7.83
C SER A 2 15.36 16.67 9.02
N SER A 3 14.61 17.19 9.99
CA SER A 3 14.25 16.42 11.18
C SER A 3 12.81 15.95 11.10
N GLY A 4 12.61 14.67 10.78
CA GLY A 4 11.28 14.11 10.68
C GLY A 4 10.53 14.17 12.00
N SER A 5 9.21 14.16 11.92
CA SER A 5 8.37 14.21 13.11
C SER A 5 7.80 12.84 13.45
N SER A 6 7.27 12.16 12.43
CA SER A 6 6.68 10.84 12.61
C SER A 6 7.70 9.88 13.23
N GLY A 7 7.23 8.68 13.56
CA GLY A 7 8.12 7.69 14.17
C GLY A 7 7.41 6.37 14.40
N MET A 8 6.41 6.38 15.27
CA MET A 8 5.66 5.17 15.59
C MET A 8 4.25 5.24 15.00
N LYS A 9 3.85 4.16 14.35
CA LYS A 9 2.52 4.08 13.74
C LYS A 9 1.44 3.91 14.80
N ASP A 10 0.25 4.42 14.50
CA ASP A 10 -0.88 4.31 15.44
C ASP A 10 -1.08 2.87 15.87
N HIS A 11 -1.79 2.69 16.98
CA HIS A 11 -2.08 1.36 17.50
C HIS A 11 -2.30 0.37 16.37
N ASP A 12 -2.93 0.83 15.30
CA ASP A 12 -3.20 -0.02 14.14
C ASP A 12 -3.04 0.76 12.83
N ALA A 13 -2.68 0.06 11.77
CA ALA A 13 -2.49 0.68 10.47
C ALA A 13 -3.34 0.00 9.40
N ILE A 14 -3.44 0.63 8.24
CA ILE A 14 -4.22 0.09 7.14
C ILE A 14 -3.32 -0.59 6.11
N LYS A 15 -3.50 -1.90 5.94
CA LYS A 15 -2.71 -2.65 4.98
C LYS A 15 -3.23 -2.45 3.56
N LEU A 16 -2.56 -1.56 2.82
CA LEU A 16 -2.95 -1.28 1.44
C LEU A 16 -2.50 -2.40 0.51
N PHE A 17 -3.41 -2.83 -0.36
CA PHE A 17 -3.10 -3.89 -1.31
C PHE A 17 -2.91 -3.32 -2.71
N ILE A 18 -1.72 -3.57 -3.28
CA ILE A 18 -1.40 -3.08 -4.62
C ILE A 18 -1.40 -4.21 -5.63
N GLY A 19 -2.03 -3.98 -6.78
CA GLY A 19 -2.09 -5.00 -7.82
C GLY A 19 -1.64 -4.47 -9.16
N GLN A 20 -1.70 -5.33 -10.18
CA GLN A 20 -1.29 -4.95 -11.52
C GLN A 20 0.15 -4.43 -11.53
N ILE A 21 1.06 -5.22 -10.98
CA ILE A 21 2.46 -4.85 -10.92
C ILE A 21 3.35 -5.90 -11.57
N PRO A 22 4.22 -5.46 -12.50
CA PRO A 22 5.13 -6.36 -13.21
C PRO A 22 6.23 -6.90 -12.31
N ARG A 23 6.88 -7.97 -12.75
CA ARG A 23 7.95 -8.59 -11.98
C ARG A 23 9.30 -7.95 -12.31
N ASN A 24 9.31 -6.63 -12.42
CA ASN A 24 10.52 -5.89 -12.73
C ASN A 24 10.77 -4.78 -11.70
N LEU A 25 9.94 -4.75 -10.67
CA LEU A 25 10.08 -3.75 -9.62
C LEU A 25 10.78 -4.32 -8.40
N ASP A 26 11.21 -3.44 -7.49
CA ASP A 26 11.90 -3.87 -6.28
C ASP A 26 11.45 -3.03 -5.09
N GLU A 27 11.55 -3.61 -3.90
CA GLU A 27 11.16 -2.92 -2.67
C GLU A 27 11.82 -1.55 -2.57
N LYS A 28 13.07 -1.48 -3.02
CA LYS A 28 13.82 -0.23 -2.98
C LYS A 28 13.43 0.68 -4.15
N ASP A 29 12.76 0.10 -5.14
CA ASP A 29 12.31 0.86 -6.29
C ASP A 29 10.83 1.19 -6.20
N LEU A 30 10.19 0.74 -5.13
CA LEU A 30 8.78 0.99 -4.91
C LEU A 30 8.55 1.80 -3.63
N LYS A 31 9.49 1.69 -2.70
CA LYS A 31 9.41 2.42 -1.44
C LYS A 31 9.41 3.93 -1.67
N PRO A 32 10.28 4.39 -2.58
CA PRO A 32 10.40 5.80 -2.91
C PRO A 32 9.05 6.45 -3.19
N LEU A 33 8.36 5.97 -4.22
CA LEU A 33 7.06 6.50 -4.58
C LEU A 33 6.19 6.72 -3.35
N PHE A 34 5.76 5.61 -2.74
CA PHE A 34 4.92 5.67 -1.55
C PHE A 34 5.56 6.56 -0.48
N GLU A 35 6.75 6.17 -0.04
CA GLU A 35 7.47 6.91 0.99
C GLU A 35 7.32 8.42 0.77
N GLU A 36 7.43 8.84 -0.49
CA GLU A 36 7.30 10.25 -0.82
C GLU A 36 5.92 10.78 -0.46
N PHE A 37 4.90 9.94 -0.68
CA PHE A 37 3.53 10.32 -0.38
C PHE A 37 3.26 10.24 1.12
N GLY A 38 3.71 9.15 1.74
CA GLY A 38 3.51 8.96 3.16
C GLY A 38 4.72 8.36 3.85
N LYS A 39 4.75 8.45 5.17
CA LYS A 39 5.85 7.90 5.95
C LYS A 39 5.69 6.39 6.13
N ILE A 40 6.10 5.63 5.13
CA ILE A 40 6.00 4.17 5.19
C ILE A 40 6.37 3.65 6.58
N TYR A 41 5.98 2.42 6.86
CA TYR A 41 6.26 1.80 8.15
C TYR A 41 6.83 0.39 7.96
N GLU A 42 6.33 -0.31 6.96
CA GLU A 42 6.79 -1.66 6.68
C GLU A 42 6.31 -2.12 5.30
N LEU A 43 7.26 -2.34 4.39
CA LEU A 43 6.93 -2.77 3.04
C LEU A 43 7.20 -4.26 2.87
N THR A 44 6.26 -4.96 2.23
CA THR A 44 6.40 -6.40 2.01
C THR A 44 5.92 -6.78 0.61
N VAL A 45 6.81 -7.39 -0.16
CA VAL A 45 6.48 -7.81 -1.52
C VAL A 45 6.07 -9.28 -1.55
N LEU A 46 4.77 -9.53 -1.54
CA LEU A 46 4.24 -10.89 -1.57
C LEU A 46 5.06 -11.77 -2.51
N LYS A 47 5.75 -12.75 -1.94
CA LYS A 47 6.58 -13.66 -2.71
C LYS A 47 6.45 -15.09 -2.19
N ASP A 48 5.84 -15.95 -2.98
CA ASP A 48 5.66 -17.35 -2.60
C ASP A 48 7.00 -18.10 -2.63
N ARG A 49 6.95 -19.38 -2.29
CA ARG A 49 8.15 -20.21 -2.27
C ARG A 49 7.95 -21.48 -3.09
N PHE A 50 6.84 -21.53 -3.82
CA PHE A 50 6.53 -22.69 -4.65
C PHE A 50 6.40 -22.29 -6.12
N THR A 51 5.29 -21.62 -6.44
CA THR A 51 5.04 -21.17 -7.80
C THR A 51 4.88 -19.66 -7.87
N GLY A 52 4.27 -19.09 -6.84
CA GLY A 52 4.06 -17.65 -6.80
C GLY A 52 5.31 -16.90 -6.38
N MET A 53 6.46 -17.33 -6.90
CA MET A 53 7.73 -16.69 -6.58
C MET A 53 7.55 -15.19 -6.37
N HIS A 54 7.07 -14.51 -7.40
CA HIS A 54 6.85 -13.06 -7.34
C HIS A 54 5.41 -12.72 -7.70
N LYS A 55 4.52 -12.84 -6.72
CA LYS A 55 3.11 -12.53 -6.93
C LYS A 55 2.94 -11.18 -7.62
N GLY A 56 1.84 -11.03 -8.37
CA GLY A 56 1.59 -9.78 -9.06
C GLY A 56 0.95 -8.74 -8.17
N CYS A 57 1.52 -8.55 -6.98
CA CYS A 57 1.00 -7.57 -6.02
C CYS A 57 1.92 -7.45 -4.82
N ALA A 58 1.65 -6.46 -3.98
CA ALA A 58 2.46 -6.23 -2.79
C ALA A 58 1.64 -5.56 -1.68
N PHE A 59 2.07 -5.73 -0.44
CA PHE A 59 1.37 -5.14 0.69
C PHE A 59 2.14 -3.94 1.25
N LEU A 60 1.45 -2.82 1.39
CA LEU A 60 2.07 -1.61 1.91
C LEU A 60 1.35 -1.12 3.17
N THR A 61 2.13 -0.76 4.18
CA THR A 61 1.57 -0.28 5.44
C THR A 61 2.03 1.14 5.74
N TYR A 62 1.10 2.08 5.67
CA TYR A 62 1.42 3.48 5.92
C TYR A 62 1.31 3.80 7.42
N CYS A 63 2.34 4.46 7.95
CA CYS A 63 2.36 4.82 9.36
C CYS A 63 1.04 5.42 9.80
N GLU A 64 0.60 6.48 9.10
CA GLU A 64 -0.64 7.14 9.42
C GLU A 64 -1.76 6.68 8.49
N ARG A 65 -3.00 6.94 8.89
CA ARG A 65 -4.16 6.54 8.10
C ARG A 65 -4.45 7.56 7.00
N GLU A 66 -4.67 8.81 7.41
CA GLU A 66 -4.96 9.88 6.46
C GLU A 66 -4.02 9.82 5.27
N SER A 67 -2.72 9.88 5.55
CA SER A 67 -1.71 9.83 4.50
C SER A 67 -2.01 8.73 3.49
N ALA A 68 -2.19 7.51 4.00
CA ALA A 68 -2.49 6.36 3.15
C ALA A 68 -3.54 6.73 2.09
N LEU A 69 -4.51 7.54 2.48
CA LEU A 69 -5.58 7.96 1.58
C LEU A 69 -5.00 8.77 0.41
N LYS A 70 -4.25 9.82 0.74
CA LYS A 70 -3.65 10.66 -0.28
C LYS A 70 -3.02 9.82 -1.38
N ALA A 71 -2.18 8.87 -0.99
CA ALA A 71 -1.51 7.99 -1.95
C ALA A 71 -2.51 7.10 -2.67
N GLN A 72 -3.58 6.72 -1.97
CA GLN A 72 -4.61 5.87 -2.55
C GLN A 72 -5.32 6.58 -3.70
N SER A 73 -5.87 7.75 -3.42
CA SER A 73 -6.58 8.52 -4.44
C SER A 73 -5.59 9.17 -5.41
N ALA A 74 -4.31 9.08 -5.09
CA ALA A 74 -3.27 9.66 -5.93
C ALA A 74 -2.65 8.60 -6.85
N LEU A 75 -2.75 7.34 -6.44
CA LEU A 75 -2.21 6.24 -7.23
C LEU A 75 -3.33 5.46 -7.90
N HIS A 76 -4.35 5.11 -7.14
CA HIS A 76 -5.49 4.36 -7.67
C HIS A 76 -5.98 4.98 -8.98
N GLU A 77 -5.88 4.20 -10.06
CA GLU A 77 -6.32 4.67 -11.37
C GLU A 77 -5.81 6.09 -11.64
N GLN A 78 -4.53 6.31 -11.37
CA GLN A 78 -3.92 7.62 -11.58
C GLN A 78 -2.62 7.49 -12.37
N LYS A 79 -1.80 6.51 -12.02
CA LYS A 79 -0.54 6.29 -12.69
C LYS A 79 -0.45 4.86 -13.23
N THR A 80 0.15 4.71 -14.40
CA THR A 80 0.30 3.40 -15.03
C THR A 80 1.75 2.96 -15.05
N LEU A 81 2.03 1.83 -14.41
CA LEU A 81 3.39 1.29 -14.35
C LEU A 81 3.84 0.80 -15.72
N PRO A 82 5.15 0.92 -15.99
CA PRO A 82 5.74 0.49 -17.26
C PRO A 82 5.73 -1.03 -17.42
N GLY A 83 5.00 -1.51 -18.43
CA GLY A 83 4.91 -2.93 -18.67
C GLY A 83 3.51 -3.47 -18.50
N MET A 84 2.65 -2.70 -17.83
CA MET A 84 1.27 -3.11 -17.60
C MET A 84 0.31 -2.25 -18.42
N ASN A 85 -0.52 -2.91 -19.22
CA ASN A 85 -1.50 -2.21 -20.05
C ASN A 85 -2.47 -1.40 -19.20
N ARG A 86 -2.81 -1.94 -18.04
CA ARG A 86 -3.73 -1.26 -17.12
C ARG A 86 -2.96 -0.50 -16.04
N PRO A 87 -3.62 0.49 -15.44
CA PRO A 87 -3.03 1.31 -14.38
C PRO A 87 -2.83 0.53 -13.08
N ILE A 88 -2.33 1.21 -12.05
CA ILE A 88 -2.10 0.58 -10.76
C ILE A 88 -3.32 0.70 -9.86
N GLN A 89 -3.71 -0.43 -9.26
CA GLN A 89 -4.87 -0.45 -8.38
C GLN A 89 -4.43 -0.48 -6.91
N VAL A 90 -4.93 0.48 -6.13
CA VAL A 90 -4.60 0.57 -4.72
C VAL A 90 -5.85 0.60 -3.86
N LYS A 91 -6.03 -0.43 -3.05
CA LYS A 91 -7.19 -0.53 -2.17
C LYS A 91 -6.82 -1.15 -0.83
N PRO A 92 -7.42 -0.64 0.26
CA PRO A 92 -7.16 -1.14 1.61
C PRO A 92 -7.74 -2.54 1.83
N ALA A 93 -6.86 -3.52 1.98
CA ALA A 93 -7.28 -4.90 2.20
C ALA A 93 -8.51 -4.96 3.09
N ASP A 94 -8.58 -4.06 4.06
CA ASP A 94 -9.70 -4.01 4.99
C ASP A 94 -10.64 -2.87 4.64
N SER A 95 -11.92 -3.01 5.00
CA SER A 95 -12.92 -1.99 4.72
C SER A 95 -14.25 -2.34 5.38
N GLU A 96 -14.67 -1.50 6.32
CA GLU A 96 -15.92 -1.71 7.03
C GLU A 96 -16.77 -0.44 7.04
N SER A 97 -18.09 -0.61 7.01
CA SER A 97 -19.01 0.52 7.01
C SER A 97 -18.87 1.33 8.29
N ARG A 98 -19.02 0.66 9.43
CA ARG A 98 -18.91 1.32 10.72
C ARG A 98 -19.48 2.73 10.67
N GLY A 99 -20.64 2.87 10.02
CA GLY A 99 -21.29 4.17 9.91
C GLY A 99 -22.06 4.54 11.16
N GLY A 100 -22.96 5.51 11.01
CA GLY A 100 -23.75 5.95 12.16
C GLY A 100 -22.91 6.23 13.38
N SER A 101 -23.53 6.15 14.55
CA SER A 101 -22.82 6.41 15.80
C SER A 101 -21.46 5.72 15.81
N GLY A 102 -21.45 4.43 15.44
CA GLY A 102 -20.20 3.69 15.41
C GLY A 102 -19.44 3.79 16.71
N PRO A 103 -18.12 3.53 16.65
CA PRO A 103 -17.24 3.58 17.82
C PRO A 103 -17.04 5.01 18.31
N SER A 104 -16.27 5.15 19.39
CA SER A 104 -16.00 6.47 19.97
C SER A 104 -14.86 7.15 19.23
N SER A 105 -14.90 7.10 17.90
CA SER A 105 -13.86 7.71 17.08
C SER A 105 -12.48 7.32 17.56
N GLY A 106 -12.31 6.04 17.88
CA GLY A 106 -11.03 5.55 18.36
C GLY A 106 -11.03 5.27 19.85
N GLY A 1 25.82 1.67 17.10
CA GLY A 1 25.60 1.54 15.67
C GLY A 1 24.25 0.95 15.32
N SER A 2 23.23 1.80 15.31
CA SER A 2 21.87 1.36 15.00
C SER A 2 21.38 1.98 13.70
N SER A 3 21.03 1.13 12.74
CA SER A 3 20.54 1.61 11.45
C SER A 3 19.61 2.80 11.62
N GLY A 4 18.55 2.60 12.40
CA GLY A 4 17.59 3.67 12.63
C GLY A 4 16.17 3.15 12.79
N SER A 5 15.31 3.95 13.39
CA SER A 5 13.92 3.57 13.61
C SER A 5 13.01 4.20 12.56
N SER A 6 12.17 3.37 11.95
CA SER A 6 11.25 3.85 10.92
C SER A 6 10.12 4.66 11.53
N GLY A 7 9.32 5.29 10.68
CA GLY A 7 8.21 6.10 11.16
C GLY A 7 7.43 5.42 12.27
N MET A 8 7.13 6.15 13.33
CA MET A 8 6.38 5.61 14.45
C MET A 8 4.88 5.82 14.26
N LYS A 9 4.17 4.73 13.97
CA LYS A 9 2.74 4.79 13.76
C LYS A 9 2.09 5.82 14.68
N ASP A 10 1.11 6.56 14.16
CA ASP A 10 0.43 7.57 14.94
C ASP A 10 -0.99 7.12 15.27
N HIS A 11 -1.79 6.88 14.24
CA HIS A 11 -3.18 6.44 14.43
C HIS A 11 -3.29 4.94 14.28
N ASP A 12 -2.93 4.44 13.10
CA ASP A 12 -3.00 3.01 12.82
C ASP A 12 -2.34 2.68 11.49
N ALA A 13 -1.77 1.49 11.40
CA ALA A 13 -1.10 1.04 10.17
C ALA A 13 -2.05 0.23 9.29
N ILE A 14 -2.40 0.79 8.14
CA ILE A 14 -3.31 0.12 7.21
C ILE A 14 -2.53 -0.69 6.18
N LYS A 15 -3.03 -1.88 5.87
CA LYS A 15 -2.38 -2.75 4.89
C LYS A 15 -2.96 -2.54 3.50
N LEU A 16 -2.43 -1.56 2.78
CA LEU A 16 -2.91 -1.25 1.43
C LEU A 16 -2.43 -2.31 0.44
N PHE A 17 -3.39 -2.93 -0.24
CA PHE A 17 -3.06 -3.97 -1.23
C PHE A 17 -2.87 -3.36 -2.61
N ILE A 18 -1.71 -3.60 -3.20
CA ILE A 18 -1.40 -3.08 -4.53
C ILE A 18 -1.38 -4.19 -5.57
N GLY A 19 -2.01 -3.94 -6.71
CA GLY A 19 -2.06 -4.94 -7.76
C GLY A 19 -1.57 -4.39 -9.09
N GLN A 20 -1.68 -5.20 -10.14
CA GLN A 20 -1.25 -4.78 -11.47
C GLN A 20 0.20 -4.33 -11.45
N ILE A 21 1.07 -5.18 -10.94
CA ILE A 21 2.50 -4.86 -10.87
C ILE A 21 3.35 -6.03 -11.33
N PRO A 22 4.26 -5.77 -12.28
CA PRO A 22 5.16 -6.79 -12.83
C PRO A 22 6.20 -7.25 -11.82
N ARG A 23 6.65 -8.49 -11.96
CA ARG A 23 7.65 -9.05 -11.06
C ARG A 23 9.06 -8.61 -11.47
N ASN A 24 9.19 -7.34 -11.87
CA ASN A 24 10.47 -6.80 -12.29
C ASN A 24 10.88 -5.63 -11.41
N LEU A 25 10.04 -5.31 -10.43
CA LEU A 25 10.30 -4.20 -9.51
C LEU A 25 10.87 -4.71 -8.19
N ASP A 26 11.28 -3.79 -7.33
CA ASP A 26 11.84 -4.15 -6.03
C ASP A 26 11.37 -3.19 -4.96
N GLU A 27 11.44 -3.62 -3.70
CA GLU A 27 11.01 -2.79 -2.58
C GLU A 27 11.80 -1.48 -2.55
N LYS A 28 13.06 -1.54 -2.96
CA LYS A 28 13.91 -0.36 -2.99
C LYS A 28 13.48 0.60 -4.09
N ASP A 29 12.66 0.12 -5.01
CA ASP A 29 12.17 0.93 -6.12
C ASP A 29 10.69 1.24 -5.95
N LEU A 30 10.02 0.49 -5.08
CA LEU A 30 8.60 0.69 -4.84
C LEU A 30 8.37 1.51 -3.58
N LYS A 31 9.16 1.24 -2.54
CA LYS A 31 9.06 1.97 -1.28
C LYS A 31 9.20 3.47 -1.49
N PRO A 32 10.17 3.86 -2.33
CA PRO A 32 10.44 5.26 -2.65
C PRO A 32 9.17 6.02 -3.00
N LEU A 33 8.52 5.61 -4.10
CA LEU A 33 7.30 6.27 -4.55
C LEU A 33 6.37 6.54 -3.38
N PHE A 34 5.78 5.49 -2.84
CA PHE A 34 4.86 5.62 -1.70
C PHE A 34 5.48 6.48 -0.60
N GLU A 35 6.74 6.22 -0.30
CA GLU A 35 7.45 6.97 0.73
C GLU A 35 7.33 8.47 0.50
N GLU A 36 7.27 8.86 -0.78
CA GLU A 36 7.16 10.27 -1.14
C GLU A 36 5.80 10.83 -0.72
N PHE A 37 4.79 9.97 -0.72
CA PHE A 37 3.44 10.38 -0.35
C PHE A 37 3.23 10.25 1.15
N GLY A 38 3.70 9.15 1.73
CA GLY A 38 3.55 8.94 3.16
C GLY A 38 4.78 8.28 3.76
N LYS A 39 4.92 8.41 5.08
CA LYS A 39 6.05 7.83 5.79
C LYS A 39 5.84 6.34 6.03
N ILE A 40 6.10 5.53 5.02
CA ILE A 40 5.94 4.09 5.12
C ILE A 40 6.50 3.57 6.44
N TYR A 41 5.83 2.58 7.02
CA TYR A 41 6.26 1.99 8.29
C TYR A 41 6.92 0.64 8.06
N GLU A 42 6.42 -0.09 7.06
CA GLU A 42 6.96 -1.42 6.74
C GLU A 42 6.38 -1.94 5.43
N LEU A 43 7.24 -2.08 4.43
CA LEU A 43 6.81 -2.58 3.12
C LEU A 43 7.08 -4.06 2.98
N THR A 44 6.20 -4.76 2.28
CA THR A 44 6.35 -6.20 2.08
C THR A 44 5.74 -6.63 0.74
N VAL A 45 6.58 -7.12 -0.15
CA VAL A 45 6.13 -7.58 -1.46
C VAL A 45 5.91 -9.09 -1.48
N LEU A 46 4.65 -9.48 -1.44
CA LEU A 46 4.29 -10.90 -1.45
C LEU A 46 5.09 -11.65 -2.51
N LYS A 47 6.13 -12.35 -2.06
CA LYS A 47 6.98 -13.12 -2.96
C LYS A 47 7.24 -14.52 -2.41
N ASP A 48 6.61 -15.52 -3.02
CA ASP A 48 6.78 -16.91 -2.60
C ASP A 48 8.22 -17.36 -2.78
N ARG A 49 8.49 -18.60 -2.38
CA ARG A 49 9.83 -19.16 -2.49
C ARG A 49 9.80 -20.51 -3.20
N PHE A 50 8.60 -20.97 -3.54
CA PHE A 50 8.43 -22.24 -4.22
C PHE A 50 8.07 -22.04 -5.70
N THR A 51 6.90 -21.45 -5.93
CA THR A 51 6.44 -21.20 -7.29
C THR A 51 5.90 -19.77 -7.43
N GLY A 52 5.29 -19.27 -6.36
CA GLY A 52 4.73 -17.93 -6.38
C GLY A 52 5.78 -16.87 -6.18
N MET A 53 6.95 -17.06 -6.79
CA MET A 53 8.04 -16.11 -6.66
C MET A 53 7.51 -14.68 -6.59
N HIS A 54 6.49 -14.40 -7.39
CA HIS A 54 5.89 -13.06 -7.43
C HIS A 54 4.40 -13.14 -7.76
N LYS A 55 3.57 -12.68 -6.84
CA LYS A 55 2.12 -12.70 -7.05
C LYS A 55 1.65 -11.40 -7.68
N GLY A 56 2.46 -10.85 -8.59
CA GLY A 56 2.10 -9.62 -9.26
C GLY A 56 1.36 -8.66 -8.35
N CYS A 57 1.90 -8.45 -7.15
CA CYS A 57 1.29 -7.55 -6.18
C CYS A 57 2.22 -7.32 -5.00
N ALA A 58 1.80 -6.45 -4.08
CA ALA A 58 2.59 -6.14 -2.90
C ALA A 58 1.75 -5.47 -1.82
N PHE A 59 2.13 -5.66 -0.57
CA PHE A 59 1.40 -5.08 0.55
C PHE A 59 2.13 -3.86 1.10
N LEU A 60 1.42 -2.73 1.15
CA LEU A 60 2.01 -1.49 1.65
C LEU A 60 1.41 -1.12 3.01
N THR A 61 2.26 -0.73 3.94
CA THR A 61 1.83 -0.35 5.28
C THR A 61 2.26 1.07 5.61
N TYR A 62 1.28 1.95 5.79
CA TYR A 62 1.55 3.35 6.12
C TYR A 62 1.48 3.59 7.62
N CYS A 63 2.09 4.68 8.07
CA CYS A 63 2.09 5.02 9.49
C CYS A 63 0.80 5.73 9.88
N GLU A 64 0.40 6.71 9.08
CA GLU A 64 -0.81 7.48 9.33
C GLU A 64 -1.89 7.14 8.31
N ARG A 65 -3.05 6.73 8.80
CA ARG A 65 -4.17 6.38 7.93
C ARG A 65 -4.41 7.47 6.89
N GLU A 66 -4.65 8.68 7.37
CA GLU A 66 -4.90 9.81 6.48
C GLU A 66 -3.94 9.80 5.29
N SER A 67 -2.65 9.64 5.59
CA SER A 67 -1.63 9.62 4.54
C SER A 67 -1.96 8.56 3.48
N ALA A 68 -2.33 7.37 3.94
CA ALA A 68 -2.67 6.28 3.04
C ALA A 68 -3.74 6.71 2.04
N LEU A 69 -4.79 7.35 2.54
CA LEU A 69 -5.88 7.83 1.68
C LEU A 69 -5.33 8.59 0.48
N LYS A 70 -4.68 9.72 0.76
CA LYS A 70 -4.10 10.55 -0.30
C LYS A 70 -3.48 9.69 -1.39
N ALA A 71 -2.47 8.92 -1.01
CA ALA A 71 -1.78 8.03 -1.95
C ALA A 71 -2.74 7.04 -2.58
N GLN A 72 -3.79 6.69 -1.84
CA GLN A 72 -4.79 5.74 -2.32
C GLN A 72 -5.46 6.25 -3.59
N SER A 73 -6.10 7.40 -3.48
CA SER A 73 -6.78 8.00 -4.62
C SER A 73 -5.80 8.68 -5.56
N ALA A 74 -4.66 9.11 -5.00
CA ALA A 74 -3.63 9.77 -5.79
C ALA A 74 -2.92 8.78 -6.71
N LEU A 75 -3.11 7.48 -6.44
CA LEU A 75 -2.49 6.44 -7.24
C LEU A 75 -3.53 5.61 -7.98
N HIS A 76 -4.59 5.26 -7.27
CA HIS A 76 -5.68 4.46 -7.85
C HIS A 76 -6.06 5.00 -9.21
N GLU A 77 -5.97 4.15 -10.24
CA GLU A 77 -6.31 4.55 -11.60
C GLU A 77 -5.76 5.93 -11.92
N GLN A 78 -4.60 6.25 -11.35
CA GLN A 78 -3.97 7.55 -11.57
C GLN A 78 -2.62 7.39 -12.26
N LYS A 79 -1.85 6.41 -11.82
CA LYS A 79 -0.53 6.15 -12.39
C LYS A 79 -0.52 4.82 -13.14
N THR A 80 0.32 4.73 -14.17
CA THR A 80 0.42 3.52 -14.96
C THR A 80 1.87 3.09 -15.13
N LEU A 81 2.22 1.95 -14.57
CA LEU A 81 3.59 1.43 -14.66
C LEU A 81 3.94 1.05 -16.10
N PRO A 82 5.23 1.14 -16.44
CA PRO A 82 5.72 0.81 -17.78
C PRO A 82 5.64 -0.68 -18.07
N GLY A 83 4.86 -1.05 -19.08
CA GLY A 83 4.72 -2.45 -19.44
C GLY A 83 3.30 -2.96 -19.23
N MET A 84 2.55 -2.29 -18.35
CA MET A 84 1.19 -2.69 -18.06
C MET A 84 0.19 -1.77 -18.76
N ASN A 85 -0.65 -2.33 -19.60
CA ASN A 85 -1.65 -1.56 -20.33
C ASN A 85 -2.58 -0.82 -19.37
N ARG A 86 -2.89 -1.47 -18.24
CA ARG A 86 -3.76 -0.88 -17.24
C ARG A 86 -2.95 -0.22 -16.13
N PRO A 87 -3.55 0.80 -15.49
CA PRO A 87 -2.91 1.53 -14.39
C PRO A 87 -2.74 0.69 -13.13
N ILE A 88 -2.23 1.31 -12.08
CA ILE A 88 -2.02 0.62 -10.82
C ILE A 88 -3.23 0.79 -9.89
N GLN A 89 -3.58 -0.29 -9.19
CA GLN A 89 -4.71 -0.25 -8.28
C GLN A 89 -4.24 -0.30 -6.83
N VAL A 90 -4.79 0.59 -6.00
CA VAL A 90 -4.43 0.66 -4.59
C VAL A 90 -5.66 0.72 -3.71
N LYS A 91 -5.89 -0.34 -2.94
CA LYS A 91 -7.04 -0.40 -2.04
C LYS A 91 -6.66 -1.04 -0.71
N PRO A 92 -7.24 -0.53 0.38
CA PRO A 92 -6.98 -1.03 1.73
C PRO A 92 -7.57 -2.42 1.95
N ALA A 93 -6.70 -3.41 2.15
CA ALA A 93 -7.14 -4.78 2.37
C ALA A 93 -8.32 -4.83 3.33
N ASP A 94 -8.18 -4.15 4.47
CA ASP A 94 -9.24 -4.12 5.47
C ASP A 94 -9.30 -2.76 6.15
N SER A 95 -10.34 -1.99 5.82
CA SER A 95 -10.51 -0.66 6.39
C SER A 95 -11.79 -0.59 7.23
N GLU A 96 -12.02 -1.62 8.02
CA GLU A 96 -13.20 -1.69 8.87
C GLU A 96 -12.88 -1.21 10.29
N SER A 97 -13.29 0.02 10.60
CA SER A 97 -13.03 0.59 11.92
C SER A 97 -13.67 -0.25 13.01
N ARG A 98 -12.88 -0.56 14.04
CA ARG A 98 -13.36 -1.37 15.15
C ARG A 98 -12.96 -0.76 16.48
N GLY A 99 -13.00 0.58 16.57
CA GLY A 99 -12.63 1.26 17.79
C GLY A 99 -13.84 1.67 18.61
N GLY A 100 -14.21 2.95 18.51
CA GLY A 100 -15.35 3.45 19.25
C GLY A 100 -15.19 4.90 19.65
N SER A 101 -16.23 5.70 19.41
CA SER A 101 -16.21 7.11 19.74
C SER A 101 -17.34 7.47 20.69
N GLY A 102 -17.56 6.62 21.68
CA GLY A 102 -18.62 6.86 22.65
C GLY A 102 -18.09 7.08 24.05
N PRO A 103 -18.99 7.43 24.98
CA PRO A 103 -18.63 7.67 26.38
C PRO A 103 -18.23 6.39 27.11
N SER A 104 -16.93 6.14 27.19
CA SER A 104 -16.42 4.95 27.86
C SER A 104 -15.00 5.19 28.38
N SER A 105 -14.57 4.34 29.30
CA SER A 105 -13.24 4.45 29.89
C SER A 105 -12.42 3.20 29.64
N GLY A 106 -11.21 3.38 29.12
CA GLY A 106 -10.34 2.26 28.83
C GLY A 106 -9.01 2.69 28.26
N GLY A 1 13.06 17.44 12.24
CA GLY A 1 13.67 16.13 12.37
C GLY A 1 14.78 15.90 11.35
N SER A 2 16.00 15.76 11.85
CA SER A 2 17.16 15.55 10.99
C SER A 2 17.29 14.08 10.62
N SER A 3 17.28 13.21 11.64
CA SER A 3 17.40 11.78 11.42
C SER A 3 16.03 11.15 11.16
N GLY A 4 16.03 10.03 10.43
CA GLY A 4 14.80 9.35 10.12
C GLY A 4 15.01 8.11 9.27
N SER A 5 15.29 6.99 9.92
CA SER A 5 15.52 5.74 9.21
C SER A 5 14.21 5.12 8.75
N SER A 6 13.22 5.13 9.64
CA SER A 6 11.91 4.57 9.32
C SER A 6 10.80 5.35 10.03
N GLY A 7 9.57 5.16 9.57
CA GLY A 7 8.43 5.87 10.16
C GLY A 7 7.59 4.95 11.02
N MET A 8 7.61 5.20 12.33
CA MET A 8 6.84 4.40 13.28
C MET A 8 5.38 4.81 13.27
N LYS A 9 4.50 3.85 13.52
CA LYS A 9 3.07 4.11 13.55
C LYS A 9 2.68 4.90 14.79
N ASP A 10 1.71 5.80 14.64
CA ASP A 10 1.25 6.62 15.75
C ASP A 10 0.20 5.87 16.57
N HIS A 11 -0.92 5.54 15.93
CA HIS A 11 -2.01 4.83 16.60
C HIS A 11 -2.31 3.51 15.89
N ASP A 12 -2.62 3.60 14.60
CA ASP A 12 -2.93 2.41 13.82
C ASP A 12 -2.42 2.56 12.39
N ALA A 13 -2.34 1.44 11.68
CA ALA A 13 -1.88 1.45 10.29
C ALA A 13 -2.80 0.63 9.40
N ILE A 14 -3.00 1.10 8.16
CA ILE A 14 -3.85 0.41 7.21
C ILE A 14 -3.02 -0.32 6.15
N LYS A 15 -3.13 -1.64 6.12
CA LYS A 15 -2.40 -2.44 5.15
C LYS A 15 -2.98 -2.28 3.76
N LEU A 16 -2.46 -1.31 3.01
CA LEU A 16 -2.93 -1.06 1.65
C LEU A 16 -2.44 -2.13 0.69
N PHE A 17 -3.37 -2.75 -0.03
CA PHE A 17 -3.03 -3.80 -0.98
C PHE A 17 -2.82 -3.22 -2.37
N ILE A 18 -1.71 -3.60 -3.00
CA ILE A 18 -1.39 -3.11 -4.34
C ILE A 18 -1.40 -4.25 -5.36
N GLY A 19 -1.97 -4.00 -6.53
CA GLY A 19 -2.03 -5.01 -7.56
C GLY A 19 -1.58 -4.48 -8.91
N GLN A 20 -1.60 -5.34 -9.92
CA GLN A 20 -1.19 -4.96 -11.27
C GLN A 20 0.26 -4.47 -11.28
N ILE A 21 1.16 -5.30 -10.76
CA ILE A 21 2.57 -4.95 -10.71
C ILE A 21 3.43 -6.05 -11.35
N PRO A 22 4.21 -5.67 -12.35
CA PRO A 22 5.10 -6.60 -13.07
C PRO A 22 6.27 -7.07 -12.20
N ARG A 23 6.81 -8.23 -12.52
CA ARG A 23 7.93 -8.79 -11.77
C ARG A 23 9.25 -8.15 -12.20
N ASN A 24 9.22 -6.83 -12.38
CA ASN A 24 10.41 -6.09 -12.79
C ASN A 24 10.73 -4.97 -11.81
N LEU A 25 9.92 -4.87 -10.76
CA LEU A 25 10.12 -3.84 -9.74
C LEU A 25 10.81 -4.42 -8.50
N ASP A 26 11.26 -3.54 -7.62
CA ASP A 26 11.93 -3.96 -6.39
C ASP A 26 11.51 -3.10 -5.21
N GLU A 27 11.55 -3.67 -4.02
CA GLU A 27 11.16 -2.96 -2.81
C GLU A 27 11.87 -1.61 -2.73
N LYS A 28 13.14 -1.59 -3.15
CA LYS A 28 13.93 -0.37 -3.12
C LYS A 28 13.44 0.62 -4.18
N ASP A 29 12.80 0.09 -5.22
CA ASP A 29 12.29 0.93 -6.31
C ASP A 29 10.83 1.30 -6.06
N LEU A 30 10.18 0.53 -5.20
CA LEU A 30 8.77 0.78 -4.89
C LEU A 30 8.64 1.65 -3.64
N LYS A 31 9.51 1.42 -2.67
CA LYS A 31 9.50 2.19 -1.43
C LYS A 31 9.59 3.68 -1.72
N PRO A 32 10.48 4.05 -2.66
CA PRO A 32 10.69 5.45 -3.04
C PRO A 32 9.38 6.18 -3.33
N LEU A 33 8.66 5.71 -4.34
CA LEU A 33 7.38 6.31 -4.72
C LEU A 33 6.55 6.63 -3.48
N PHE A 34 6.03 5.58 -2.84
CA PHE A 34 5.21 5.74 -1.65
C PHE A 34 5.90 6.66 -0.64
N GLU A 35 7.09 6.25 -0.19
CA GLU A 35 7.85 7.03 0.77
C GLU A 35 7.67 8.52 0.53
N GLU A 36 7.45 8.89 -0.73
CA GLU A 36 7.26 10.29 -1.10
C GLU A 36 5.91 10.81 -0.61
N PHE A 37 4.86 10.06 -0.93
CA PHE A 37 3.50 10.45 -0.53
C PHE A 37 3.31 10.25 0.97
N GLY A 38 3.78 9.11 1.48
CA GLY A 38 3.64 8.82 2.89
C GLY A 38 4.87 8.15 3.47
N LYS A 39 5.06 8.28 4.77
CA LYS A 39 6.21 7.68 5.44
C LYS A 39 5.98 6.20 5.70
N ILE A 40 6.15 5.39 4.67
CA ILE A 40 5.96 3.94 4.78
C ILE A 40 6.44 3.44 6.14
N TYR A 41 5.76 2.42 6.65
CA TYR A 41 6.11 1.84 7.94
C TYR A 41 6.75 0.46 7.76
N GLU A 42 6.26 -0.28 6.78
CA GLU A 42 6.79 -1.62 6.50
C GLU A 42 6.29 -2.13 5.16
N LEU A 43 7.20 -2.28 4.20
CA LEU A 43 6.85 -2.76 2.88
C LEU A 43 7.17 -4.25 2.73
N THR A 44 6.27 -4.98 2.11
CA THR A 44 6.45 -6.42 1.90
C THR A 44 5.85 -6.87 0.58
N VAL A 45 6.69 -7.41 -0.30
CA VAL A 45 6.25 -7.89 -1.60
C VAL A 45 5.57 -9.25 -1.48
N LEU A 46 4.41 -9.38 -2.10
CA LEU A 46 3.66 -10.63 -2.08
C LEU A 46 4.16 -11.59 -3.17
N LYS A 47 4.96 -12.57 -2.77
CA LYS A 47 5.50 -13.54 -3.71
C LYS A 47 5.51 -14.94 -3.11
N ASP A 48 5.21 -15.94 -3.92
CA ASP A 48 5.19 -17.32 -3.46
C ASP A 48 6.58 -17.96 -3.61
N ARG A 49 6.69 -19.22 -3.20
CA ARG A 49 7.94 -19.95 -3.28
C ARG A 49 7.74 -21.32 -3.93
N PHE A 50 6.50 -21.61 -4.29
CA PHE A 50 6.17 -22.89 -4.92
C PHE A 50 5.81 -22.71 -6.38
N THR A 51 4.68 -22.05 -6.64
CA THR A 51 4.22 -21.80 -8.00
C THR A 51 3.89 -20.33 -8.21
N GLY A 52 3.33 -19.70 -7.18
CA GLY A 52 2.97 -18.30 -7.27
C GLY A 52 4.17 -17.37 -7.09
N MET A 53 5.30 -17.77 -7.67
CA MET A 53 6.52 -16.96 -7.57
C MET A 53 6.27 -15.53 -8.02
N HIS A 54 6.12 -14.63 -7.06
CA HIS A 54 5.87 -13.22 -7.35
C HIS A 54 4.54 -13.04 -8.06
N LYS A 55 3.48 -13.54 -7.46
CA LYS A 55 2.14 -13.44 -8.03
C LYS A 55 2.00 -12.16 -8.86
N GLY A 56 2.10 -11.02 -8.19
CA GLY A 56 1.99 -9.74 -8.89
C GLY A 56 1.34 -8.68 -8.02
N CYS A 57 1.64 -8.70 -6.73
CA CYS A 57 1.09 -7.73 -5.80
C CYS A 57 2.03 -7.49 -4.62
N ALA A 58 1.67 -6.55 -3.76
CA ALA A 58 2.49 -6.23 -2.59
C ALA A 58 1.66 -5.56 -1.51
N PHE A 59 2.12 -5.65 -0.27
CA PHE A 59 1.42 -5.05 0.87
C PHE A 59 2.15 -3.82 1.37
N LEU A 60 1.41 -2.75 1.62
CA LEU A 60 1.98 -1.50 2.10
C LEU A 60 1.27 -1.03 3.36
N THR A 61 2.02 -0.89 4.45
CA THR A 61 1.46 -0.44 5.71
C THR A 61 1.84 1.00 6.01
N TYR A 62 0.86 1.89 5.96
CA TYR A 62 1.10 3.32 6.22
C TYR A 62 0.93 3.63 7.71
N CYS A 63 1.85 4.44 8.23
CA CYS A 63 1.80 4.82 9.64
C CYS A 63 0.52 5.56 9.96
N GLU A 64 0.19 6.56 9.13
CA GLU A 64 -1.01 7.35 9.33
C GLU A 64 -2.13 6.89 8.39
N ARG A 65 -3.38 7.07 8.82
CA ARG A 65 -4.53 6.67 8.02
C ARG A 65 -4.78 7.69 6.91
N GLU A 66 -4.95 8.96 7.29
CA GLU A 66 -5.20 10.02 6.33
C GLU A 66 -4.19 9.97 5.19
N SER A 67 -2.90 9.88 5.55
CA SER A 67 -1.85 9.83 4.55
C SER A 67 -2.11 8.74 3.52
N ALA A 68 -2.37 7.53 4.00
CA ALA A 68 -2.65 6.40 3.12
C ALA A 68 -3.66 6.78 2.05
N LEU A 69 -4.73 7.44 2.46
CA LEU A 69 -5.78 7.85 1.52
C LEU A 69 -5.18 8.63 0.35
N LYS A 70 -4.53 9.76 0.66
CA LYS A 70 -3.92 10.58 -0.36
C LYS A 70 -3.28 9.73 -1.45
N ALA A 71 -2.28 8.94 -1.06
CA ALA A 71 -1.58 8.07 -2.00
C ALA A 71 -2.54 7.04 -2.61
N GLN A 72 -3.54 6.65 -1.83
CA GLN A 72 -4.52 5.67 -2.30
C GLN A 72 -5.25 6.17 -3.53
N SER A 73 -5.94 7.31 -3.39
CA SER A 73 -6.68 7.89 -4.50
C SER A 73 -5.74 8.58 -5.48
N ALA A 74 -4.58 9.00 -4.99
CA ALA A 74 -3.59 9.66 -5.82
C ALA A 74 -2.92 8.68 -6.77
N LEU A 75 -2.93 7.40 -6.40
CA LEU A 75 -2.31 6.36 -7.21
C LEU A 75 -3.38 5.51 -7.90
N HIS A 76 -4.41 5.13 -7.15
CA HIS A 76 -5.50 4.33 -7.69
C HIS A 76 -5.99 4.89 -9.03
N GLU A 77 -5.97 4.05 -10.07
CA GLU A 77 -6.40 4.47 -11.40
C GLU A 77 -5.84 5.85 -11.74
N GLN A 78 -4.64 6.12 -11.25
CA GLN A 78 -3.98 7.40 -11.52
C GLN A 78 -2.64 7.19 -12.21
N LYS A 79 -1.84 6.27 -11.69
CA LYS A 79 -0.54 5.98 -12.26
C LYS A 79 -0.56 4.66 -13.04
N THR A 80 0.31 4.56 -14.03
CA THR A 80 0.38 3.36 -14.86
C THR A 80 1.82 2.88 -15.01
N LEU A 81 2.23 1.98 -14.12
CA LEU A 81 3.58 1.45 -14.15
C LEU A 81 4.03 1.15 -15.58
N PRO A 82 5.34 1.25 -15.83
CA PRO A 82 5.92 0.99 -17.16
C PRO A 82 5.85 -0.47 -17.55
N GLY A 83 5.14 -0.76 -18.63
CA GLY A 83 5.01 -2.13 -19.10
C GLY A 83 3.72 -2.77 -18.64
N MET A 84 2.69 -1.96 -18.43
CA MET A 84 1.39 -2.46 -17.99
C MET A 84 0.27 -1.73 -18.70
N ASN A 85 -0.47 -2.44 -19.54
CA ASN A 85 -1.58 -1.87 -20.28
C ASN A 85 -2.55 -1.15 -19.34
N ARG A 86 -2.77 -1.75 -18.18
CA ARG A 86 -3.68 -1.18 -17.19
C ARG A 86 -2.90 -0.44 -16.10
N PRO A 87 -3.55 0.53 -15.45
CA PRO A 87 -2.95 1.32 -14.38
C PRO A 87 -2.70 0.50 -13.12
N ILE A 88 -2.29 1.17 -12.04
CA ILE A 88 -2.02 0.50 -10.78
C ILE A 88 -3.21 0.62 -9.84
N GLN A 89 -3.63 -0.51 -9.27
CA GLN A 89 -4.75 -0.53 -8.35
C GLN A 89 -4.28 -0.47 -6.90
N VAL A 90 -4.97 0.31 -6.08
CA VAL A 90 -4.61 0.45 -4.68
C VAL A 90 -5.86 0.57 -3.80
N LYS A 91 -5.97 -0.30 -2.81
CA LYS A 91 -7.11 -0.30 -1.90
C LYS A 91 -6.76 -0.95 -0.57
N PRO A 92 -7.45 -0.54 0.50
CA PRO A 92 -7.22 -1.07 1.84
C PRO A 92 -7.69 -2.52 1.97
N ALA A 93 -6.73 -3.45 1.98
CA ALA A 93 -7.05 -4.87 2.10
C ALA A 93 -8.26 -5.09 3.00
N ASP A 94 -8.28 -4.41 4.13
CA ASP A 94 -9.39 -4.52 5.08
C ASP A 94 -9.83 -3.15 5.58
N SER A 95 -11.12 -3.02 5.87
CA SER A 95 -11.66 -1.76 6.35
C SER A 95 -13.13 -1.90 6.73
N GLU A 96 -13.71 -0.84 7.28
CA GLU A 96 -15.11 -0.86 7.69
C GLU A 96 -15.98 -0.12 6.69
N SER A 97 -17.19 -0.63 6.47
CA SER A 97 -18.12 -0.02 5.52
C SER A 97 -19.46 0.26 6.19
N ARG A 98 -20.05 -0.78 6.77
CA ARG A 98 -21.34 -0.65 7.45
C ARG A 98 -21.27 0.39 8.57
N GLY A 99 -22.33 1.17 8.71
CA GLY A 99 -22.37 2.19 9.74
C GLY A 99 -23.71 2.23 10.45
N GLY A 100 -23.67 2.28 11.78
CA GLY A 100 -24.89 2.33 12.56
C GLY A 100 -25.41 3.75 12.75
N SER A 101 -25.85 4.36 11.66
CA SER A 101 -26.36 5.73 11.70
C SER A 101 -27.50 5.84 12.71
N GLY A 102 -28.48 4.95 12.60
CA GLY A 102 -29.61 4.97 13.51
C GLY A 102 -30.91 5.34 12.81
N PRO A 103 -32.02 4.75 13.27
CA PRO A 103 -33.34 5.01 12.69
C PRO A 103 -33.85 6.42 13.00
N SER A 104 -34.55 7.01 12.04
CA SER A 104 -35.09 8.36 12.21
C SER A 104 -36.34 8.35 13.08
N SER A 105 -36.33 9.14 14.14
CA SER A 105 -37.46 9.22 15.05
C SER A 105 -37.90 10.67 15.24
N GLY A 106 -39.18 10.93 15.00
CA GLY A 106 -39.71 12.27 15.15
C GLY A 106 -41.22 12.30 15.15
N GLY A 1 20.05 -3.77 16.30
CA GLY A 1 20.28 -2.35 16.52
C GLY A 1 19.19 -1.48 15.93
N SER A 2 19.10 -0.24 16.42
CA SER A 2 18.08 0.68 15.94
C SER A 2 18.72 1.86 15.22
N SER A 3 19.73 1.59 14.41
CA SER A 3 20.44 2.62 13.68
C SER A 3 19.47 3.44 12.83
N GLY A 4 18.56 2.76 12.15
CA GLY A 4 17.58 3.43 11.31
C GLY A 4 16.47 4.08 12.12
N SER A 5 15.65 4.86 11.45
CA SER A 5 14.54 5.56 12.11
C SER A 5 13.24 4.77 11.98
N SER A 6 13.06 3.79 12.86
CA SER A 6 11.86 2.96 12.84
C SER A 6 10.62 3.79 12.52
N GLY A 7 9.64 3.17 11.88
CA GLY A 7 8.42 3.87 11.53
C GLY A 7 7.60 4.24 12.74
N MET A 8 7.54 3.34 13.72
CA MET A 8 6.78 3.58 14.94
C MET A 8 5.31 3.82 14.63
N LYS A 9 4.74 2.98 13.77
CA LYS A 9 3.34 3.10 13.39
C LYS A 9 2.45 3.18 14.62
N ASP A 10 1.46 4.07 14.56
CA ASP A 10 0.52 4.25 15.68
C ASP A 10 -0.26 2.97 15.93
N HIS A 11 -0.99 2.94 17.05
CA HIS A 11 -1.79 1.78 17.40
C HIS A 11 -2.51 1.21 16.18
N ASP A 12 -3.10 2.09 15.38
CA ASP A 12 -3.82 1.67 14.18
C ASP A 12 -2.88 1.65 12.98
N ALA A 13 -3.23 0.85 11.98
CA ALA A 13 -2.43 0.74 10.77
C ALA A 13 -3.21 0.05 9.65
N ILE A 14 -3.28 0.71 8.49
CA ILE A 14 -3.99 0.16 7.35
C ILE A 14 -3.02 -0.39 6.32
N LYS A 15 -3.20 -1.67 5.96
CA LYS A 15 -2.35 -2.31 4.98
C LYS A 15 -2.89 -2.12 3.57
N LEU A 16 -2.33 -1.18 2.84
CA LEU A 16 -2.75 -0.88 1.48
C LEU A 16 -2.27 -1.98 0.52
N PHE A 17 -3.23 -2.64 -0.13
CA PHE A 17 -2.91 -3.71 -1.07
C PHE A 17 -2.77 -3.16 -2.49
N ILE A 18 -1.62 -3.42 -3.11
CA ILE A 18 -1.35 -2.94 -4.45
C ILE A 18 -1.38 -4.10 -5.46
N GLY A 19 -2.01 -3.87 -6.60
CA GLY A 19 -2.09 -4.89 -7.63
C GLY A 19 -1.66 -4.39 -8.99
N GLN A 20 -1.64 -5.29 -9.96
CA GLN A 20 -1.25 -4.93 -11.33
C GLN A 20 0.20 -4.44 -11.36
N ILE A 21 1.10 -5.24 -10.80
CA ILE A 21 2.52 -4.89 -10.76
C ILE A 21 3.38 -6.01 -11.32
N PRO A 22 4.22 -5.67 -12.32
CA PRO A 22 5.12 -6.64 -12.95
C PRO A 22 6.23 -7.10 -12.03
N ARG A 23 6.75 -8.31 -12.28
CA ARG A 23 7.82 -8.86 -11.46
C ARG A 23 9.18 -8.30 -11.89
N ASN A 24 9.21 -7.00 -12.17
CA ASN A 24 10.44 -6.34 -12.59
C ASN A 24 10.79 -5.19 -11.65
N LEU A 25 9.97 -5.00 -10.62
CA LEU A 25 10.19 -3.94 -9.65
C LEU A 25 10.85 -4.47 -8.39
N ASP A 26 11.27 -3.56 -7.52
CA ASP A 26 11.92 -3.95 -6.27
C ASP A 26 11.47 -3.05 -5.12
N GLU A 27 11.49 -3.59 -3.90
CA GLU A 27 11.07 -2.84 -2.73
C GLU A 27 11.84 -1.52 -2.63
N LYS A 28 13.09 -1.53 -3.06
CA LYS A 28 13.93 -0.34 -3.03
C LYS A 28 13.47 0.68 -4.06
N ASP A 29 12.73 0.20 -5.06
CA ASP A 29 12.23 1.08 -6.12
C ASP A 29 10.75 1.39 -5.91
N LEU A 30 10.09 0.57 -5.09
CA LEU A 30 8.67 0.76 -4.80
C LEU A 30 8.47 1.59 -3.54
N LYS A 31 9.26 1.30 -2.52
CA LYS A 31 9.18 2.02 -1.25
C LYS A 31 9.34 3.52 -1.47
N PRO A 32 10.30 3.90 -2.32
CA PRO A 32 10.58 5.31 -2.64
C PRO A 32 9.31 6.08 -2.98
N LEU A 33 8.64 5.68 -4.06
CA LEU A 33 7.41 6.33 -4.49
C LEU A 33 6.52 6.65 -3.30
N PHE A 34 5.92 5.61 -2.72
CA PHE A 34 5.03 5.78 -1.57
C PHE A 34 5.69 6.64 -0.51
N GLU A 35 6.90 6.27 -0.12
CA GLU A 35 7.65 7.01 0.90
C GLU A 35 7.44 8.52 0.73
N GLU A 36 7.21 8.94 -0.51
CA GLU A 36 7.00 10.36 -0.80
C GLU A 36 5.65 10.82 -0.28
N PHE A 37 4.61 10.08 -0.61
CA PHE A 37 3.26 10.42 -0.16
C PHE A 37 3.09 10.16 1.33
N GLY A 38 3.60 9.03 1.80
CA GLY A 38 3.50 8.69 3.20
C GLY A 38 4.76 8.04 3.74
N LYS A 39 5.00 8.18 5.04
CA LYS A 39 6.17 7.60 5.67
C LYS A 39 5.98 6.12 5.95
N ILE A 40 6.13 5.31 4.91
CA ILE A 40 5.97 3.86 5.05
C ILE A 40 6.57 3.37 6.36
N TYR A 41 5.99 2.29 6.90
CA TYR A 41 6.46 1.72 8.15
C TYR A 41 7.08 0.34 7.92
N GLU A 42 6.51 -0.41 6.98
CA GLU A 42 6.99 -1.74 6.66
C GLU A 42 6.46 -2.20 5.31
N LEU A 43 7.37 -2.35 4.35
CA LEU A 43 6.99 -2.78 3.00
C LEU A 43 7.30 -4.27 2.80
N THR A 44 6.38 -4.99 2.18
CA THR A 44 6.56 -6.41 1.92
C THR A 44 5.94 -6.82 0.60
N VAL A 45 6.77 -7.37 -0.29
CA VAL A 45 6.30 -7.80 -1.60
C VAL A 45 5.97 -9.29 -1.61
N LEU A 46 4.68 -9.60 -1.69
CA LEU A 46 4.22 -10.98 -1.69
C LEU A 46 4.93 -11.79 -2.79
N LYS A 47 5.88 -12.61 -2.38
CA LYS A 47 6.64 -13.44 -3.32
C LYS A 47 6.87 -14.83 -2.76
N ASP A 48 6.51 -15.85 -3.54
CA ASP A 48 6.69 -17.24 -3.12
C ASP A 48 8.16 -17.63 -3.16
N ARG A 49 8.44 -18.89 -2.81
CA ARG A 49 9.80 -19.39 -2.80
C ARG A 49 9.89 -20.75 -3.49
N PHE A 50 8.76 -21.20 -4.02
CA PHE A 50 8.71 -22.49 -4.70
C PHE A 50 8.39 -22.31 -6.18
N THR A 51 7.19 -21.78 -6.46
CA THR A 51 6.76 -21.55 -7.83
C THR A 51 6.18 -20.15 -8.00
N GLY A 52 5.58 -19.64 -6.94
CA GLY A 52 4.99 -18.30 -6.99
C GLY A 52 6.03 -17.21 -6.82
N MET A 53 7.19 -17.40 -7.43
CA MET A 53 8.27 -16.42 -7.34
C MET A 53 7.71 -15.00 -7.27
N HIS A 54 6.71 -14.71 -8.10
CA HIS A 54 6.10 -13.39 -8.13
C HIS A 54 4.62 -13.50 -8.50
N LYS A 55 3.75 -13.29 -7.52
CA LYS A 55 2.31 -13.36 -7.74
C LYS A 55 1.85 -12.20 -8.62
N GLY A 56 2.11 -10.98 -8.18
CA GLY A 56 1.70 -9.81 -8.93
C GLY A 56 1.07 -8.74 -8.07
N CYS A 57 1.63 -8.54 -6.87
CA CYS A 57 1.11 -7.55 -5.95
C CYS A 57 2.07 -7.33 -4.78
N ALA A 58 1.77 -6.35 -3.94
CA ALA A 58 2.61 -6.04 -2.79
C ALA A 58 1.78 -5.46 -1.65
N PHE A 59 2.26 -5.65 -0.42
CA PHE A 59 1.57 -5.14 0.76
C PHE A 59 2.27 -3.90 1.30
N LEU A 60 1.50 -2.83 1.47
CA LEU A 60 2.04 -1.58 1.98
C LEU A 60 1.43 -1.23 3.34
N THR A 61 2.22 -0.57 4.19
CA THR A 61 1.75 -0.20 5.52
C THR A 61 2.09 1.26 5.82
N TYR A 62 1.08 2.11 5.82
CA TYR A 62 1.27 3.53 6.09
C TYR A 62 1.12 3.83 7.58
N CYS A 63 2.10 4.51 8.14
CA CYS A 63 2.08 4.85 9.56
C CYS A 63 0.74 5.50 9.94
N GLU A 64 0.31 6.47 9.12
CA GLU A 64 -0.94 7.16 9.38
C GLU A 64 -2.04 6.64 8.47
N ARG A 65 -3.29 6.90 8.85
CA ARG A 65 -4.44 6.46 8.08
C ARG A 65 -4.77 7.46 6.96
N GLU A 66 -5.00 8.71 7.35
CA GLU A 66 -5.32 9.75 6.39
C GLU A 66 -4.31 9.77 5.24
N SER A 67 -3.03 9.72 5.58
CA SER A 67 -1.97 9.74 4.58
C SER A 67 -2.20 8.66 3.53
N ALA A 68 -2.75 7.52 3.97
CA ALA A 68 -3.02 6.41 3.07
C ALA A 68 -4.05 6.79 2.02
N LEU A 69 -4.99 7.65 2.40
CA LEU A 69 -6.04 8.09 1.49
C LEU A 69 -5.44 8.84 0.30
N LYS A 70 -4.55 9.79 0.58
CA LYS A 70 -3.91 10.57 -0.46
C LYS A 70 -3.27 9.66 -1.51
N ALA A 71 -2.38 8.78 -1.04
CA ALA A 71 -1.71 7.85 -1.94
C ALA A 71 -2.71 6.94 -2.66
N GLN A 72 -3.80 6.62 -1.97
CA GLN A 72 -4.83 5.77 -2.55
C GLN A 72 -5.43 6.40 -3.80
N SER A 73 -5.98 7.59 -3.65
CA SER A 73 -6.59 8.29 -4.77
C SER A 73 -5.52 8.91 -5.67
N ALA A 74 -4.35 9.12 -5.11
CA ALA A 74 -3.23 9.70 -5.86
C ALA A 74 -2.57 8.66 -6.76
N LEU A 75 -2.78 7.40 -6.43
CA LEU A 75 -2.20 6.30 -7.22
C LEU A 75 -3.29 5.55 -7.99
N HIS A 76 -4.35 5.17 -7.28
CA HIS A 76 -5.45 4.45 -7.89
C HIS A 76 -5.86 5.10 -9.22
N GLU A 77 -5.90 4.30 -10.28
CA GLU A 77 -6.27 4.80 -11.60
C GLU A 77 -5.68 6.18 -11.84
N GLN A 78 -4.45 6.39 -11.37
CA GLN A 78 -3.77 7.68 -11.54
C GLN A 78 -2.48 7.51 -12.32
N LYS A 79 -1.71 6.49 -11.97
CA LYS A 79 -0.44 6.22 -12.64
C LYS A 79 -0.44 4.83 -13.29
N THR A 80 0.27 4.70 -14.40
CA THR A 80 0.33 3.44 -15.11
C THR A 80 1.78 3.01 -15.33
N LEU A 81 2.18 1.95 -14.63
CA LEU A 81 3.55 1.43 -14.75
C LEU A 81 3.85 0.99 -16.18
N PRO A 82 5.13 1.10 -16.57
CA PRO A 82 5.57 0.71 -17.92
C PRO A 82 5.53 -0.80 -18.13
N GLY A 83 4.75 -1.22 -19.10
CA GLY A 83 4.63 -2.64 -19.40
C GLY A 83 3.22 -3.17 -19.16
N MET A 84 2.48 -2.49 -18.30
CA MET A 84 1.12 -2.90 -17.99
C MET A 84 0.10 -2.02 -18.71
N ASN A 85 -0.70 -2.62 -19.59
CA ASN A 85 -1.71 -1.89 -20.34
C ASN A 85 -2.66 -1.16 -19.40
N ARG A 86 -2.90 -1.74 -18.23
CA ARG A 86 -3.80 -1.14 -17.25
C ARG A 86 -3.00 -0.43 -16.15
N PRO A 87 -3.64 0.57 -15.52
CA PRO A 87 -3.02 1.35 -14.45
C PRO A 87 -2.80 0.53 -13.18
N ILE A 88 -2.27 1.17 -12.16
CA ILE A 88 -2.02 0.50 -10.88
C ILE A 88 -3.21 0.66 -9.94
N GLN A 89 -3.58 -0.43 -9.27
CA GLN A 89 -4.70 -0.40 -8.33
C GLN A 89 -4.20 -0.32 -6.90
N VAL A 90 -4.91 0.45 -6.07
CA VAL A 90 -4.53 0.61 -4.67
C VAL A 90 -5.77 0.70 -3.79
N LYS A 91 -5.89 -0.23 -2.85
CA LYS A 91 -7.03 -0.26 -1.94
C LYS A 91 -6.64 -0.90 -0.61
N PRO A 92 -7.34 -0.51 0.47
CA PRO A 92 -7.09 -1.03 1.81
C PRO A 92 -7.50 -2.49 1.95
N ALA A 93 -6.53 -3.35 2.27
CA ALA A 93 -6.80 -4.77 2.43
C ALA A 93 -7.60 -5.04 3.69
N ASP A 94 -8.92 -4.84 3.60
CA ASP A 94 -9.80 -5.07 4.73
C ASP A 94 -11.19 -5.50 4.27
N SER A 95 -11.76 -6.48 4.95
CA SER A 95 -13.08 -6.99 4.60
C SER A 95 -13.83 -7.45 5.85
N GLU A 96 -15.10 -7.09 5.93
CA GLU A 96 -15.93 -7.46 7.07
C GLU A 96 -17.34 -7.86 6.61
N SER A 97 -17.69 -9.12 6.86
CA SER A 97 -19.00 -9.64 6.46
C SER A 97 -20.05 -9.27 7.50
N ARG A 98 -20.02 -8.02 7.95
CA ARG A 98 -20.98 -7.54 8.94
C ARG A 98 -22.08 -6.71 8.29
N GLY A 99 -23.07 -7.39 7.72
CA GLY A 99 -24.16 -6.71 7.06
C GLY A 99 -23.72 -5.46 6.34
N GLY A 100 -24.29 -4.32 6.70
CA GLY A 100 -23.93 -3.07 6.06
C GLY A 100 -24.94 -1.97 6.33
N SER A 101 -24.58 -1.02 7.19
CA SER A 101 -25.47 0.08 7.53
C SER A 101 -24.99 1.38 6.89
N GLY A 102 -23.75 1.76 7.18
CA GLY A 102 -23.19 2.98 6.63
C GLY A 102 -21.88 3.37 7.28
N PRO A 103 -20.76 2.88 6.71
CA PRO A 103 -19.42 3.16 7.23
C PRO A 103 -19.01 4.61 7.01
N SER A 104 -19.91 5.40 6.43
CA SER A 104 -19.64 6.80 6.17
C SER A 104 -18.79 7.41 7.27
N SER A 105 -19.19 7.18 8.52
CA SER A 105 -18.46 7.71 9.67
C SER A 105 -18.19 6.61 10.69
N GLY A 106 -16.94 6.55 11.15
CA GLY A 106 -16.56 5.54 12.12
C GLY A 106 -16.52 6.08 13.54
N GLY A 1 13.94 20.10 18.35
CA GLY A 1 14.40 20.64 17.08
C GLY A 1 13.84 19.89 15.90
N SER A 2 14.57 19.91 14.78
CA SER A 2 14.14 19.22 13.57
C SER A 2 13.75 17.77 13.87
N SER A 3 14.59 17.08 14.63
CA SER A 3 14.34 15.69 14.99
C SER A 3 13.46 15.61 16.23
N GLY A 4 12.73 14.51 16.35
CA GLY A 4 11.86 14.32 17.49
C GLY A 4 10.47 13.84 17.10
N SER A 5 9.94 14.42 16.03
CA SER A 5 8.62 14.05 15.54
C SER A 5 8.58 12.59 15.10
N SER A 6 9.51 12.22 14.24
CA SER A 6 9.60 10.85 13.74
C SER A 6 9.88 9.87 14.86
N GLY A 7 9.20 8.73 14.83
CA GLY A 7 9.38 7.72 15.85
C GLY A 7 8.60 6.45 15.57
N MET A 8 7.39 6.37 16.10
CA MET A 8 6.54 5.19 15.90
C MET A 8 5.44 5.49 14.89
N LYS A 9 4.67 4.46 14.54
CA LYS A 9 3.58 4.61 13.58
C LYS A 9 2.28 4.06 14.15
N ASP A 10 1.17 4.70 13.80
CA ASP A 10 -0.15 4.27 14.27
C ASP A 10 -0.20 2.76 14.43
N HIS A 11 -0.24 2.30 15.67
CA HIS A 11 -0.30 0.87 15.96
C HIS A 11 -1.20 0.15 14.95
N ASP A 12 -2.41 0.67 14.78
CA ASP A 12 -3.36 0.08 13.85
C ASP A 12 -3.26 0.73 12.48
N ALA A 13 -2.21 0.38 11.75
CA ALA A 13 -1.99 0.92 10.41
C ALA A 13 -2.87 0.23 9.38
N ILE A 14 -2.91 0.78 8.17
CA ILE A 14 -3.71 0.20 7.09
C ILE A 14 -2.84 -0.55 6.10
N LYS A 15 -3.26 -1.77 5.77
CA LYS A 15 -2.52 -2.60 4.82
C LYS A 15 -3.01 -2.36 3.39
N LEU A 16 -2.39 -1.39 2.73
CA LEU A 16 -2.77 -1.07 1.35
C LEU A 16 -2.26 -2.13 0.39
N PHE A 17 -3.18 -2.73 -0.36
CA PHE A 17 -2.83 -3.78 -1.32
C PHE A 17 -2.63 -3.18 -2.71
N ILE A 18 -1.55 -3.58 -3.37
CA ILE A 18 -1.25 -3.09 -4.72
C ILE A 18 -1.24 -4.23 -5.73
N GLY A 19 -2.03 -4.08 -6.78
CA GLY A 19 -2.10 -5.10 -7.82
C GLY A 19 -1.55 -4.63 -9.14
N GLN A 20 -1.63 -5.48 -10.16
CA GLN A 20 -1.13 -5.14 -11.48
C GLN A 20 0.33 -4.71 -11.42
N ILE A 21 1.16 -5.54 -10.80
CA ILE A 21 2.59 -5.24 -10.68
C ILE A 21 3.43 -6.33 -11.33
N PRO A 22 4.22 -5.95 -12.35
CA PRO A 22 5.09 -6.87 -13.07
C PRO A 22 6.27 -7.35 -12.22
N ARG A 23 6.81 -8.50 -12.57
CA ARG A 23 7.94 -9.07 -11.84
C ARG A 23 9.25 -8.41 -12.27
N ASN A 24 9.21 -7.09 -12.45
CA ASN A 24 10.39 -6.34 -12.85
C ASN A 24 10.66 -5.19 -11.89
N LEU A 25 9.87 -5.11 -10.83
CA LEU A 25 10.03 -4.06 -9.83
C LEU A 25 10.78 -4.58 -8.60
N ASP A 26 10.97 -3.69 -7.63
CA ASP A 26 11.67 -4.06 -6.40
C ASP A 26 11.02 -3.41 -5.19
N GLU A 27 11.37 -3.89 -4.00
CA GLU A 27 10.82 -3.35 -2.76
C GLU A 27 11.36 -1.96 -2.49
N LYS A 28 12.64 -1.75 -2.79
CA LYS A 28 13.28 -0.46 -2.58
C LYS A 28 12.95 0.50 -3.71
N ASP A 29 12.42 -0.03 -4.81
CA ASP A 29 12.05 0.78 -5.96
C ASP A 29 10.60 1.23 -5.88
N LEU A 30 9.82 0.52 -5.07
CA LEU A 30 8.40 0.84 -4.90
C LEU A 30 8.18 1.66 -3.63
N LYS A 31 9.00 1.40 -2.62
CA LYS A 31 8.90 2.11 -1.35
C LYS A 31 9.06 3.62 -1.56
N PRO A 32 10.03 4.00 -2.40
CA PRO A 32 10.30 5.41 -2.70
C PRO A 32 9.04 6.19 -3.04
N LEU A 33 8.38 5.80 -4.13
CA LEU A 33 7.16 6.46 -4.56
C LEU A 33 6.23 6.72 -3.37
N PHE A 34 5.63 5.65 -2.85
CA PHE A 34 4.72 5.76 -1.73
C PHE A 34 5.35 6.58 -0.60
N GLU A 35 6.65 6.38 -0.39
CA GLU A 35 7.37 7.10 0.66
C GLU A 35 7.29 8.60 0.43
N GLU A 36 7.28 9.01 -0.84
CA GLU A 36 7.21 10.43 -1.18
C GLU A 36 5.86 11.02 -0.76
N PHE A 37 4.84 10.18 -0.70
CA PHE A 37 3.50 10.62 -0.31
C PHE A 37 3.30 10.49 1.19
N GLY A 38 3.74 9.37 1.76
CA GLY A 38 3.60 9.14 3.18
C GLY A 38 4.82 8.48 3.78
N LYS A 39 4.95 8.57 5.11
CA LYS A 39 6.07 7.97 5.81
C LYS A 39 5.87 6.48 6.01
N ILE A 40 6.05 5.71 4.93
CA ILE A 40 5.89 4.27 5.00
C ILE A 40 6.41 3.71 6.31
N TYR A 41 5.81 2.62 6.77
CA TYR A 41 6.22 1.98 8.01
C TYR A 41 6.97 0.68 7.74
N GLU A 42 6.44 -0.13 6.85
CA GLU A 42 7.06 -1.41 6.50
C GLU A 42 6.46 -1.97 5.21
N LEU A 43 7.26 -2.02 4.16
CA LEU A 43 6.81 -2.55 2.87
C LEU A 43 7.17 -4.02 2.72
N THR A 44 6.37 -4.75 1.96
CA THR A 44 6.61 -6.17 1.74
C THR A 44 5.96 -6.64 0.43
N VAL A 45 6.79 -7.08 -0.51
CA VAL A 45 6.29 -7.55 -1.79
C VAL A 45 5.81 -9.00 -1.69
N LEU A 46 4.59 -9.24 -2.15
CA LEU A 46 4.00 -10.58 -2.12
C LEU A 46 4.59 -11.46 -3.22
N LYS A 47 5.56 -12.29 -2.86
CA LYS A 47 6.20 -13.18 -3.82
C LYS A 47 6.42 -14.56 -3.22
N ASP A 48 5.67 -15.55 -3.69
CA ASP A 48 5.80 -16.92 -3.19
C ASP A 48 7.25 -17.36 -3.19
N ARG A 49 7.49 -18.58 -2.74
CA ARG A 49 8.85 -19.14 -2.68
C ARG A 49 8.91 -20.50 -3.34
N PHE A 50 7.76 -20.96 -3.85
CA PHE A 50 7.69 -22.26 -4.51
C PHE A 50 7.45 -22.10 -6.01
N THR A 51 6.24 -21.66 -6.36
CA THR A 51 5.88 -21.47 -7.76
C THR A 51 5.27 -20.09 -7.97
N GLY A 52 4.64 -19.55 -6.93
CA GLY A 52 4.03 -18.24 -7.03
C GLY A 52 5.03 -17.12 -6.87
N MET A 53 6.25 -17.33 -7.35
CA MET A 53 7.30 -16.34 -7.27
C MET A 53 6.83 -15.00 -7.84
N HIS A 54 6.48 -14.07 -6.95
CA HIS A 54 6.02 -12.76 -7.36
C HIS A 54 4.60 -12.83 -7.93
N LYS A 55 3.68 -13.37 -7.14
CA LYS A 55 2.29 -13.50 -7.54
C LYS A 55 1.88 -12.37 -8.47
N GLY A 56 1.98 -11.13 -7.97
CA GLY A 56 1.62 -9.97 -8.76
C GLY A 56 1.01 -8.86 -7.93
N CYS A 57 1.52 -8.69 -6.71
CA CYS A 57 1.03 -7.66 -5.81
C CYS A 57 2.02 -7.40 -4.68
N ALA A 58 1.71 -6.40 -3.86
CA ALA A 58 2.58 -6.05 -2.74
C ALA A 58 1.80 -5.34 -1.64
N PHE A 59 2.16 -5.60 -0.39
CA PHE A 59 1.49 -4.99 0.75
C PHE A 59 2.30 -3.81 1.29
N LEU A 60 1.62 -2.69 1.52
CA LEU A 60 2.26 -1.50 2.05
C LEU A 60 1.59 -1.01 3.32
N THR A 61 2.35 -0.33 4.17
CA THR A 61 1.82 0.18 5.42
C THR A 61 2.23 1.64 5.64
N TYR A 62 1.24 2.50 5.85
CA TYR A 62 1.50 3.92 6.07
C TYR A 62 1.46 4.26 7.56
N CYS A 63 2.36 5.14 7.98
CA CYS A 63 2.44 5.55 9.37
C CYS A 63 1.05 5.82 9.94
N GLU A 64 0.30 6.68 9.25
CA GLU A 64 -1.05 7.02 9.69
C GLU A 64 -2.10 6.51 8.70
N ARG A 65 -3.31 6.30 9.19
CA ARG A 65 -4.40 5.81 8.36
C ARG A 65 -4.75 6.82 7.27
N GLU A 66 -5.20 8.00 7.69
CA GLU A 66 -5.57 9.05 6.75
C GLU A 66 -4.55 9.16 5.62
N SER A 67 -3.29 9.38 5.99
CA SER A 67 -2.22 9.51 5.00
C SER A 67 -2.40 8.50 3.87
N ALA A 68 -2.42 7.22 4.23
CA ALA A 68 -2.58 6.16 3.24
C ALA A 68 -3.61 6.54 2.19
N LEU A 69 -4.78 6.97 2.64
CA LEU A 69 -5.85 7.37 1.74
C LEU A 69 -5.32 8.29 0.63
N LYS A 70 -4.67 9.38 1.03
CA LYS A 70 -4.11 10.33 0.09
C LYS A 70 -3.45 9.62 -1.08
N ALA A 71 -2.32 8.99 -0.79
CA ALA A 71 -1.57 8.25 -1.82
C ALA A 71 -2.47 7.25 -2.54
N GLN A 72 -3.47 6.75 -1.83
CA GLN A 72 -4.40 5.78 -2.40
C GLN A 72 -5.13 6.37 -3.61
N SER A 73 -5.77 7.51 -3.41
CA SER A 73 -6.51 8.17 -4.48
C SER A 73 -5.56 8.91 -5.42
N ALA A 74 -4.41 9.34 -4.88
CA ALA A 74 -3.42 10.06 -5.67
C ALA A 74 -2.67 9.10 -6.60
N LEU A 75 -2.81 7.80 -6.34
CA LEU A 75 -2.14 6.79 -7.14
C LEU A 75 -3.16 5.98 -7.94
N HIS A 76 -4.20 5.51 -7.25
CA HIS A 76 -5.25 4.72 -7.89
C HIS A 76 -5.66 5.33 -9.23
N GLU A 77 -5.73 4.49 -10.26
CA GLU A 77 -6.11 4.96 -11.59
C GLU A 77 -5.47 6.31 -11.90
N GLN A 78 -4.25 6.50 -11.42
CA GLN A 78 -3.52 7.75 -11.64
C GLN A 78 -2.21 7.49 -12.37
N LYS A 79 -1.51 6.43 -11.97
CA LYS A 79 -0.24 6.08 -12.58
C LYS A 79 -0.32 4.72 -13.26
N THR A 80 0.45 4.56 -14.33
CA THR A 80 0.47 3.31 -15.08
C THR A 80 1.87 2.71 -15.12
N LEU A 81 2.11 1.71 -14.27
CA LEU A 81 3.40 1.05 -14.20
C LEU A 81 3.89 0.68 -15.60
N PRO A 82 5.23 0.61 -15.75
CA PRO A 82 5.86 0.28 -17.03
C PRO A 82 5.64 -1.18 -17.42
N GLY A 83 5.10 -1.39 -18.62
CA GLY A 83 4.84 -2.75 -19.08
C GLY A 83 3.50 -3.28 -18.63
N MET A 84 2.53 -2.37 -18.45
CA MET A 84 1.19 -2.75 -18.02
C MET A 84 0.13 -1.95 -18.76
N ASN A 85 -0.68 -2.65 -19.56
CA ASN A 85 -1.74 -2.00 -20.33
C ASN A 85 -2.66 -1.20 -19.41
N ARG A 86 -2.93 -1.74 -18.23
CA ARG A 86 -3.80 -1.07 -17.27
C ARG A 86 -2.98 -0.36 -16.19
N PRO A 87 -3.60 0.62 -15.53
CA PRO A 87 -2.95 1.40 -14.47
C PRO A 87 -2.69 0.57 -13.21
N ILE A 88 -2.21 1.22 -12.17
CA ILE A 88 -1.93 0.54 -10.90
C ILE A 88 -3.11 0.64 -9.96
N GLN A 89 -3.46 -0.49 -9.34
CA GLN A 89 -4.58 -0.53 -8.40
C GLN A 89 -4.09 -0.44 -6.96
N VAL A 90 -4.68 0.47 -6.19
CA VAL A 90 -4.31 0.65 -4.80
C VAL A 90 -5.54 0.80 -3.91
N LYS A 91 -5.76 -0.19 -3.05
CA LYS A 91 -6.89 -0.17 -2.14
C LYS A 91 -6.54 -0.83 -0.80
N PRO A 92 -7.23 -0.41 0.27
CA PRO A 92 -7.01 -0.94 1.60
C PRO A 92 -7.48 -2.38 1.74
N ALA A 93 -6.59 -3.25 2.20
CA ALA A 93 -6.91 -4.67 2.39
C ALA A 93 -8.01 -4.84 3.43
N ASP A 94 -7.79 -4.28 4.60
CA ASP A 94 -8.77 -4.38 5.69
C ASP A 94 -9.92 -3.40 5.47
N SER A 95 -10.94 -3.85 4.75
CA SER A 95 -12.10 -3.02 4.47
C SER A 95 -12.85 -2.67 5.75
N GLU A 96 -13.24 -1.40 5.88
CA GLU A 96 -13.96 -0.94 7.05
C GLU A 96 -15.45 -1.21 6.93
N SER A 97 -15.79 -2.39 6.43
CA SER A 97 -17.19 -2.77 6.24
C SER A 97 -17.55 -3.98 7.11
N ARG A 98 -18.13 -3.72 8.27
CA ARG A 98 -18.52 -4.79 9.18
C ARG A 98 -19.53 -5.72 8.54
N GLY A 99 -20.51 -5.15 7.85
CA GLY A 99 -21.53 -5.94 7.19
C GLY A 99 -22.04 -5.29 5.92
N GLY A 100 -23.36 -5.20 5.79
CA GLY A 100 -23.95 -4.60 4.61
C GLY A 100 -25.33 -4.01 4.89
N SER A 101 -26.35 -4.59 4.29
CA SER A 101 -27.72 -4.12 4.47
C SER A 101 -28.32 -4.67 5.76
N GLY A 102 -29.36 -4.00 6.25
CA GLY A 102 -30.00 -4.44 7.47
C GLY A 102 -31.50 -4.59 7.31
N PRO A 103 -32.21 -4.77 8.43
CA PRO A 103 -33.67 -4.93 8.44
C PRO A 103 -34.39 -3.64 8.08
N SER A 104 -35.68 -3.75 7.80
CA SER A 104 -36.50 -2.59 7.44
C SER A 104 -37.00 -1.87 8.68
N SER A 105 -36.97 -0.54 8.65
CA SER A 105 -37.42 0.26 9.77
C SER A 105 -38.68 1.04 9.40
N GLY A 106 -39.28 1.69 10.40
CA GLY A 106 -40.47 2.48 10.16
C GLY A 106 -41.28 2.71 11.42
N GLY A 1 16.25 20.59 14.15
CA GLY A 1 16.20 19.22 13.67
C GLY A 1 15.10 19.01 12.65
N SER A 2 15.12 19.81 11.58
CA SER A 2 14.13 19.70 10.53
C SER A 2 13.95 18.25 10.08
N SER A 3 15.04 17.64 9.67
CA SER A 3 15.00 16.25 9.20
C SER A 3 14.78 15.30 10.38
N GLY A 4 13.67 14.57 10.34
CA GLY A 4 13.37 13.63 11.40
C GLY A 4 12.79 12.33 10.88
N SER A 5 13.08 11.24 11.58
CA SER A 5 12.59 9.92 11.18
C SER A 5 11.62 9.36 12.21
N SER A 6 10.36 9.75 12.11
CA SER A 6 9.33 9.30 13.03
C SER A 6 8.36 8.35 12.33
N GLY A 7 8.90 7.44 11.52
CA GLY A 7 8.06 6.50 10.80
C GLY A 7 7.67 5.31 11.67
N MET A 8 6.55 5.44 12.37
CA MET A 8 6.06 4.37 13.24
C MET A 8 4.56 4.47 13.42
N LYS A 9 3.86 3.36 13.15
CA LYS A 9 2.41 3.32 13.29
C LYS A 9 1.98 3.66 14.72
N ASP A 10 1.53 4.89 14.92
CA ASP A 10 1.09 5.33 16.24
C ASP A 10 -0.41 5.56 16.26
N HIS A 11 -0.89 6.48 15.42
CA HIS A 11 -2.31 6.80 15.35
C HIS A 11 -3.10 5.60 14.84
N ASP A 12 -2.78 5.15 13.62
CA ASP A 12 -3.46 4.02 13.02
C ASP A 12 -2.80 3.63 11.69
N ALA A 13 -2.54 2.35 11.52
CA ALA A 13 -1.92 1.86 10.29
C ALA A 13 -2.90 1.02 9.47
N ILE A 14 -2.96 1.29 8.17
CA ILE A 14 -3.86 0.56 7.28
C ILE A 14 -3.07 -0.20 6.22
N LYS A 15 -3.30 -1.52 6.16
CA LYS A 15 -2.62 -2.37 5.19
C LYS A 15 -3.16 -2.13 3.78
N LEU A 16 -2.45 -1.32 3.01
CA LEU A 16 -2.86 -1.01 1.64
C LEU A 16 -2.35 -2.07 0.67
N PHE A 17 -3.28 -2.77 0.02
CA PHE A 17 -2.93 -3.80 -0.94
C PHE A 17 -2.76 -3.23 -2.34
N ILE A 18 -1.60 -3.46 -2.94
CA ILE A 18 -1.32 -2.96 -4.28
C ILE A 18 -1.29 -4.09 -5.30
N GLY A 19 -1.90 -3.86 -6.46
CA GLY A 19 -1.93 -4.87 -7.49
C GLY A 19 -1.64 -4.31 -8.87
N GLN A 20 -1.64 -5.17 -9.87
CA GLN A 20 -1.35 -4.75 -11.24
C GLN A 20 0.10 -4.32 -11.39
N ILE A 21 1.01 -5.07 -10.79
CA ILE A 21 2.43 -4.77 -10.87
C ILE A 21 3.22 -5.96 -11.40
N PRO A 22 4.10 -5.68 -12.38
CA PRO A 22 4.94 -6.71 -12.99
C PRO A 22 6.01 -7.24 -12.04
N ARG A 23 6.50 -8.44 -12.33
CA ARG A 23 7.53 -9.07 -11.49
C ARG A 23 8.92 -8.58 -11.89
N ASN A 24 9.03 -7.29 -12.15
CA ASN A 24 10.31 -6.71 -12.55
C ASN A 24 10.67 -5.53 -11.65
N LEU A 25 9.87 -5.31 -10.63
CA LEU A 25 10.09 -4.21 -9.69
C LEU A 25 10.74 -4.73 -8.40
N ASP A 26 11.09 -3.81 -7.51
CA ASP A 26 11.70 -4.17 -6.23
C ASP A 26 11.15 -3.31 -5.10
N GLU A 27 11.62 -3.57 -3.89
CA GLU A 27 11.18 -2.82 -2.73
C GLU A 27 11.77 -1.43 -2.71
N LYS A 28 13.06 -1.33 -3.03
CA LYS A 28 13.75 -0.05 -3.05
C LYS A 28 13.34 0.77 -4.27
N ASP A 29 12.66 0.12 -5.21
CA ASP A 29 12.19 0.78 -6.43
C ASP A 29 10.74 1.21 -6.30
N LEU A 30 10.06 0.68 -5.28
CA LEU A 30 8.66 1.00 -5.06
C LEU A 30 8.49 1.84 -3.79
N LYS A 31 9.40 1.67 -2.84
CA LYS A 31 9.36 2.41 -1.59
C LYS A 31 9.35 3.91 -1.85
N PRO A 32 10.20 4.37 -2.78
CA PRO A 32 10.31 5.78 -3.14
C PRO A 32 8.93 6.41 -3.40
N LEU A 33 8.25 5.91 -4.41
CA LEU A 33 6.93 6.43 -4.76
C LEU A 33 6.13 6.79 -3.51
N PHE A 34 5.67 5.75 -2.81
CA PHE A 34 4.90 5.95 -1.59
C PHE A 34 5.65 6.84 -0.60
N GLU A 35 6.85 6.42 -0.22
CA GLU A 35 7.66 7.17 0.72
C GLU A 35 7.51 8.67 0.49
N GLU A 36 7.22 9.04 -0.76
CA GLU A 36 7.05 10.44 -1.11
C GLU A 36 5.75 11.00 -0.54
N PHE A 37 4.66 10.24 -0.72
CA PHE A 37 3.36 10.65 -0.22
C PHE A 37 3.23 10.36 1.26
N GLY A 38 3.65 9.17 1.68
CA GLY A 38 3.57 8.79 3.07
C GLY A 38 4.79 8.02 3.54
N LYS A 39 5.11 8.13 4.82
CA LYS A 39 6.25 7.43 5.39
C LYS A 39 5.93 5.96 5.66
N ILE A 40 6.09 5.13 4.65
CA ILE A 40 5.82 3.70 4.79
C ILE A 40 6.31 3.17 6.13
N TYR A 41 5.61 2.17 6.66
CA TYR A 41 5.98 1.58 7.93
C TYR A 41 6.64 0.21 7.73
N GLU A 42 6.17 -0.51 6.72
CA GLU A 42 6.71 -1.83 6.41
C GLU A 42 6.21 -2.33 5.06
N LEU A 43 7.14 -2.44 4.10
CA LEU A 43 6.80 -2.90 2.76
C LEU A 43 7.13 -4.37 2.59
N THR A 44 6.30 -5.07 1.82
CA THR A 44 6.51 -6.50 1.57
C THR A 44 5.93 -6.90 0.22
N VAL A 45 6.78 -7.50 -0.61
CA VAL A 45 6.36 -7.94 -1.94
C VAL A 45 5.96 -9.42 -1.92
N LEU A 46 4.66 -9.67 -1.85
CA LEU A 46 4.15 -11.04 -1.84
C LEU A 46 4.81 -11.88 -2.93
N LYS A 47 5.62 -12.85 -2.52
CA LYS A 47 6.31 -13.72 -3.45
C LYS A 47 6.31 -15.16 -2.96
N ASP A 48 5.70 -16.05 -3.75
CA ASP A 48 5.63 -17.46 -3.39
C ASP A 48 7.01 -18.11 -3.43
N ARG A 49 7.10 -19.34 -2.95
CA ARG A 49 8.37 -20.06 -2.92
C ARG A 49 8.29 -21.33 -3.76
N PHE A 50 7.10 -21.60 -4.32
CA PHE A 50 6.89 -22.78 -5.14
C PHE A 50 6.84 -22.41 -6.61
N THR A 51 5.73 -21.81 -7.04
CA THR A 51 5.56 -21.41 -8.42
C THR A 51 5.17 -19.93 -8.53
N GLY A 52 4.52 -19.42 -7.49
CA GLY A 52 4.10 -18.04 -7.49
C GLY A 52 5.24 -17.10 -7.14
N MET A 53 6.42 -17.36 -7.69
CA MET A 53 7.59 -16.53 -7.42
C MET A 53 7.19 -15.07 -7.24
N HIS A 54 6.49 -14.52 -8.23
CA HIS A 54 6.05 -13.13 -8.16
C HIS A 54 4.60 -13.00 -8.60
N LYS A 55 3.67 -13.41 -7.72
CA LYS A 55 2.25 -13.34 -8.02
C LYS A 55 1.93 -12.11 -8.87
N GLY A 56 2.19 -10.93 -8.31
CA GLY A 56 1.92 -9.70 -9.03
C GLY A 56 1.29 -8.65 -8.15
N CYS A 57 1.77 -8.52 -6.92
CA CYS A 57 1.24 -7.55 -5.97
C CYS A 57 2.14 -7.44 -4.75
N ALA A 58 1.87 -6.44 -3.92
CA ALA A 58 2.65 -6.22 -2.71
C ALA A 58 1.82 -5.55 -1.62
N PHE A 59 2.21 -5.75 -0.36
CA PHE A 59 1.48 -5.18 0.76
C PHE A 59 2.21 -3.93 1.28
N LEU A 60 1.43 -2.90 1.60
CA LEU A 60 1.99 -1.65 2.10
C LEU A 60 1.32 -1.24 3.41
N THR A 61 2.09 -0.66 4.32
CA THR A 61 1.56 -0.21 5.61
C THR A 61 1.88 1.25 5.86
N TYR A 62 0.85 2.09 5.84
CA TYR A 62 1.03 3.52 6.06
C TYR A 62 1.01 3.85 7.55
N CYS A 63 1.98 4.64 7.98
CA CYS A 63 2.08 5.04 9.39
C CYS A 63 0.84 5.80 9.83
N GLU A 64 0.30 6.62 8.93
CA GLU A 64 -0.88 7.41 9.23
C GLU A 64 -2.09 6.91 8.44
N ARG A 65 -3.26 6.95 9.06
CA ARG A 65 -4.49 6.51 8.41
C ARG A 65 -4.88 7.45 7.28
N GLU A 66 -5.09 8.72 7.62
CA GLU A 66 -5.47 9.71 6.63
C GLU A 66 -4.48 9.75 5.47
N SER A 67 -3.19 9.77 5.81
CA SER A 67 -2.14 9.80 4.81
C SER A 67 -2.36 8.73 3.75
N ALA A 68 -2.45 7.48 4.19
CA ALA A 68 -2.66 6.37 3.28
C ALA A 68 -3.70 6.71 2.22
N LEU A 69 -4.84 7.23 2.66
CA LEU A 69 -5.91 7.61 1.76
C LEU A 69 -5.39 8.43 0.59
N LYS A 70 -4.64 9.48 0.91
CA LYS A 70 -4.07 10.35 -0.12
C LYS A 70 -3.44 9.54 -1.25
N ALA A 71 -2.33 8.87 -0.93
CA ALA A 71 -1.64 8.04 -1.92
C ALA A 71 -2.60 7.08 -2.60
N GLN A 72 -3.63 6.66 -1.87
CA GLN A 72 -4.62 5.74 -2.42
C GLN A 72 -5.31 6.32 -3.64
N SER A 73 -5.83 7.54 -3.50
CA SER A 73 -6.51 8.20 -4.60
C SER A 73 -5.51 8.90 -5.52
N ALA A 74 -4.29 9.07 -5.04
CA ALA A 74 -3.24 9.71 -5.81
C ALA A 74 -2.54 8.71 -6.72
N LEU A 75 -2.74 7.43 -6.44
CA LEU A 75 -2.12 6.38 -7.23
C LEU A 75 -3.18 5.54 -7.94
N HIS A 76 -4.24 5.18 -7.21
CA HIS A 76 -5.32 4.38 -7.77
C HIS A 76 -5.83 5.01 -9.07
N GLU A 77 -5.79 4.22 -10.16
CA GLU A 77 -6.24 4.70 -11.46
C GLU A 77 -5.71 6.09 -11.74
N GLN A 78 -4.52 6.39 -11.23
CA GLN A 78 -3.90 7.69 -11.43
C GLN A 78 -2.59 7.56 -12.20
N LYS A 79 -1.82 6.52 -11.88
CA LYS A 79 -0.54 6.29 -12.54
C LYS A 79 -0.52 4.91 -13.20
N THR A 80 0.31 4.76 -14.21
CA THR A 80 0.44 3.48 -14.93
C THR A 80 1.88 3.02 -14.97
N LEU A 81 2.15 1.88 -14.35
CA LEU A 81 3.50 1.32 -14.33
C LEU A 81 3.94 0.91 -15.72
N PRO A 82 5.27 0.92 -15.96
CA PRO A 82 5.84 0.55 -17.25
C PRO A 82 5.71 -0.94 -17.54
N GLY A 83 5.42 -1.27 -18.79
CA GLY A 83 5.26 -2.67 -19.18
C GLY A 83 3.91 -3.22 -18.82
N MET A 84 2.97 -2.33 -18.50
CA MET A 84 1.61 -2.74 -18.14
C MET A 84 0.58 -1.93 -18.91
N ASN A 85 -0.44 -2.61 -19.42
CA ASN A 85 -1.50 -1.96 -20.18
C ASN A 85 -2.49 -1.26 -19.26
N ARG A 86 -2.68 -1.83 -18.06
CA ARG A 86 -3.60 -1.25 -17.09
C ARG A 86 -2.84 -0.48 -16.03
N PRO A 87 -3.51 0.51 -15.42
CA PRO A 87 -2.92 1.35 -14.37
C PRO A 87 -2.68 0.58 -13.07
N ILE A 88 -2.14 1.26 -12.07
CA ILE A 88 -1.88 0.65 -10.78
C ILE A 88 -3.08 0.76 -9.85
N GLN A 89 -3.37 -0.32 -9.14
CA GLN A 89 -4.49 -0.34 -8.21
C GLN A 89 -4.01 -0.25 -6.76
N VAL A 90 -4.68 0.57 -5.97
CA VAL A 90 -4.32 0.74 -4.57
C VAL A 90 -5.56 0.81 -3.68
N LYS A 91 -5.78 -0.24 -2.90
CA LYS A 91 -6.94 -0.29 -2.01
C LYS A 91 -6.55 -0.89 -0.65
N PRO A 92 -7.29 -0.52 0.39
CA PRO A 92 -7.04 -1.00 1.75
C PRO A 92 -7.40 -2.48 1.92
N ALA A 93 -6.37 -3.32 2.03
CA ALA A 93 -6.58 -4.76 2.20
C ALA A 93 -7.75 -5.04 3.13
N ASP A 94 -7.74 -4.40 4.30
CA ASP A 94 -8.80 -4.58 5.28
C ASP A 94 -10.17 -4.62 4.61
N SER A 95 -11.14 -5.21 5.30
CA SER A 95 -12.50 -5.32 4.76
C SER A 95 -13.49 -5.65 5.87
N GLU A 96 -14.71 -5.14 5.73
CA GLU A 96 -15.75 -5.38 6.73
C GLU A 96 -17.13 -5.02 6.17
N SER A 97 -18.14 -5.82 6.53
CA SER A 97 -19.50 -5.58 6.06
C SER A 97 -20.12 -4.37 6.76
N ARG A 98 -19.78 -3.18 6.26
CA ARG A 98 -20.31 -1.95 6.84
C ARG A 98 -21.56 -1.49 6.11
N GLY A 99 -22.49 -0.89 6.86
CA GLY A 99 -23.72 -0.42 6.25
C GLY A 99 -24.21 0.88 6.87
N GLY A 100 -23.70 2.00 6.37
CA GLY A 100 -24.10 3.30 6.88
C GLY A 100 -23.64 4.43 6.00
N SER A 101 -24.39 5.54 6.02
CA SER A 101 -24.07 6.70 5.21
C SER A 101 -23.70 7.89 6.08
N GLY A 102 -22.75 8.69 5.62
CA GLY A 102 -22.32 9.85 6.37
C GLY A 102 -22.58 11.15 5.64
N PRO A 103 -22.78 12.24 6.39
CA PRO A 103 -23.05 13.57 5.83
C PRO A 103 -21.83 14.16 5.13
N SER A 104 -21.66 13.81 3.87
CA SER A 104 -20.53 14.31 3.08
C SER A 104 -20.91 15.58 2.33
N SER A 105 -21.31 16.61 3.08
CA SER A 105 -21.70 17.88 2.48
C SER A 105 -22.63 17.67 1.30
N GLY A 106 -23.62 16.79 1.49
CA GLY A 106 -24.58 16.51 0.43
C GLY A 106 -26.01 16.69 0.88
N GLY A 1 10.27 19.78 12.15
CA GLY A 1 10.88 19.28 10.94
C GLY A 1 11.40 17.87 11.10
N SER A 2 12.72 17.73 11.23
CA SER A 2 13.34 16.42 11.38
C SER A 2 14.08 16.32 12.71
N SER A 3 13.45 16.84 13.77
CA SER A 3 14.05 16.81 15.09
C SER A 3 13.43 15.71 15.95
N GLY A 4 14.28 14.93 16.63
CA GLY A 4 13.79 13.86 17.46
C GLY A 4 13.38 12.65 16.67
N SER A 5 12.30 11.99 17.10
CA SER A 5 11.80 10.80 16.43
C SER A 5 11.57 11.08 14.94
N SER A 6 12.30 10.37 14.09
CA SER A 6 12.18 10.55 12.66
C SER A 6 10.74 10.32 12.20
N GLY A 7 10.25 9.10 12.42
CA GLY A 7 8.89 8.78 12.02
C GLY A 7 8.64 7.28 12.01
N MET A 8 7.61 6.85 12.73
CA MET A 8 7.26 5.44 12.79
C MET A 8 5.76 5.26 13.01
N LYS A 9 5.28 4.04 12.81
CA LYS A 9 3.87 3.73 12.99
C LYS A 9 3.52 3.55 14.47
N ASP A 10 2.40 4.13 14.88
CA ASP A 10 1.96 4.04 16.27
C ASP A 10 0.65 3.28 16.37
N HIS A 11 -0.34 3.70 15.58
CA HIS A 11 -1.65 3.05 15.58
C HIS A 11 -1.73 1.99 14.49
N ASP A 12 -2.71 1.10 14.62
CA ASP A 12 -2.90 0.03 13.64
C ASP A 12 -2.87 0.58 12.22
N ALA A 13 -1.72 0.43 11.55
CA ALA A 13 -1.55 0.90 10.19
C ALA A 13 -2.41 0.10 9.22
N ILE A 14 -2.98 0.78 8.23
CA ILE A 14 -3.82 0.13 7.23
C ILE A 14 -2.97 -0.53 6.15
N LYS A 15 -3.09 -1.85 6.05
CA LYS A 15 -2.34 -2.61 5.05
C LYS A 15 -2.96 -2.45 3.66
N LEU A 16 -2.47 -1.47 2.91
CA LEU A 16 -2.97 -1.20 1.57
C LEU A 16 -2.41 -2.22 0.57
N PHE A 17 -3.30 -2.91 -0.14
CA PHE A 17 -2.90 -3.90 -1.12
C PHE A 17 -2.69 -3.25 -2.48
N ILE A 18 -1.58 -3.60 -3.13
CA ILE A 18 -1.27 -3.05 -4.45
C ILE A 18 -1.26 -4.15 -5.50
N GLY A 19 -2.01 -3.94 -6.59
CA GLY A 19 -2.07 -4.92 -7.66
C GLY A 19 -1.57 -4.36 -8.98
N GLN A 20 -1.70 -5.16 -10.04
CA GLN A 20 -1.27 -4.74 -11.37
C GLN A 20 0.21 -4.32 -11.34
N ILE A 21 1.06 -5.22 -10.86
CA ILE A 21 2.48 -4.94 -10.79
C ILE A 21 3.29 -6.04 -11.48
N PRO A 22 4.15 -5.64 -12.42
CA PRO A 22 4.99 -6.57 -13.17
C PRO A 22 6.08 -7.18 -12.31
N ARG A 23 6.53 -8.37 -12.69
CA ARG A 23 7.58 -9.07 -11.94
C ARG A 23 8.96 -8.52 -12.30
N ASN A 24 9.05 -7.19 -12.38
CA ASN A 24 10.31 -6.55 -12.71
C ASN A 24 10.58 -5.37 -11.76
N LEU A 25 9.79 -5.28 -10.71
CA LEU A 25 9.94 -4.20 -9.73
C LEU A 25 10.68 -4.70 -8.49
N ASP A 26 11.08 -3.77 -7.64
CA ASP A 26 11.79 -4.10 -6.41
C ASP A 26 11.32 -3.24 -5.25
N GLU A 27 11.48 -3.74 -4.03
CA GLU A 27 11.06 -3.01 -2.84
C GLU A 27 11.67 -1.61 -2.83
N LYS A 28 12.95 -1.52 -3.16
CA LYS A 28 13.66 -0.24 -3.18
C LYS A 28 13.12 0.64 -4.29
N ASP A 29 12.50 0.02 -5.29
CA ASP A 29 11.93 0.76 -6.42
C ASP A 29 10.45 1.02 -6.22
N LEU A 30 9.93 0.60 -5.06
CA LEU A 30 8.52 0.79 -4.74
C LEU A 30 8.35 1.67 -3.51
N LYS A 31 9.23 1.50 -2.54
CA LYS A 31 9.18 2.29 -1.31
C LYS A 31 9.24 3.78 -1.62
N PRO A 32 10.13 4.16 -2.55
CA PRO A 32 10.29 5.56 -2.95
C PRO A 32 8.96 6.24 -3.25
N LEU A 33 8.27 5.75 -4.27
CA LEU A 33 6.97 6.32 -4.66
C LEU A 33 6.13 6.63 -3.42
N PHE A 34 5.62 5.58 -2.78
CA PHE A 34 4.79 5.74 -1.59
C PHE A 34 5.47 6.67 -0.58
N GLU A 35 6.67 6.28 -0.15
CA GLU A 35 7.42 7.07 0.82
C GLU A 35 7.24 8.56 0.57
N GLU A 36 6.99 8.91 -0.69
CA GLU A 36 6.79 10.31 -1.06
C GLU A 36 5.50 10.86 -0.46
N PHE A 37 4.42 10.12 -0.65
CA PHE A 37 3.11 10.53 -0.12
C PHE A 37 3.02 10.27 1.38
N GLY A 38 3.49 9.10 1.80
CA GLY A 38 3.45 8.75 3.21
C GLY A 38 4.70 8.03 3.66
N LYS A 39 5.20 8.39 4.83
CA LYS A 39 6.40 7.78 5.38
C LYS A 39 6.16 6.30 5.70
N ILE A 40 6.22 5.46 4.68
CA ILE A 40 6.00 4.03 4.86
C ILE A 40 6.59 3.54 6.18
N TYR A 41 6.00 2.49 6.73
CA TYR A 41 6.47 1.93 7.99
C TYR A 41 7.15 0.58 7.77
N GLU A 42 6.53 -0.25 6.94
CA GLU A 42 7.07 -1.57 6.64
C GLU A 42 6.48 -2.13 5.34
N LEU A 43 7.32 -2.26 4.33
CA LEU A 43 6.87 -2.78 3.04
C LEU A 43 7.22 -4.26 2.90
N THR A 44 6.31 -5.02 2.29
CA THR A 44 6.51 -6.44 2.09
C THR A 44 5.93 -6.90 0.76
N VAL A 45 6.76 -7.51 -0.07
CA VAL A 45 6.33 -8.01 -1.37
C VAL A 45 5.68 -9.38 -1.26
N LEU A 46 4.51 -9.52 -1.87
CA LEU A 46 3.78 -10.78 -1.84
C LEU A 46 4.30 -11.74 -2.90
N LYS A 47 5.17 -12.66 -2.50
CA LYS A 47 5.73 -13.64 -3.43
C LYS A 47 5.68 -15.04 -2.83
N ASP A 48 5.57 -16.04 -3.68
CA ASP A 48 5.51 -17.43 -3.25
C ASP A 48 6.91 -17.99 -2.99
N ARG A 49 6.97 -19.22 -2.52
CA ARG A 49 8.25 -19.86 -2.23
C ARG A 49 8.35 -21.22 -2.92
N PHE A 50 7.24 -21.66 -3.50
CA PHE A 50 7.20 -22.94 -4.19
C PHE A 50 7.31 -22.75 -5.70
N THR A 51 6.27 -22.18 -6.30
CA THR A 51 6.23 -21.93 -7.73
C THR A 51 5.88 -20.48 -8.04
N GLY A 52 5.07 -19.89 -7.18
CA GLY A 52 4.66 -18.50 -7.38
C GLY A 52 5.76 -17.53 -7.03
N MET A 53 6.96 -17.79 -7.53
CA MET A 53 8.11 -16.92 -7.26
C MET A 53 7.69 -15.47 -7.24
N HIS A 54 6.64 -15.14 -8.00
CA HIS A 54 6.14 -13.77 -8.06
C HIS A 54 4.74 -13.73 -8.67
N LYS A 55 3.75 -13.41 -7.85
CA LYS A 55 2.36 -13.34 -8.30
C LYS A 55 2.11 -12.05 -9.08
N GLY A 56 2.21 -10.92 -8.39
CA GLY A 56 1.99 -9.64 -9.03
C GLY A 56 1.31 -8.64 -8.13
N CYS A 57 1.77 -8.57 -6.88
CA CYS A 57 1.19 -7.65 -5.91
C CYS A 57 2.12 -7.47 -4.71
N ALA A 58 1.80 -6.50 -3.85
CA ALA A 58 2.61 -6.23 -2.68
C ALA A 58 1.77 -5.56 -1.59
N PHE A 59 2.17 -5.76 -0.33
CA PHE A 59 1.46 -5.18 0.80
C PHE A 59 2.20 -3.95 1.33
N LEU A 60 1.45 -2.87 1.54
CA LEU A 60 2.04 -1.62 2.05
C LEU A 60 1.43 -1.25 3.39
N THR A 61 2.23 -0.61 4.24
CA THR A 61 1.77 -0.20 5.56
C THR A 61 2.09 1.27 5.81
N TYR A 62 1.06 2.12 5.74
CA TYR A 62 1.24 3.54 5.96
C TYR A 62 1.11 3.89 7.44
N CYS A 63 2.02 4.71 7.93
CA CYS A 63 2.01 5.12 9.33
C CYS A 63 0.69 5.79 9.70
N GLU A 64 0.40 6.90 9.03
CA GLU A 64 -0.84 7.64 9.29
C GLU A 64 -2.03 6.98 8.59
N ARG A 65 -3.22 7.29 9.06
CA ARG A 65 -4.44 6.72 8.48
C ARG A 65 -4.91 7.55 7.29
N GLU A 66 -4.93 8.86 7.47
CA GLU A 66 -5.37 9.77 6.40
C GLU A 66 -4.37 9.76 5.24
N SER A 67 -3.09 9.79 5.57
CA SER A 67 -2.04 9.79 4.56
C SER A 67 -2.29 8.68 3.52
N ALA A 68 -2.44 7.46 4.01
CA ALA A 68 -2.67 6.31 3.14
C ALA A 68 -3.69 6.66 2.05
N LEU A 69 -4.70 7.44 2.43
CA LEU A 69 -5.74 7.84 1.49
C LEU A 69 -5.15 8.60 0.31
N LYS A 70 -4.27 9.57 0.60
CA LYS A 70 -3.63 10.36 -0.44
C LYS A 70 -3.11 9.47 -1.56
N ALA A 71 -2.06 8.70 -1.27
CA ALA A 71 -1.46 7.81 -2.25
C ALA A 71 -2.52 6.87 -2.84
N GLN A 72 -3.49 6.48 -2.02
CA GLN A 72 -4.55 5.60 -2.47
C GLN A 72 -5.23 6.14 -3.73
N SER A 73 -5.85 7.31 -3.60
CA SER A 73 -6.53 7.94 -4.73
C SER A 73 -5.53 8.58 -5.69
N ALA A 74 -4.35 8.90 -5.17
CA ALA A 74 -3.31 9.51 -5.98
C ALA A 74 -2.63 8.49 -6.89
N LEU A 75 -2.75 7.21 -6.51
CA LEU A 75 -2.15 6.13 -7.28
C LEU A 75 -3.22 5.32 -8.01
N HIS A 76 -4.32 5.05 -7.32
CA HIS A 76 -5.42 4.29 -7.91
C HIS A 76 -5.93 4.96 -9.18
N GLU A 77 -5.96 4.19 -10.26
CA GLU A 77 -6.42 4.71 -11.55
C GLU A 77 -5.90 6.13 -11.78
N GLN A 78 -4.69 6.40 -11.31
CA GLN A 78 -4.09 7.72 -11.46
C GLN A 78 -2.76 7.63 -12.19
N LYS A 79 -1.93 6.68 -11.77
CA LYS A 79 -0.62 6.49 -12.38
C LYS A 79 -0.48 5.08 -12.94
N THR A 80 0.25 4.95 -14.04
CA THR A 80 0.45 3.65 -14.68
C THR A 80 1.94 3.30 -14.73
N LEU A 81 2.26 2.06 -14.34
CA LEU A 81 3.64 1.60 -14.35
C LEU A 81 4.05 1.12 -15.74
N PRO A 82 5.35 1.20 -16.02
CA PRO A 82 5.90 0.77 -17.32
C PRO A 82 5.86 -0.74 -17.50
N GLY A 83 5.16 -1.18 -18.53
CA GLY A 83 5.05 -2.60 -18.80
C GLY A 83 3.62 -3.11 -18.72
N MET A 84 2.81 -2.44 -17.91
CA MET A 84 1.40 -2.81 -17.75
C MET A 84 0.49 -1.86 -18.50
N ASN A 85 -0.33 -2.40 -19.39
CA ASN A 85 -1.24 -1.60 -20.19
C ASN A 85 -2.22 -0.85 -19.28
N ARG A 86 -2.61 -1.48 -18.18
CA ARG A 86 -3.54 -0.89 -17.23
C ARG A 86 -2.79 -0.21 -16.09
N PRO A 87 -3.44 0.78 -15.46
CA PRO A 87 -2.85 1.52 -14.33
C PRO A 87 -2.72 0.67 -13.07
N ILE A 88 -2.09 1.23 -12.05
CA ILE A 88 -1.89 0.52 -10.79
C ILE A 88 -3.09 0.72 -9.87
N GLN A 89 -3.47 -0.34 -9.17
CA GLN A 89 -4.60 -0.28 -8.25
C GLN A 89 -4.12 -0.26 -6.80
N VAL A 90 -4.71 0.62 -6.00
CA VAL A 90 -4.33 0.73 -4.59
C VAL A 90 -5.57 0.82 -3.70
N LYS A 91 -5.77 -0.21 -2.88
CA LYS A 91 -6.91 -0.26 -1.97
C LYS A 91 -6.55 -0.96 -0.67
N PRO A 92 -7.25 -0.60 0.42
CA PRO A 92 -7.02 -1.18 1.74
C PRO A 92 -7.47 -2.64 1.81
N ALA A 93 -6.62 -3.49 2.38
CA ALA A 93 -6.93 -4.90 2.51
C ALA A 93 -8.06 -5.13 3.51
N ASP A 94 -9.25 -5.38 2.99
CA ASP A 94 -10.42 -5.62 3.84
C ASP A 94 -10.65 -7.11 4.05
N SER A 95 -11.42 -7.44 5.07
CA SER A 95 -11.71 -8.84 5.38
C SER A 95 -12.81 -8.94 6.45
N GLU A 96 -13.19 -10.17 6.78
CA GLU A 96 -14.22 -10.40 7.78
C GLU A 96 -14.25 -11.86 8.20
N SER A 97 -14.62 -12.11 9.46
CA SER A 97 -14.68 -13.46 9.99
C SER A 97 -16.11 -13.84 10.37
N ARG A 98 -16.35 -15.13 10.53
CA ARG A 98 -17.68 -15.62 10.89
C ARG A 98 -18.07 -15.17 12.29
N GLY A 99 -19.37 -14.99 12.51
CA GLY A 99 -19.84 -14.55 13.81
C GLY A 99 -20.52 -15.68 14.58
N GLY A 100 -21.02 -15.35 15.77
CA GLY A 100 -21.67 -16.35 16.60
C GLY A 100 -22.77 -15.76 17.47
N SER A 101 -23.57 -16.63 18.09
CA SER A 101 -24.65 -16.17 18.95
C SER A 101 -24.22 -16.21 20.42
N GLY A 102 -25.00 -15.54 21.27
CA GLY A 102 -24.69 -15.51 22.69
C GLY A 102 -25.81 -14.91 23.51
N PRO A 103 -26.96 -15.59 23.53
CA PRO A 103 -28.14 -15.14 24.29
C PRO A 103 -27.93 -15.23 25.80
N SER A 104 -27.60 -14.11 26.42
CA SER A 104 -27.37 -14.06 27.85
C SER A 104 -28.64 -14.42 28.62
N SER A 105 -28.67 -15.62 29.17
CA SER A 105 -29.83 -16.09 29.92
C SER A 105 -31.10 -15.96 29.11
N GLY A 106 -31.01 -16.31 27.83
CA GLY A 106 -32.16 -16.23 26.95
C GLY A 106 -33.43 -16.76 27.59
N GLY A 1 14.97 19.33 19.03
CA GLY A 1 15.13 19.58 17.60
C GLY A 1 14.13 18.81 16.76
N SER A 2 12.87 19.22 16.81
CA SER A 2 11.82 18.55 16.05
C SER A 2 11.94 17.03 16.17
N SER A 3 12.25 16.56 17.38
CA SER A 3 12.41 15.13 17.61
C SER A 3 11.30 14.33 16.93
N GLY A 4 11.66 13.60 15.89
CA GLY A 4 10.69 12.81 15.17
C GLY A 4 10.97 11.31 15.26
N SER A 5 10.14 10.61 16.02
CA SER A 5 10.30 9.17 16.20
C SER A 5 10.59 8.49 14.86
N SER A 6 11.49 7.51 14.89
CA SER A 6 11.86 6.79 13.68
C SER A 6 11.56 5.29 13.83
N GLY A 7 10.69 4.78 12.98
CA GLY A 7 10.32 3.38 13.03
C GLY A 7 9.31 3.08 14.12
N MET A 8 8.28 3.91 14.20
CA MET A 8 7.24 3.73 15.21
C MET A 8 5.90 4.28 14.71
N LYS A 9 4.98 3.37 14.38
CA LYS A 9 3.67 3.76 13.90
C LYS A 9 2.96 4.66 14.89
N ASP A 10 2.06 5.51 14.38
CA ASP A 10 1.33 6.44 15.23
C ASP A 10 -0.15 6.05 15.29
N HIS A 11 -0.71 5.73 14.13
CA HIS A 11 -2.12 5.34 14.05
C HIS A 11 -2.26 3.89 13.59
N ASP A 12 -3.50 3.40 13.57
CA ASP A 12 -3.77 2.02 13.15
C ASP A 12 -3.22 1.77 11.74
N ALA A 13 -2.09 1.10 11.66
CA ALA A 13 -1.47 0.79 10.38
C ALA A 13 -2.44 0.07 9.46
N ILE A 14 -2.61 0.59 8.25
CA ILE A 14 -3.51 -0.02 7.28
C ILE A 14 -2.74 -0.82 6.24
N LYS A 15 -3.27 -2.00 5.90
CA LYS A 15 -2.63 -2.87 4.91
C LYS A 15 -3.15 -2.57 3.51
N LEU A 16 -2.47 -1.65 2.83
CA LEU A 16 -2.87 -1.28 1.47
C LEU A 16 -2.47 -2.37 0.47
N PHE A 17 -3.46 -2.87 -0.26
CA PHE A 17 -3.22 -3.91 -1.25
C PHE A 17 -3.05 -3.31 -2.64
N ILE A 18 -1.84 -3.42 -3.19
CA ILE A 18 -1.56 -2.89 -4.52
C ILE A 18 -1.42 -4.02 -5.54
N GLY A 19 -2.08 -3.84 -6.68
CA GLY A 19 -2.02 -4.84 -7.74
C GLY A 19 -1.48 -4.29 -9.04
N GLN A 20 -1.56 -5.09 -10.10
CA GLN A 20 -1.07 -4.68 -11.41
C GLN A 20 0.40 -4.27 -11.33
N ILE A 21 1.24 -5.17 -10.82
CA ILE A 21 2.67 -4.90 -10.68
C ILE A 21 3.49 -6.05 -11.25
N PRO A 22 4.32 -5.74 -12.27
CA PRO A 22 5.18 -6.72 -12.92
C PRO A 22 6.30 -7.21 -12.00
N ARG A 23 6.88 -8.36 -12.33
CA ARG A 23 7.97 -8.92 -11.54
C ARG A 23 9.31 -8.35 -11.98
N ASN A 24 9.34 -7.03 -12.20
CA ASN A 24 10.56 -6.36 -12.62
C ASN A 24 10.88 -5.19 -11.68
N LEU A 25 10.08 -5.04 -10.63
CA LEU A 25 10.27 -3.96 -9.67
C LEU A 25 10.98 -4.48 -8.42
N ASP A 26 11.36 -3.55 -7.55
CA ASP A 26 12.05 -3.91 -6.31
C ASP A 26 11.55 -3.05 -5.15
N GLU A 27 11.56 -3.62 -3.95
CA GLU A 27 11.12 -2.91 -2.76
C GLU A 27 11.80 -1.56 -2.64
N LYS A 28 13.10 -1.52 -2.93
CA LYS A 28 13.87 -0.29 -2.86
C LYS A 28 13.50 0.65 -4.01
N ASP A 29 12.86 0.10 -5.02
CA ASP A 29 12.45 0.88 -6.19
C ASP A 29 10.99 1.30 -6.07
N LEU A 30 10.26 0.63 -5.19
CA LEU A 30 8.85 0.94 -4.99
C LEU A 30 8.64 1.79 -3.73
N LYS A 31 9.48 1.55 -2.74
CA LYS A 31 9.41 2.30 -1.49
C LYS A 31 9.46 3.80 -1.74
N PRO A 32 10.36 4.22 -2.63
CA PRO A 32 10.52 5.63 -2.99
C PRO A 32 9.19 6.31 -3.30
N LEU A 33 8.52 5.85 -4.34
CA LEU A 33 7.24 6.40 -4.75
C LEU A 33 6.38 6.73 -3.54
N PHE A 34 5.86 5.70 -2.89
CA PHE A 34 5.02 5.87 -1.70
C PHE A 34 5.73 6.74 -0.66
N GLU A 35 6.92 6.32 -0.26
CA GLU A 35 7.70 7.05 0.73
C GLU A 35 7.59 8.56 0.49
N GLU A 36 7.34 8.94 -0.75
CA GLU A 36 7.21 10.35 -1.10
C GLU A 36 5.89 10.92 -0.61
N PHE A 37 4.81 10.19 -0.87
CA PHE A 37 3.47 10.63 -0.44
C PHE A 37 3.30 10.44 1.06
N GLY A 38 3.74 9.30 1.57
CA GLY A 38 3.62 9.03 2.99
C GLY A 38 4.83 8.32 3.55
N LYS A 39 5.03 8.41 4.87
CA LYS A 39 6.17 7.78 5.52
C LYS A 39 5.90 6.29 5.74
N ILE A 40 6.34 5.47 4.80
CA ILE A 40 6.16 4.03 4.89
C ILE A 40 6.59 3.51 6.25
N TYR A 41 6.05 2.37 6.66
CA TYR A 41 6.39 1.76 7.93
C TYR A 41 6.97 0.36 7.74
N GLU A 42 6.47 -0.34 6.72
CA GLU A 42 6.93 -1.69 6.43
C GLU A 42 6.35 -2.19 5.10
N LEU A 43 7.23 -2.37 4.12
CA LEU A 43 6.80 -2.84 2.80
C LEU A 43 7.03 -4.34 2.66
N THR A 44 6.11 -5.00 1.97
CA THR A 44 6.22 -6.45 1.76
C THR A 44 5.79 -6.83 0.34
N VAL A 45 6.66 -7.54 -0.36
CA VAL A 45 6.37 -7.97 -1.73
C VAL A 45 5.83 -9.40 -1.74
N LEU A 46 4.51 -9.53 -1.81
CA LEU A 46 3.88 -10.83 -1.84
C LEU A 46 4.49 -11.72 -2.92
N LYS A 47 5.23 -12.74 -2.49
CA LYS A 47 5.86 -13.67 -3.42
C LYS A 47 5.77 -15.10 -2.92
N ASP A 48 5.18 -15.97 -3.72
CA ASP A 48 5.02 -17.37 -3.34
C ASP A 48 6.38 -18.08 -3.34
N ARG A 49 6.37 -19.34 -2.94
CA ARG A 49 7.60 -20.13 -2.88
C ARG A 49 7.42 -21.46 -3.60
N PHE A 50 6.24 -21.68 -4.17
CA PHE A 50 5.95 -22.91 -4.89
C PHE A 50 5.82 -22.66 -6.38
N THR A 51 4.77 -21.95 -6.77
CA THR A 51 4.52 -21.63 -8.17
C THR A 51 4.27 -20.14 -8.37
N GLY A 52 3.55 -19.54 -7.43
CA GLY A 52 3.25 -18.12 -7.51
C GLY A 52 4.44 -17.25 -7.14
N MET A 53 5.62 -17.61 -7.64
CA MET A 53 6.83 -16.86 -7.36
C MET A 53 6.53 -15.38 -7.21
N HIS A 54 5.75 -14.83 -8.15
CA HIS A 54 5.38 -13.43 -8.11
C HIS A 54 3.89 -13.24 -8.39
N LYS A 55 3.07 -13.52 -7.38
CA LYS A 55 1.63 -13.39 -7.52
C LYS A 55 1.27 -12.20 -8.39
N GLY A 56 1.93 -11.07 -8.15
CA GLY A 56 1.67 -9.87 -8.92
C GLY A 56 1.06 -8.76 -8.09
N CYS A 57 1.49 -8.67 -6.83
CA CYS A 57 0.98 -7.65 -5.93
C CYS A 57 1.90 -7.49 -4.72
N ALA A 58 1.59 -6.51 -3.87
CA ALA A 58 2.39 -6.26 -2.68
C ALA A 58 1.57 -5.53 -1.62
N PHE A 59 1.93 -5.74 -0.35
CA PHE A 59 1.23 -5.11 0.75
C PHE A 59 2.01 -3.92 1.30
N LEU A 60 1.34 -2.79 1.45
CA LEU A 60 1.98 -1.58 1.96
C LEU A 60 1.38 -1.17 3.30
N THR A 61 2.19 -0.50 4.11
CA THR A 61 1.75 -0.05 5.43
C THR A 61 2.14 1.41 5.68
N TYR A 62 1.13 2.25 5.86
CA TYR A 62 1.38 3.67 6.11
C TYR A 62 1.26 3.99 7.59
N CYS A 63 2.31 4.61 8.14
CA CYS A 63 2.33 4.98 9.55
C CYS A 63 0.99 5.56 9.98
N GLU A 64 0.48 6.52 9.19
CA GLU A 64 -0.80 7.16 9.50
C GLU A 64 -1.88 6.67 8.56
N ARG A 65 -3.11 6.61 9.06
CA ARG A 65 -4.25 6.16 8.26
C ARG A 65 -4.60 7.19 7.19
N GLU A 66 -4.94 8.40 7.62
CA GLU A 66 -5.29 9.46 6.69
C GLU A 66 -4.35 9.48 5.49
N SER A 67 -3.06 9.64 5.76
CA SER A 67 -2.06 9.68 4.70
C SER A 67 -2.40 8.68 3.60
N ALA A 68 -2.66 7.44 4.00
CA ALA A 68 -3.00 6.39 3.03
C ALA A 68 -4.11 6.84 2.09
N LEU A 69 -5.14 7.45 2.65
CA LEU A 69 -6.27 7.93 1.85
C LEU A 69 -5.78 8.80 0.71
N LYS A 70 -4.72 9.55 0.95
CA LYS A 70 -4.15 10.42 -0.07
C LYS A 70 -3.52 9.61 -1.20
N ALA A 71 -2.41 8.95 -0.90
CA ALA A 71 -1.71 8.13 -1.89
C ALA A 71 -2.67 7.18 -2.60
N GLN A 72 -3.74 6.80 -1.90
CA GLN A 72 -4.73 5.90 -2.45
C GLN A 72 -5.34 6.47 -3.73
N SER A 73 -6.15 7.52 -3.57
CA SER A 73 -6.80 8.16 -4.70
C SER A 73 -5.77 8.85 -5.61
N ALA A 74 -4.57 9.04 -5.07
CA ALA A 74 -3.49 9.68 -5.83
C ALA A 74 -2.81 8.68 -6.76
N LEU A 75 -2.76 7.43 -6.35
CA LEU A 75 -2.14 6.38 -7.15
C LEU A 75 -3.19 5.52 -7.83
N HIS A 76 -4.42 5.57 -7.32
CA HIS A 76 -5.52 4.80 -7.88
C HIS A 76 -5.96 5.37 -9.22
N GLU A 77 -5.93 4.53 -10.26
CA GLU A 77 -6.31 4.96 -11.60
C GLU A 77 -5.72 6.33 -11.93
N GLN A 78 -4.46 6.52 -11.56
CA GLN A 78 -3.78 7.79 -11.82
C GLN A 78 -2.41 7.54 -12.45
N LYS A 79 -1.77 6.45 -12.05
CA LYS A 79 -0.46 6.10 -12.58
C LYS A 79 -0.48 4.74 -13.26
N THR A 80 0.36 4.57 -14.28
CA THR A 80 0.43 3.32 -15.02
C THR A 80 1.87 2.81 -15.10
N LEU A 81 2.21 1.88 -14.23
CA LEU A 81 3.55 1.31 -14.21
C LEU A 81 3.99 0.90 -15.61
N PRO A 82 5.31 0.93 -15.86
CA PRO A 82 5.89 0.57 -17.15
C PRO A 82 5.78 -0.93 -17.42
N GLY A 83 5.16 -1.27 -18.55
CA GLY A 83 5.00 -2.67 -18.92
C GLY A 83 3.68 -3.23 -18.47
N MET A 84 2.69 -2.36 -18.30
CA MET A 84 1.36 -2.79 -17.87
C MET A 84 0.28 -2.02 -18.62
N ASN A 85 -0.55 -2.75 -19.37
CA ASN A 85 -1.62 -2.13 -20.14
C ASN A 85 -2.57 -1.37 -19.23
N ARG A 86 -2.83 -1.93 -18.05
CA ARG A 86 -3.72 -1.29 -17.08
C ARG A 86 -2.92 -0.56 -16.01
N PRO A 87 -3.54 0.48 -15.43
CA PRO A 87 -2.91 1.29 -14.37
C PRO A 87 -2.75 0.52 -13.07
N ILE A 88 -2.22 1.19 -12.05
CA ILE A 88 -2.02 0.57 -10.75
C ILE A 88 -3.25 0.78 -9.85
N GLN A 89 -3.65 -0.29 -9.17
CA GLN A 89 -4.80 -0.22 -8.27
C GLN A 89 -4.36 -0.25 -6.81
N VAL A 90 -4.89 0.69 -6.03
CA VAL A 90 -4.55 0.77 -4.61
C VAL A 90 -5.80 0.78 -3.74
N LYS A 91 -5.98 -0.28 -2.96
CA LYS A 91 -7.15 -0.40 -2.09
C LYS A 91 -6.77 -1.06 -0.76
N PRO A 92 -7.33 -0.54 0.34
CA PRO A 92 -7.06 -1.06 1.68
C PRO A 92 -7.67 -2.43 1.90
N ALA A 93 -6.85 -3.37 2.38
CA ALA A 93 -7.30 -4.73 2.64
C ALA A 93 -8.54 -4.73 3.54
N ASP A 94 -9.70 -4.58 2.94
CA ASP A 94 -10.96 -4.56 3.68
C ASP A 94 -11.76 -5.83 3.42
N SER A 95 -11.60 -6.82 4.30
CA SER A 95 -12.31 -8.09 4.16
C SER A 95 -13.40 -8.22 5.22
N GLU A 96 -14.57 -8.69 4.79
CA GLU A 96 -15.70 -8.86 5.69
C GLU A 96 -16.68 -9.90 5.15
N SER A 97 -17.60 -10.34 6.00
CA SER A 97 -18.60 -11.33 5.60
C SER A 97 -20.01 -10.76 5.73
N ARG A 98 -20.56 -10.33 4.61
CA ARG A 98 -21.91 -9.76 4.59
C ARG A 98 -22.52 -9.86 3.19
N GLY A 99 -23.65 -10.56 3.09
CA GLY A 99 -24.32 -10.72 1.82
C GLY A 99 -25.27 -9.58 1.52
N GLY A 100 -26.32 -9.88 0.77
CA GLY A 100 -27.30 -8.87 0.41
C GLY A 100 -28.73 -9.38 0.46
N SER A 101 -29.67 -8.51 0.14
CA SER A 101 -31.09 -8.89 0.16
C SER A 101 -31.63 -9.00 -1.27
N GLY A 102 -31.61 -10.21 -1.82
CA GLY A 102 -32.11 -10.42 -3.16
C GLY A 102 -33.43 -11.16 -3.19
N PRO A 103 -33.97 -11.35 -4.40
CA PRO A 103 -35.25 -12.05 -4.59
C PRO A 103 -35.15 -13.54 -4.28
N SER A 104 -36.29 -14.15 -3.98
CA SER A 104 -36.33 -15.58 -3.67
C SER A 104 -37.77 -16.07 -3.59
N SER A 105 -37.98 -17.34 -3.96
CA SER A 105 -39.30 -17.94 -3.94
C SER A 105 -39.78 -18.14 -2.50
N GLY A 106 -38.89 -17.89 -1.54
CA GLY A 106 -39.24 -18.05 -0.14
C GLY A 106 -39.70 -19.46 0.18
N GLY A 1 2.43 21.89 2.86
CA GLY A 1 1.84 20.95 3.80
C GLY A 1 2.82 20.52 4.87
N SER A 2 3.20 21.45 5.73
CA SER A 2 4.15 21.15 6.80
C SER A 2 3.68 19.95 7.62
N SER A 3 4.25 18.78 7.31
CA SER A 3 3.90 17.55 8.01
C SER A 3 5.13 16.68 8.25
N GLY A 4 4.96 15.62 9.01
CA GLY A 4 6.07 14.73 9.32
C GLY A 4 6.17 14.40 10.80
N SER A 5 5.85 13.16 11.15
CA SER A 5 5.89 12.73 12.54
C SER A 5 7.05 11.75 12.76
N SER A 6 7.25 11.35 14.01
CA SER A 6 8.31 10.42 14.36
C SER A 6 7.79 9.28 15.21
N GLY A 7 8.00 8.05 14.75
CA GLY A 7 7.55 6.88 15.49
C GLY A 7 7.10 5.75 14.57
N MET A 8 6.62 4.68 15.16
CA MET A 8 6.17 3.52 14.39
C MET A 8 4.76 3.75 13.85
N LYS A 9 3.78 3.71 14.74
CA LYS A 9 2.38 3.92 14.35
C LYS A 9 1.65 4.77 15.39
N ASP A 10 0.70 5.58 14.92
CA ASP A 10 -0.07 6.45 15.80
C ASP A 10 -1.14 5.64 16.54
N HIS A 11 -2.06 5.06 15.79
CA HIS A 11 -3.14 4.27 16.38
C HIS A 11 -3.20 2.89 15.73
N ASP A 12 -3.04 2.84 14.41
CA ASP A 12 -3.08 1.58 13.67
C ASP A 12 -2.69 1.79 12.22
N ALA A 13 -1.96 0.83 11.67
CA ALA A 13 -1.52 0.91 10.28
C ALA A 13 -2.44 0.10 9.37
N ILE A 14 -2.78 0.67 8.22
CA ILE A 14 -3.65 0.00 7.26
C ILE A 14 -2.85 -0.76 6.22
N LYS A 15 -3.20 -2.02 6.00
CA LYS A 15 -2.51 -2.86 5.02
C LYS A 15 -3.09 -2.66 3.63
N LEU A 16 -2.57 -1.68 2.90
CA LEU A 16 -3.03 -1.39 1.55
C LEU A 16 -2.54 -2.44 0.56
N PHE A 17 -3.47 -3.02 -0.19
CA PHE A 17 -3.13 -4.05 -1.17
C PHE A 17 -2.95 -3.43 -2.56
N ILE A 18 -1.75 -3.59 -3.12
CA ILE A 18 -1.45 -3.06 -4.43
C ILE A 18 -1.40 -4.16 -5.48
N GLY A 19 -2.12 -3.96 -6.59
CA GLY A 19 -2.14 -4.95 -7.64
C GLY A 19 -1.65 -4.39 -8.96
N GLN A 20 -1.77 -5.19 -10.03
CA GLN A 20 -1.34 -4.77 -11.35
C GLN A 20 0.14 -4.37 -11.34
N ILE A 21 0.96 -5.17 -10.67
CA ILE A 21 2.38 -4.90 -10.57
C ILE A 21 3.19 -6.05 -11.17
N PRO A 22 4.07 -5.72 -12.12
CA PRO A 22 4.93 -6.70 -12.79
C PRO A 22 6.00 -7.26 -11.86
N ARG A 23 6.70 -8.29 -12.33
CA ARG A 23 7.76 -8.92 -11.53
C ARG A 23 9.13 -8.40 -11.94
N ASN A 24 9.24 -7.08 -12.10
CA ASN A 24 10.49 -6.46 -12.49
C ASN A 24 10.80 -5.27 -11.58
N LEU A 25 10.01 -5.11 -10.53
CA LEU A 25 10.21 -4.02 -9.58
C LEU A 25 10.92 -4.51 -8.32
N ASP A 26 11.30 -3.57 -7.47
CA ASP A 26 11.98 -3.91 -6.22
C ASP A 26 11.49 -3.03 -5.07
N GLU A 27 11.58 -3.54 -3.85
CA GLU A 27 11.14 -2.81 -2.68
C GLU A 27 11.84 -1.46 -2.59
N LYS A 28 13.13 -1.44 -2.93
CA LYS A 28 13.91 -0.21 -2.89
C LYS A 28 13.52 0.72 -4.03
N ASP A 29 12.87 0.17 -5.05
CA ASP A 29 12.43 0.95 -6.20
C ASP A 29 10.98 1.37 -6.05
N LEU A 30 10.26 0.70 -5.15
CA LEU A 30 8.86 1.01 -4.91
C LEU A 30 8.70 1.88 -3.67
N LYS A 31 9.63 1.75 -2.73
CA LYS A 31 9.58 2.52 -1.50
C LYS A 31 9.55 4.02 -1.80
N PRO A 32 10.37 4.45 -2.77
CA PRO A 32 10.45 5.85 -3.17
C PRO A 32 9.07 6.46 -3.41
N LEU A 33 8.35 5.94 -4.39
CA LEU A 33 7.02 6.42 -4.71
C LEU A 33 6.22 6.71 -3.44
N PHE A 34 5.79 5.65 -2.77
CA PHE A 34 5.02 5.78 -1.54
C PHE A 34 5.74 6.68 -0.54
N GLU A 35 6.94 6.29 -0.15
CA GLU A 35 7.73 7.06 0.80
C GLU A 35 7.61 8.55 0.51
N GLU A 36 7.30 8.88 -0.74
CA GLU A 36 7.16 10.28 -1.14
C GLU A 36 5.82 10.85 -0.68
N PHE A 37 4.75 10.08 -0.89
CA PHE A 37 3.41 10.50 -0.50
C PHE A 37 3.22 10.37 1.00
N GLY A 38 3.66 9.23 1.55
CA GLY A 38 3.52 9.00 2.97
C GLY A 38 4.74 8.32 3.57
N LYS A 39 4.86 8.37 4.89
CA LYS A 39 5.99 7.76 5.58
C LYS A 39 5.78 6.26 5.74
N ILE A 40 6.22 5.49 4.75
CA ILE A 40 6.08 4.04 4.80
C ILE A 40 6.37 3.50 6.18
N TYR A 41 5.57 2.54 6.63
CA TYR A 41 5.75 1.94 7.94
C TYR A 41 6.42 0.57 7.82
N GLU A 42 6.05 -0.17 6.78
CA GLU A 42 6.62 -1.50 6.55
C GLU A 42 6.20 -2.05 5.19
N LEU A 43 7.16 -2.19 4.29
CA LEU A 43 6.89 -2.70 2.94
C LEU A 43 7.20 -4.18 2.86
N THR A 44 6.32 -4.93 2.22
CA THR A 44 6.50 -6.37 2.06
C THR A 44 5.98 -6.85 0.71
N VAL A 45 6.85 -7.46 -0.08
CA VAL A 45 6.48 -7.97 -1.39
C VAL A 45 6.02 -9.42 -1.31
N LEU A 46 4.77 -9.66 -1.71
CA LEU A 46 4.19 -11.00 -1.68
C LEU A 46 5.01 -11.95 -2.55
N LYS A 47 5.57 -12.99 -1.93
CA LYS A 47 6.37 -13.97 -2.65
C LYS A 47 5.95 -15.38 -2.27
N ASP A 48 5.51 -16.15 -3.25
CA ASP A 48 5.08 -17.53 -3.03
C ASP A 48 6.26 -18.40 -2.62
N ARG A 49 5.98 -19.69 -2.39
CA ARG A 49 7.02 -20.62 -1.99
C ARG A 49 6.97 -21.89 -2.85
N PHE A 50 6.22 -21.83 -3.94
CA PHE A 50 6.08 -22.97 -4.84
C PHE A 50 6.36 -22.55 -6.28
N THR A 51 5.43 -21.80 -6.86
CA THR A 51 5.58 -21.34 -8.23
C THR A 51 5.47 -19.82 -8.33
N GLY A 52 4.68 -19.23 -7.42
CA GLY A 52 4.49 -17.80 -7.42
C GLY A 52 5.64 -17.08 -6.72
N MET A 53 6.86 -17.54 -6.96
CA MET A 53 8.03 -16.93 -6.34
C MET A 53 7.84 -15.42 -6.18
N HIS A 54 7.36 -14.77 -7.23
CA HIS A 54 7.14 -13.33 -7.20
C HIS A 54 5.79 -12.99 -7.82
N LYS A 55 4.77 -12.88 -6.97
CA LYS A 55 3.42 -12.56 -7.43
C LYS A 55 3.38 -11.16 -8.04
N GLY A 56 2.27 -10.83 -8.69
CA GLY A 56 2.12 -9.53 -9.30
C GLY A 56 1.44 -8.53 -8.38
N CYS A 57 1.85 -8.50 -7.12
CA CYS A 57 1.27 -7.58 -6.15
C CYS A 57 2.18 -7.44 -4.93
N ALA A 58 1.85 -6.48 -4.06
CA ALA A 58 2.63 -6.24 -2.87
C ALA A 58 1.80 -5.58 -1.78
N PHE A 59 2.16 -5.83 -0.52
CA PHE A 59 1.42 -5.26 0.60
C PHE A 59 2.18 -4.06 1.19
N LEU A 60 1.47 -2.95 1.35
CA LEU A 60 2.07 -1.74 1.89
C LEU A 60 1.40 -1.34 3.21
N THR A 61 2.17 -0.71 4.10
CA THR A 61 1.66 -0.28 5.39
C THR A 61 2.04 1.17 5.68
N TYR A 62 1.02 2.02 5.84
CA TYR A 62 1.25 3.43 6.13
C TYR A 62 1.08 3.72 7.61
N CYS A 63 2.10 4.34 8.21
CA CYS A 63 2.05 4.68 9.62
C CYS A 63 0.76 5.42 9.97
N GLU A 64 0.43 6.42 9.16
CA GLU A 64 -0.78 7.21 9.38
C GLU A 64 -1.92 6.71 8.52
N ARG A 65 -3.15 6.88 8.99
CA ARG A 65 -4.33 6.45 8.26
C ARG A 65 -4.71 7.45 7.18
N GLU A 66 -4.75 8.72 7.55
CA GLU A 66 -5.10 9.79 6.61
C GLU A 66 -4.11 9.82 5.45
N SER A 67 -2.83 9.67 5.76
CA SER A 67 -1.78 9.69 4.74
C SER A 67 -2.08 8.67 3.65
N ALA A 68 -2.65 7.53 4.04
CA ALA A 68 -2.98 6.47 3.09
C ALA A 68 -4.03 6.94 2.10
N LEU A 69 -5.02 7.68 2.59
CA LEU A 69 -6.10 8.19 1.75
C LEU A 69 -5.53 8.97 0.56
N LYS A 70 -4.65 9.93 0.86
CA LYS A 70 -4.04 10.75 -0.18
C LYS A 70 -3.38 9.87 -1.24
N ALA A 71 -2.36 9.13 -0.84
CA ALA A 71 -1.64 8.25 -1.76
C ALA A 71 -2.60 7.31 -2.49
N GLN A 72 -3.64 6.87 -1.77
CA GLN A 72 -4.63 5.97 -2.36
C GLN A 72 -5.27 6.60 -3.59
N SER A 73 -5.88 7.76 -3.41
CA SER A 73 -6.54 8.46 -4.51
C SER A 73 -5.51 9.14 -5.41
N ALA A 74 -4.30 9.32 -4.89
CA ALA A 74 -3.23 9.95 -5.65
C ALA A 74 -2.51 8.94 -6.54
N LEU A 75 -2.74 7.66 -6.28
CA LEU A 75 -2.12 6.59 -7.04
C LEU A 75 -3.17 5.80 -7.84
N HIS A 76 -4.29 5.51 -7.20
CA HIS A 76 -5.37 4.77 -7.84
C HIS A 76 -5.70 5.38 -9.21
N GLU A 77 -5.80 4.53 -10.22
CA GLU A 77 -6.11 4.98 -11.57
C GLU A 77 -5.41 6.29 -11.88
N GLN A 78 -4.19 6.45 -11.36
CA GLN A 78 -3.42 7.67 -11.58
C GLN A 78 -2.12 7.37 -12.30
N LYS A 79 -1.42 6.34 -11.85
CA LYS A 79 -0.15 5.94 -12.45
C LYS A 79 -0.30 4.62 -13.20
N THR A 80 0.50 4.45 -14.25
CA THR A 80 0.46 3.24 -15.05
C THR A 80 1.85 2.64 -15.22
N LEU A 81 2.22 1.74 -14.31
CA LEU A 81 3.53 1.09 -14.36
C LEU A 81 3.90 0.72 -15.78
N PRO A 82 5.21 0.66 -16.06
CA PRO A 82 5.73 0.30 -17.39
C PRO A 82 5.48 -1.15 -17.74
N GLY A 83 5.01 -1.40 -18.97
CA GLY A 83 4.73 -2.75 -19.41
C GLY A 83 3.41 -3.26 -18.90
N MET A 84 2.47 -2.35 -18.64
CA MET A 84 1.15 -2.72 -18.15
C MET A 84 0.07 -1.92 -18.86
N ASN A 85 -0.83 -2.61 -19.55
CA ASN A 85 -1.92 -1.96 -20.26
C ASN A 85 -2.83 -1.20 -19.30
N ARG A 86 -3.03 -1.77 -18.11
CA ARG A 86 -3.88 -1.14 -17.11
C ARG A 86 -3.04 -0.43 -16.06
N PRO A 87 -3.64 0.58 -15.41
CA PRO A 87 -2.95 1.38 -14.37
C PRO A 87 -2.71 0.58 -13.10
N ILE A 88 -2.29 1.26 -12.05
CA ILE A 88 -2.04 0.61 -10.76
C ILE A 88 -3.23 0.73 -9.83
N GLN A 89 -3.68 -0.41 -9.31
CA GLN A 89 -4.81 -0.43 -8.39
C GLN A 89 -4.36 -0.40 -6.94
N VAL A 90 -5.04 0.39 -6.12
CA VAL A 90 -4.70 0.51 -4.71
C VAL A 90 -5.96 0.50 -3.83
N LYS A 91 -6.08 -0.53 -3.01
CA LYS A 91 -7.23 -0.67 -2.12
C LYS A 91 -6.83 -1.31 -0.80
N PRO A 92 -7.44 -0.83 0.30
CA PRO A 92 -7.15 -1.33 1.65
C PRO A 92 -7.69 -2.74 1.85
N ALA A 93 -6.78 -3.69 2.06
CA ALA A 93 -7.16 -5.09 2.27
C ALA A 93 -8.32 -5.20 3.25
N ASP A 94 -8.18 -4.50 4.38
CA ASP A 94 -9.22 -4.52 5.41
C ASP A 94 -10.27 -3.45 5.15
N SER A 95 -11.36 -3.84 4.50
CA SER A 95 -12.44 -2.91 4.18
C SER A 95 -13.34 -2.70 5.38
N GLU A 96 -13.98 -1.53 5.43
CA GLU A 96 -14.88 -1.20 6.53
C GLU A 96 -15.71 0.04 6.20
N SER A 97 -16.95 0.06 6.69
CA SER A 97 -17.84 1.19 6.45
C SER A 97 -17.75 2.21 7.58
N ARG A 98 -17.16 3.36 7.27
CA ARG A 98 -17.00 4.43 8.25
C ARG A 98 -17.10 5.80 7.58
N GLY A 99 -17.59 6.78 8.33
CA GLY A 99 -17.72 8.12 7.80
C GLY A 99 -16.43 8.90 7.88
N GLY A 100 -16.19 9.52 9.05
CA GLY A 100 -14.98 10.30 9.23
C GLY A 100 -15.23 11.60 9.97
N SER A 101 -15.25 11.53 11.29
CA SER A 101 -15.50 12.71 12.12
C SER A 101 -14.57 13.86 11.70
N GLY A 102 -13.29 13.54 11.50
CA GLY A 102 -12.33 14.55 11.11
C GLY A 102 -11.10 14.55 11.99
N PRO A 103 -9.98 15.07 11.46
CA PRO A 103 -8.71 15.14 12.19
C PRO A 103 -8.76 16.14 13.33
N SER A 104 -8.43 15.67 14.53
CA SER A 104 -8.44 16.52 15.72
C SER A 104 -7.18 17.40 15.76
N SER A 105 -7.38 18.69 16.03
CA SER A 105 -6.26 19.62 16.10
C SER A 105 -5.92 19.96 17.55
N GLY A 106 -4.68 20.39 17.77
CA GLY A 106 -4.24 20.74 19.11
C GLY A 106 -2.78 21.14 19.16
N GLY A 1 8.95 21.43 4.81
CA GLY A 1 10.07 21.00 5.61
C GLY A 1 9.74 19.81 6.49
N SER A 2 10.58 19.55 7.49
CA SER A 2 10.36 18.44 8.40
C SER A 2 10.12 18.93 9.82
N SER A 3 9.15 18.31 10.49
CA SER A 3 8.80 18.69 11.86
C SER A 3 7.80 17.71 12.46
N GLY A 4 8.22 17.04 13.54
CA GLY A 4 7.35 16.08 14.19
C GLY A 4 7.11 14.85 13.34
N SER A 5 7.74 13.73 13.72
CA SER A 5 7.59 12.49 12.98
C SER A 5 7.40 11.32 13.93
N SER A 6 7.19 10.13 13.36
CA SER A 6 7.00 8.92 14.16
C SER A 6 7.08 7.67 13.28
N GLY A 7 8.01 6.79 13.62
CA GLY A 7 8.18 5.56 12.87
C GLY A 7 7.57 4.36 13.55
N MET A 8 6.24 4.30 13.57
CA MET A 8 5.53 3.20 14.20
C MET A 8 4.03 3.30 13.96
N LYS A 9 3.47 2.28 13.34
CA LYS A 9 2.04 2.25 13.04
C LYS A 9 1.22 2.57 14.29
N ASP A 10 0.17 3.38 14.11
CA ASP A 10 -0.69 3.76 15.21
C ASP A 10 -1.96 4.45 14.71
N HIS A 11 -2.94 4.60 15.59
CA HIS A 11 -4.20 5.24 15.23
C HIS A 11 -5.00 4.35 14.26
N ASP A 12 -4.96 3.06 14.49
CA ASP A 12 -5.67 2.11 13.63
C ASP A 12 -5.06 2.08 12.23
N ALA A 13 -3.74 1.97 12.17
CA ALA A 13 -3.04 1.93 10.89
C ALA A 13 -3.85 1.16 9.85
N ILE A 14 -3.65 1.51 8.59
CA ILE A 14 -4.37 0.85 7.49
C ILE A 14 -3.39 0.14 6.55
N LYS A 15 -3.84 -0.96 5.98
CA LYS A 15 -3.00 -1.74 5.06
C LYS A 15 -3.45 -1.52 3.61
N LEU A 16 -2.58 -0.94 2.81
CA LEU A 16 -2.88 -0.68 1.40
C LEU A 16 -2.42 -1.83 0.52
N PHE A 17 -3.34 -2.40 -0.24
CA PHE A 17 -3.03 -3.52 -1.13
C PHE A 17 -2.80 -3.03 -2.55
N ILE A 18 -1.57 -3.15 -3.03
CA ILE A 18 -1.22 -2.72 -4.38
C ILE A 18 -1.24 -3.89 -5.35
N GLY A 19 -1.88 -3.71 -6.50
CA GLY A 19 -1.95 -4.76 -7.49
C GLY A 19 -1.55 -4.28 -8.87
N GLN A 20 -1.73 -5.12 -9.87
CA GLN A 20 -1.38 -4.78 -11.25
C GLN A 20 0.08 -4.33 -11.34
N ILE A 21 0.97 -5.19 -10.86
CA ILE A 21 2.41 -4.88 -10.89
C ILE A 21 3.21 -6.05 -11.43
N PRO A 22 4.14 -5.76 -12.35
CA PRO A 22 5.00 -6.77 -12.97
C PRO A 22 6.01 -7.35 -11.99
N ARG A 23 6.87 -8.23 -12.48
CA ARG A 23 7.88 -8.86 -11.65
C ARG A 23 9.28 -8.37 -12.03
N ASN A 24 9.41 -7.06 -12.22
CA ASN A 24 10.68 -6.47 -12.59
C ASN A 24 11.04 -5.32 -11.66
N LEU A 25 10.22 -5.12 -10.63
CA LEU A 25 10.46 -4.05 -9.66
C LEU A 25 11.08 -4.61 -8.39
N ASP A 26 11.48 -3.71 -7.49
CA ASP A 26 12.09 -4.11 -6.23
C ASP A 26 11.59 -3.23 -5.08
N GLU A 27 11.71 -3.74 -3.86
CA GLU A 27 11.27 -3.01 -2.68
C GLU A 27 12.03 -1.69 -2.55
N LYS A 28 13.19 -1.61 -3.18
CA LYS A 28 14.02 -0.40 -3.13
C LYS A 28 13.65 0.54 -4.26
N ASP A 29 12.84 0.06 -5.20
CA ASP A 29 12.40 0.87 -6.34
C ASP A 29 10.94 1.24 -6.21
N LEU A 30 10.28 0.69 -5.20
CA LEU A 30 8.86 0.97 -4.97
C LEU A 30 8.67 1.80 -3.71
N LYS A 31 9.59 1.65 -2.76
CA LYS A 31 9.52 2.39 -1.50
C LYS A 31 9.54 3.89 -1.77
N PRO A 32 10.42 4.33 -2.69
CA PRO A 32 10.55 5.74 -3.05
C PRO A 32 9.20 6.40 -3.31
N LEU A 33 8.50 5.92 -4.33
CA LEU A 33 7.19 6.47 -4.68
C LEU A 33 6.34 6.69 -3.44
N PHE A 34 5.87 5.59 -2.85
CA PHE A 34 5.03 5.67 -1.65
C PHE A 34 5.69 6.56 -0.59
N GLU A 35 6.89 6.20 -0.19
CA GLU A 35 7.62 6.98 0.82
C GLU A 35 7.57 8.46 0.51
N GLU A 36 7.29 8.79 -0.75
CA GLU A 36 7.20 10.18 -1.18
C GLU A 36 5.88 10.81 -0.74
N PHE A 37 4.80 10.06 -0.89
CA PHE A 37 3.47 10.54 -0.51
C PHE A 37 3.26 10.42 1.00
N GLY A 38 3.66 9.28 1.55
CA GLY A 38 3.51 9.05 2.97
C GLY A 38 4.70 8.34 3.58
N LYS A 39 4.82 8.41 4.90
CA LYS A 39 5.91 7.76 5.60
C LYS A 39 5.65 6.27 5.79
N ILE A 40 6.15 5.46 4.86
CA ILE A 40 5.97 4.02 4.92
C ILE A 40 6.30 3.48 6.31
N TYR A 41 5.79 2.30 6.62
CA TYR A 41 6.04 1.66 7.92
C TYR A 41 6.68 0.29 7.73
N GLU A 42 6.24 -0.44 6.72
CA GLU A 42 6.77 -1.77 6.44
C GLU A 42 6.29 -2.27 5.09
N LEU A 43 7.22 -2.41 4.14
CA LEU A 43 6.88 -2.89 2.81
C LEU A 43 7.20 -4.37 2.67
N THR A 44 6.26 -5.13 2.11
CA THR A 44 6.44 -6.56 1.92
C THR A 44 5.89 -7.00 0.57
N VAL A 45 6.75 -7.60 -0.25
CA VAL A 45 6.35 -8.08 -1.56
C VAL A 45 5.70 -9.45 -1.47
N LEU A 46 4.54 -9.60 -2.10
CA LEU A 46 3.83 -10.87 -2.10
C LEU A 46 4.25 -11.73 -3.28
N LYS A 47 5.20 -12.64 -3.03
CA LYS A 47 5.68 -13.54 -4.07
C LYS A 47 5.92 -14.93 -3.50
N ASP A 48 6.05 -15.91 -4.40
CA ASP A 48 6.29 -17.28 -3.99
C ASP A 48 7.78 -17.54 -3.77
N ARG A 49 8.12 -18.78 -3.42
CA ARG A 49 9.50 -19.15 -3.18
C ARG A 49 9.87 -20.41 -3.95
N PHE A 50 8.88 -21.01 -4.60
CA PHE A 50 9.11 -22.23 -5.38
C PHE A 50 9.03 -21.93 -6.88
N THR A 51 7.82 -21.73 -7.38
CA THR A 51 7.61 -21.44 -8.79
C THR A 51 7.09 -20.03 -8.99
N GLY A 52 6.27 -19.56 -8.06
CA GLY A 52 5.72 -18.22 -8.16
C GLY A 52 6.73 -17.15 -7.77
N MET A 53 7.94 -17.26 -8.29
CA MET A 53 8.99 -16.30 -7.99
C MET A 53 8.41 -14.92 -7.74
N HIS A 54 7.38 -14.57 -8.49
CA HIS A 54 6.72 -13.27 -8.35
C HIS A 54 5.30 -13.32 -8.91
N LYS A 55 4.32 -13.23 -8.02
CA LYS A 55 2.91 -13.25 -8.42
C LYS A 55 2.55 -11.99 -9.20
N GLY A 56 2.55 -10.85 -8.51
CA GLY A 56 2.22 -9.60 -9.15
C GLY A 56 1.47 -8.65 -8.24
N CYS A 57 1.98 -8.49 -7.01
CA CYS A 57 1.34 -7.62 -6.04
C CYS A 57 2.23 -7.44 -4.82
N ALA A 58 1.89 -6.48 -3.97
CA ALA A 58 2.66 -6.20 -2.76
C ALA A 58 1.80 -5.53 -1.70
N PHE A 59 2.18 -5.69 -0.44
CA PHE A 59 1.45 -5.09 0.67
C PHE A 59 2.19 -3.88 1.22
N LEU A 60 1.48 -2.75 1.30
CA LEU A 60 2.06 -1.52 1.81
C LEU A 60 1.41 -1.11 3.13
N THR A 61 2.21 -0.58 4.04
CA THR A 61 1.71 -0.14 5.34
C THR A 61 2.13 1.29 5.64
N TYR A 62 1.17 2.21 5.60
CA TYR A 62 1.44 3.61 5.87
C TYR A 62 1.26 3.93 7.35
N CYS A 63 2.32 4.46 7.96
CA CYS A 63 2.30 4.81 9.37
C CYS A 63 0.94 5.41 9.76
N GLU A 64 0.57 6.50 9.09
CA GLU A 64 -0.69 7.18 9.37
C GLU A 64 -1.77 6.68 8.42
N ARG A 65 -2.77 6.01 8.99
CA ARG A 65 -3.89 5.48 8.21
C ARG A 65 -4.46 6.56 7.28
N GLU A 66 -4.59 7.77 7.80
CA GLU A 66 -5.11 8.89 7.02
C GLU A 66 -4.27 9.13 5.78
N SER A 67 -2.96 9.05 5.94
CA SER A 67 -2.03 9.28 4.83
C SER A 67 -2.39 8.39 3.65
N ALA A 68 -2.64 7.11 3.92
CA ALA A 68 -2.99 6.16 2.88
C ALA A 68 -4.15 6.68 2.03
N LEU A 69 -5.09 7.37 2.67
CA LEU A 69 -6.24 7.91 1.97
C LEU A 69 -5.81 8.81 0.82
N LYS A 70 -4.71 9.52 1.01
CA LYS A 70 -4.18 10.42 -0.02
C LYS A 70 -3.55 9.63 -1.16
N ALA A 71 -2.47 8.91 -0.86
CA ALA A 71 -1.79 8.11 -1.86
C ALA A 71 -2.75 7.13 -2.54
N GLN A 72 -3.88 6.88 -1.88
CA GLN A 72 -4.88 5.96 -2.42
C GLN A 72 -5.53 6.53 -3.67
N SER A 73 -6.27 7.63 -3.50
CA SER A 73 -6.94 8.28 -4.62
C SER A 73 -5.94 9.04 -5.49
N ALA A 74 -4.75 9.24 -4.97
CA ALA A 74 -3.70 9.96 -5.69
C ALA A 74 -2.96 9.02 -6.64
N LEU A 75 -3.08 7.72 -6.40
CA LEU A 75 -2.41 6.73 -7.23
C LEU A 75 -3.43 5.90 -8.00
N HIS A 76 -4.44 5.39 -7.29
CA HIS A 76 -5.49 4.59 -7.91
C HIS A 76 -5.91 5.19 -9.24
N GLU A 77 -5.91 4.36 -10.29
CA GLU A 77 -6.30 4.81 -11.62
C GLU A 77 -5.75 6.20 -11.90
N GLN A 78 -4.48 6.41 -11.61
CA GLN A 78 -3.84 7.71 -11.83
C GLN A 78 -2.52 7.54 -12.58
N LYS A 79 -1.66 6.66 -12.07
CA LYS A 79 -0.37 6.40 -12.70
C LYS A 79 -0.27 4.96 -13.19
N THR A 80 0.35 4.78 -14.35
CA THR A 80 0.50 3.45 -14.92
C THR A 80 1.98 3.07 -15.03
N LEU A 81 2.32 1.88 -14.54
CA LEU A 81 3.69 1.40 -14.58
C LEU A 81 4.04 0.84 -15.97
N PRO A 82 5.32 0.90 -16.33
CA PRO A 82 5.81 0.42 -17.62
C PRO A 82 5.75 -1.10 -17.72
N GLY A 83 4.99 -1.61 -18.68
CA GLY A 83 4.86 -3.04 -18.86
C GLY A 83 3.44 -3.52 -18.68
N MET A 84 2.67 -2.79 -17.88
CA MET A 84 1.28 -3.15 -17.61
C MET A 84 0.32 -2.26 -18.39
N ASN A 85 -0.51 -2.86 -19.22
CA ASN A 85 -1.48 -2.12 -20.02
C ASN A 85 -2.42 -1.31 -19.12
N ARG A 86 -2.72 -1.85 -17.95
CA ARG A 86 -3.60 -1.19 -17.01
C ARG A 86 -2.81 -0.48 -15.92
N PRO A 87 -3.41 0.57 -15.34
CA PRO A 87 -2.77 1.36 -14.27
C PRO A 87 -2.64 0.58 -12.97
N ILE A 88 -2.06 1.21 -11.96
CA ILE A 88 -1.87 0.57 -10.66
C ILE A 88 -3.13 0.72 -9.81
N GLN A 89 -3.45 -0.34 -9.04
CA GLN A 89 -4.62 -0.33 -8.18
C GLN A 89 -4.21 -0.31 -6.71
N VAL A 90 -4.89 0.52 -5.92
CA VAL A 90 -4.59 0.63 -4.50
C VAL A 90 -5.87 0.62 -3.68
N LYS A 91 -6.03 -0.38 -2.82
CA LYS A 91 -7.21 -0.50 -1.98
C LYS A 91 -6.84 -1.07 -0.61
N PRO A 92 -7.46 -0.52 0.44
CA PRO A 92 -7.21 -0.96 1.82
C PRO A 92 -7.77 -2.36 2.09
N ALA A 93 -6.88 -3.33 2.21
CA ALA A 93 -7.28 -4.71 2.48
C ALA A 93 -8.32 -4.78 3.59
N ASP A 94 -8.03 -4.10 4.70
CA ASP A 94 -8.94 -4.08 5.84
C ASP A 94 -10.39 -3.90 5.37
N SER A 95 -11.23 -4.89 5.68
CA SER A 95 -12.63 -4.84 5.29
C SER A 95 -13.45 -4.03 6.30
N GLU A 96 -13.39 -4.43 7.56
CA GLU A 96 -14.12 -3.75 8.61
C GLU A 96 -13.52 -4.05 9.99
N SER A 97 -13.75 -3.16 10.94
CA SER A 97 -13.23 -3.33 12.29
C SER A 97 -14.30 -3.87 13.22
N ARG A 98 -14.49 -5.19 13.20
CA ARG A 98 -15.49 -5.84 14.04
C ARG A 98 -15.31 -5.43 15.50
N GLY A 99 -16.30 -4.71 16.04
CA GLY A 99 -16.23 -4.27 17.42
C GLY A 99 -17.31 -4.90 18.28
N GLY A 100 -16.88 -5.70 19.26
CA GLY A 100 -17.84 -6.35 20.14
C GLY A 100 -17.18 -7.45 20.98
N SER A 101 -16.54 -7.05 22.07
CA SER A 101 -15.87 -8.00 22.95
C SER A 101 -16.84 -9.08 23.41
N GLY A 102 -16.32 -10.28 23.65
CA GLY A 102 -17.14 -11.39 24.08
C GLY A 102 -16.66 -12.00 25.39
N PRO A 103 -17.21 -11.53 26.51
CA PRO A 103 -16.84 -12.02 27.84
C PRO A 103 -17.32 -13.44 28.09
N SER A 104 -18.25 -13.90 27.25
CA SER A 104 -18.79 -15.25 27.37
C SER A 104 -19.25 -15.52 28.80
N SER A 105 -19.98 -14.58 29.37
CA SER A 105 -20.49 -14.70 30.73
C SER A 105 -19.34 -14.81 31.73
N GLY A 106 -18.32 -13.97 31.53
CA GLY A 106 -17.17 -13.98 32.42
C GLY A 106 -17.31 -13.00 33.56
N GLY A 1 24.15 1.29 24.65
CA GLY A 1 22.75 1.66 24.54
C GLY A 1 22.43 2.33 23.23
N SER A 2 22.46 1.56 22.14
CA SER A 2 22.18 2.10 20.81
C SER A 2 20.76 1.79 20.39
N SER A 3 19.82 2.63 20.82
CA SER A 3 18.41 2.44 20.48
C SER A 3 17.60 3.67 20.83
N GLY A 4 16.44 3.82 20.19
CA GLY A 4 15.58 4.97 20.44
C GLY A 4 14.34 4.97 19.58
N SER A 5 13.96 6.14 19.09
CA SER A 5 12.79 6.27 18.24
C SER A 5 13.18 6.54 16.80
N SER A 6 13.24 5.49 16.00
CA SER A 6 13.60 5.61 14.58
C SER A 6 12.41 5.33 13.68
N GLY A 7 11.78 4.18 13.90
CA GLY A 7 10.63 3.81 13.09
C GLY A 7 9.49 3.25 13.93
N MET A 8 8.41 4.03 14.05
CA MET A 8 7.25 3.61 14.83
C MET A 8 6.03 4.45 14.48
N LYS A 9 5.07 3.82 13.79
CA LYS A 9 3.85 4.50 13.39
C LYS A 9 3.28 5.34 14.54
N ASP A 10 2.40 6.27 14.22
CA ASP A 10 1.79 7.13 15.22
C ASP A 10 0.35 6.70 15.51
N HIS A 11 -0.43 6.54 14.44
CA HIS A 11 -1.83 6.12 14.57
C HIS A 11 -2.05 4.76 13.94
N ASP A 12 -3.25 4.23 14.10
CA ASP A 12 -3.60 2.92 13.56
C ASP A 12 -3.07 2.78 12.13
N ALA A 13 -2.26 1.75 11.91
CA ALA A 13 -1.69 1.50 10.59
C ALA A 13 -2.62 0.62 9.75
N ILE A 14 -2.68 0.90 8.45
CA ILE A 14 -3.52 0.14 7.54
C ILE A 14 -2.69 -0.58 6.49
N LYS A 15 -3.12 -1.79 6.15
CA LYS A 15 -2.40 -2.60 5.15
C LYS A 15 -2.98 -2.36 3.76
N LEU A 16 -2.30 -1.53 2.97
CA LEU A 16 -2.75 -1.22 1.62
C LEU A 16 -2.39 -2.35 0.66
N PHE A 17 -3.38 -2.79 -0.12
CA PHE A 17 -3.16 -3.87 -1.08
C PHE A 17 -2.95 -3.30 -2.48
N ILE A 18 -1.76 -3.54 -3.04
CA ILE A 18 -1.43 -3.06 -4.37
C ILE A 18 -1.49 -4.20 -5.39
N GLY A 19 -2.22 -3.99 -6.48
CA GLY A 19 -2.32 -5.00 -7.51
C GLY A 19 -1.89 -4.49 -8.87
N GLN A 20 -2.04 -5.33 -9.89
CA GLN A 20 -1.66 -4.96 -11.25
C GLN A 20 -0.20 -4.52 -11.30
N ILE A 21 0.69 -5.39 -10.83
CA ILE A 21 2.12 -5.09 -10.82
C ILE A 21 2.92 -6.25 -11.39
N PRO A 22 3.85 -5.94 -12.29
CA PRO A 22 4.71 -6.95 -12.93
C PRO A 22 5.72 -7.54 -11.95
N ARG A 23 6.70 -8.28 -12.49
CA ARG A 23 7.73 -8.90 -11.66
C ARG A 23 9.11 -8.38 -12.03
N ASN A 24 9.22 -7.07 -12.19
CA ASN A 24 10.49 -6.44 -12.55
C ASN A 24 10.78 -5.25 -11.65
N LEU A 25 9.98 -5.11 -10.59
CA LEU A 25 10.16 -4.00 -9.65
C LEU A 25 10.91 -4.46 -8.41
N ASP A 26 11.26 -3.50 -7.56
CA ASP A 26 11.98 -3.81 -6.32
C ASP A 26 11.46 -2.95 -5.17
N GLU A 27 11.67 -3.44 -3.94
CA GLU A 27 11.23 -2.71 -2.76
C GLU A 27 11.87 -1.33 -2.68
N LYS A 28 13.13 -1.24 -3.09
CA LYS A 28 13.84 0.02 -3.07
C LYS A 28 13.43 0.90 -4.25
N ASP A 29 12.68 0.32 -5.18
CA ASP A 29 12.22 1.06 -6.35
C ASP A 29 10.75 1.44 -6.21
N LEU A 30 10.05 0.74 -5.32
CA LEU A 30 8.64 1.00 -5.09
C LEU A 30 8.44 1.81 -3.80
N LYS A 31 9.22 1.48 -2.78
CA LYS A 31 9.14 2.17 -1.51
C LYS A 31 9.28 3.68 -1.70
N PRO A 32 10.26 4.10 -2.50
CA PRO A 32 10.51 5.51 -2.79
C PRO A 32 9.24 6.26 -3.16
N LEU A 33 8.54 5.77 -4.18
CA LEU A 33 7.31 6.40 -4.64
C LEU A 33 6.41 6.76 -3.45
N PHE A 34 5.83 5.73 -2.82
CA PHE A 34 4.95 5.95 -1.68
C PHE A 34 5.62 6.82 -0.63
N GLU A 35 6.84 6.46 -0.26
CA GLU A 35 7.60 7.22 0.73
C GLU A 35 7.40 8.71 0.54
N GLU A 36 7.09 9.11 -0.69
CA GLU A 36 6.88 10.52 -1.00
C GLU A 36 5.51 10.99 -0.50
N PHE A 37 4.50 10.15 -0.69
CA PHE A 37 3.15 10.47 -0.26
C PHE A 37 2.99 10.26 1.25
N GLY A 38 3.52 9.14 1.74
CA GLY A 38 3.42 8.84 3.16
C GLY A 38 4.69 8.23 3.71
N LYS A 39 4.87 8.33 5.01
CA LYS A 39 6.06 7.78 5.67
C LYS A 39 5.91 6.27 5.88
N ILE A 40 6.07 5.52 4.80
CA ILE A 40 5.96 4.07 4.87
C ILE A 40 6.54 3.53 6.18
N TYR A 41 5.91 2.49 6.72
CA TYR A 41 6.36 1.89 7.96
C TYR A 41 6.98 0.52 7.71
N GLU A 42 6.42 -0.20 6.74
CA GLU A 42 6.92 -1.53 6.40
C GLU A 42 6.46 -1.94 5.00
N LEU A 43 7.38 -2.49 4.22
CA LEU A 43 7.06 -2.92 2.87
C LEU A 43 7.38 -4.41 2.67
N THR A 44 6.44 -5.14 2.12
CA THR A 44 6.63 -6.57 1.88
C THR A 44 6.08 -6.98 0.52
N VAL A 45 6.92 -7.62 -0.28
CA VAL A 45 6.52 -8.08 -1.61
C VAL A 45 5.95 -9.48 -1.57
N LEU A 46 4.62 -9.59 -1.63
CA LEU A 46 3.95 -10.88 -1.60
C LEU A 46 4.47 -11.78 -2.71
N LYS A 47 5.47 -12.59 -2.40
CA LYS A 47 6.05 -13.51 -3.36
C LYS A 47 6.27 -14.89 -2.74
N ASP A 48 5.95 -15.94 -3.50
CA ASP A 48 6.12 -17.30 -3.03
C ASP A 48 7.59 -17.71 -3.04
N ARG A 49 7.86 -18.94 -2.60
CA ARG A 49 9.23 -19.44 -2.56
C ARG A 49 9.32 -20.82 -3.20
N PHE A 50 8.21 -21.28 -3.75
CA PHE A 50 8.15 -22.60 -4.40
C PHE A 50 7.85 -22.45 -5.89
N THR A 51 6.61 -22.08 -6.20
CA THR A 51 6.18 -21.90 -7.58
C THR A 51 5.62 -20.50 -7.82
N GLY A 52 5.08 -19.91 -6.77
CA GLY A 52 4.51 -18.58 -6.87
C GLY A 52 5.57 -17.49 -6.83
N MET A 53 6.70 -17.73 -7.49
CA MET A 53 7.79 -16.76 -7.52
C MET A 53 7.25 -15.34 -7.50
N HIS A 54 6.16 -15.11 -8.21
CA HIS A 54 5.55 -13.79 -8.28
C HIS A 54 4.05 -13.90 -8.55
N LYS A 55 3.24 -13.57 -7.55
CA LYS A 55 1.80 -13.62 -7.68
C LYS A 55 1.28 -12.47 -8.53
N GLY A 56 1.60 -11.24 -8.11
CA GLY A 56 1.16 -10.07 -8.84
C GLY A 56 0.59 -9.00 -7.94
N CYS A 57 1.23 -8.79 -6.80
CA CYS A 57 0.78 -7.78 -5.84
C CYS A 57 1.76 -7.66 -4.68
N ALA A 58 1.54 -6.65 -3.83
CA ALA A 58 2.42 -6.43 -2.68
C ALA A 58 1.66 -5.73 -1.56
N PHE A 59 2.13 -5.92 -0.33
CA PHE A 59 1.50 -5.29 0.83
C PHE A 59 2.28 -4.07 1.28
N LEU A 60 1.59 -2.94 1.39
CA LEU A 60 2.23 -1.69 1.81
C LEU A 60 1.49 -1.09 3.00
N THR A 61 2.23 -0.78 4.06
CA THR A 61 1.65 -0.19 5.25
C THR A 61 2.09 1.26 5.43
N TYR A 62 1.13 2.13 5.74
CA TYR A 62 1.43 3.55 5.92
C TYR A 62 1.55 3.89 7.41
N CYS A 63 2.35 4.89 7.71
CA CYS A 63 2.56 5.32 9.09
C CYS A 63 1.28 5.94 9.66
N GLU A 64 0.60 6.74 8.85
CA GLU A 64 -0.63 7.40 9.27
C GLU A 64 -1.84 6.72 8.66
N ARG A 65 -3.03 7.03 9.20
CA ARG A 65 -4.27 6.45 8.69
C ARG A 65 -4.80 7.25 7.52
N GLU A 66 -4.96 8.55 7.72
CA GLU A 66 -5.46 9.43 6.67
C GLU A 66 -4.49 9.50 5.50
N SER A 67 -3.20 9.46 5.81
CA SER A 67 -2.16 9.53 4.79
C SER A 67 -2.46 8.55 3.65
N ALA A 68 -2.78 7.31 4.01
CA ALA A 68 -3.09 6.29 3.03
C ALA A 68 -4.14 6.78 2.04
N LEU A 69 -5.19 7.41 2.56
CA LEU A 69 -6.26 7.93 1.72
C LEU A 69 -5.70 8.73 0.55
N LYS A 70 -4.65 9.49 0.81
CA LYS A 70 -4.01 10.31 -0.22
C LYS A 70 -3.44 9.43 -1.33
N ALA A 71 -2.48 8.59 -0.97
CA ALA A 71 -1.85 7.69 -1.94
C ALA A 71 -2.87 6.72 -2.52
N GLN A 72 -4.00 6.58 -1.84
CA GLN A 72 -5.06 5.67 -2.29
C GLN A 72 -5.77 6.23 -3.52
N SER A 73 -6.10 7.52 -3.47
CA SER A 73 -6.79 8.18 -4.56
C SER A 73 -5.80 8.88 -5.48
N ALA A 74 -4.58 9.08 -5.00
CA ALA A 74 -3.54 9.73 -5.78
C ALA A 74 -2.93 8.76 -6.78
N LEU A 75 -2.74 7.51 -6.36
CA LEU A 75 -2.16 6.49 -7.23
C LEU A 75 -3.24 5.76 -8.01
N HIS A 76 -4.19 5.17 -7.29
CA HIS A 76 -5.28 4.44 -7.93
C HIS A 76 -5.70 5.11 -9.22
N GLU A 77 -5.76 4.33 -10.30
CA GLU A 77 -6.16 4.86 -11.61
C GLU A 77 -5.56 6.25 -11.83
N GLN A 78 -4.27 6.39 -11.55
CA GLN A 78 -3.58 7.66 -11.71
C GLN A 78 -2.24 7.46 -12.42
N LYS A 79 -1.41 6.58 -11.87
CA LYS A 79 -0.11 6.29 -12.44
C LYS A 79 -0.08 4.91 -13.10
N THR A 80 0.67 4.78 -14.18
CA THR A 80 0.78 3.51 -14.90
C THR A 80 2.23 3.04 -14.96
N LEU A 81 2.47 1.81 -14.51
CA LEU A 81 3.81 1.24 -14.51
C LEU A 81 4.20 0.81 -15.92
N PRO A 82 5.52 0.82 -16.20
CA PRO A 82 6.06 0.43 -17.51
C PRO A 82 5.93 -1.07 -17.76
N GLY A 83 5.12 -1.44 -18.75
CA GLY A 83 4.92 -2.83 -19.07
C GLY A 83 3.47 -3.27 -18.91
N MET A 84 2.74 -2.57 -18.04
CA MET A 84 1.34 -2.88 -17.79
C MET A 84 0.43 -1.94 -18.56
N ASN A 85 -0.42 -2.50 -19.42
CA ASN A 85 -1.35 -1.71 -20.21
C ASN A 85 -2.26 -0.88 -19.32
N ARG A 86 -2.64 -1.45 -18.18
CA ARG A 86 -3.52 -0.78 -17.23
C ARG A 86 -2.70 -0.12 -16.12
N PRO A 87 -3.28 0.92 -15.49
CA PRO A 87 -2.63 1.65 -14.40
C PRO A 87 -2.53 0.82 -13.13
N ILE A 88 -1.97 1.41 -12.08
CA ILE A 88 -1.80 0.73 -10.80
C ILE A 88 -3.03 0.92 -9.93
N GLN A 89 -3.43 -0.16 -9.24
CA GLN A 89 -4.59 -0.11 -8.37
C GLN A 89 -4.17 -0.17 -6.90
N VAL A 90 -4.64 0.79 -6.11
CA VAL A 90 -4.31 0.85 -4.70
C VAL A 90 -5.57 0.88 -3.84
N LYS A 91 -5.76 -0.15 -3.02
CA LYS A 91 -6.92 -0.23 -2.15
C LYS A 91 -6.58 -0.96 -0.85
N PRO A 92 -7.16 -0.50 0.25
CA PRO A 92 -6.93 -1.10 1.58
C PRO A 92 -7.57 -2.48 1.71
N ALA A 93 -6.73 -3.48 1.97
CA ALA A 93 -7.21 -4.85 2.12
C ALA A 93 -8.21 -4.97 3.26
N ASP A 94 -7.85 -4.41 4.41
CA ASP A 94 -8.72 -4.45 5.58
C ASP A 94 -8.93 -3.05 6.15
N SER A 95 -9.98 -2.38 5.70
CA SER A 95 -10.29 -1.03 6.16
C SER A 95 -11.75 -0.71 5.94
N GLU A 96 -12.37 -0.08 6.93
CA GLU A 96 -13.78 0.30 6.84
C GLU A 96 -13.94 1.74 6.35
N SER A 97 -13.81 1.93 5.04
CA SER A 97 -13.93 3.25 4.44
C SER A 97 -15.39 3.63 4.27
N ARG A 98 -15.76 4.79 4.82
CA ARG A 98 -17.13 5.28 4.72
C ARG A 98 -17.30 6.21 3.52
N GLY A 99 -18.43 6.07 2.83
CA GLY A 99 -18.69 6.90 1.67
C GLY A 99 -19.00 6.10 0.43
N GLY A 100 -17.98 5.79 -0.35
CA GLY A 100 -18.17 5.03 -1.56
C GLY A 100 -19.40 5.45 -2.33
N SER A 101 -20.47 4.67 -2.22
CA SER A 101 -21.73 4.96 -2.91
C SER A 101 -22.41 6.16 -2.28
N GLY A 102 -21.96 7.36 -2.65
CA GLY A 102 -22.55 8.58 -2.12
C GLY A 102 -21.50 9.55 -1.60
N PRO A 103 -21.70 10.85 -1.88
CA PRO A 103 -20.78 11.90 -1.46
C PRO A 103 -20.81 12.11 0.05
N SER A 104 -19.84 12.87 0.56
CA SER A 104 -19.76 13.15 1.98
C SER A 104 -21.14 13.40 2.58
N SER A 105 -21.30 13.06 3.85
CA SER A 105 -22.58 13.23 4.53
C SER A 105 -22.43 14.17 5.72
N GLY A 106 -23.37 15.10 5.86
CA GLY A 106 -23.32 16.05 6.96
C GLY A 106 -24.59 16.03 7.79
N GLY A 1 3.84 17.63 17.33
CA GLY A 1 3.05 18.08 18.46
C GLY A 1 3.42 17.36 19.75
N SER A 2 2.58 17.46 20.75
CA SER A 2 2.82 16.83 22.04
C SER A 2 3.16 15.35 21.86
N SER A 3 2.33 14.66 21.07
CA SER A 3 2.55 13.24 20.82
C SER A 3 3.93 12.99 20.24
N GLY A 4 4.25 13.70 19.15
CA GLY A 4 5.54 13.54 18.52
C GLY A 4 5.49 13.85 17.03
N SER A 5 6.67 14.03 16.43
CA SER A 5 6.76 14.34 15.01
C SER A 5 6.89 13.06 14.18
N SER A 6 7.86 12.22 14.56
CA SER A 6 8.10 10.98 13.85
C SER A 6 8.79 9.96 14.76
N GLY A 7 8.15 8.81 14.93
CA GLY A 7 8.71 7.77 15.78
C GLY A 7 8.24 6.38 15.40
N MET A 8 6.93 6.16 15.49
CA MET A 8 6.35 4.87 15.14
C MET A 8 4.92 5.02 14.64
N LYS A 9 4.41 3.99 13.98
CA LYS A 9 3.06 4.01 13.46
C LYS A 9 2.03 3.95 14.58
N ASP A 10 0.92 4.66 14.42
CA ASP A 10 -0.13 4.69 15.42
C ASP A 10 -1.06 3.49 15.25
N HIS A 11 -1.77 3.15 16.32
CA HIS A 11 -2.70 2.02 16.29
C HIS A 11 -3.39 1.91 14.93
N ASP A 12 -3.78 3.06 14.39
CA ASP A 12 -4.45 3.09 13.09
C ASP A 12 -3.51 2.62 11.99
N ALA A 13 -3.52 1.32 11.72
CA ALA A 13 -2.68 0.73 10.69
C ALA A 13 -3.51 0.05 9.62
N ILE A 14 -3.39 0.51 8.38
CA ILE A 14 -4.14 -0.06 7.27
C ILE A 14 -3.20 -0.77 6.30
N LYS A 15 -3.61 -1.97 5.88
CA LYS A 15 -2.81 -2.76 4.94
C LYS A 15 -3.31 -2.59 3.51
N LEU A 16 -2.74 -1.62 2.81
CA LEU A 16 -3.13 -1.35 1.42
C LEU A 16 -2.60 -2.43 0.49
N PHE A 17 -3.50 -3.07 -0.24
CA PHE A 17 -3.12 -4.12 -1.19
C PHE A 17 -2.95 -3.56 -2.59
N ILE A 18 -1.73 -3.70 -3.13
CA ILE A 18 -1.43 -3.20 -4.46
C ILE A 18 -1.39 -4.34 -5.48
N GLY A 19 -1.92 -4.09 -6.67
CA GLY A 19 -1.93 -5.10 -7.71
C GLY A 19 -1.49 -4.55 -9.05
N GLN A 20 -1.50 -5.41 -10.06
CA GLN A 20 -1.09 -5.02 -11.40
C GLN A 20 0.36 -4.54 -11.42
N ILE A 21 1.27 -5.38 -10.93
CA ILE A 21 2.68 -5.04 -10.89
C ILE A 21 3.53 -6.16 -11.47
N PRO A 22 4.47 -5.79 -12.34
CA PRO A 22 5.38 -6.76 -12.99
C PRO A 22 6.38 -7.35 -12.01
N ARG A 23 6.99 -8.47 -12.40
CA ARG A 23 7.97 -9.14 -11.56
C ARG A 23 9.39 -8.67 -11.89
N ASN A 24 9.55 -7.36 -12.05
CA ASN A 24 10.85 -6.79 -12.37
C ASN A 24 11.13 -5.57 -11.51
N LEU A 25 10.30 -5.38 -10.48
CA LEU A 25 10.46 -4.25 -9.57
C LEU A 25 11.15 -4.68 -8.28
N ASP A 26 11.41 -3.72 -7.40
CA ASP A 26 12.06 -4.01 -6.13
C ASP A 26 11.44 -3.18 -5.00
N GLU A 27 11.86 -3.44 -3.77
CA GLU A 27 11.34 -2.72 -2.61
C GLU A 27 11.94 -1.32 -2.54
N LYS A 28 13.22 -1.20 -2.86
CA LYS A 28 13.91 0.08 -2.82
C LYS A 28 13.46 0.97 -3.97
N ASP A 29 12.88 0.35 -5.00
CA ASP A 29 12.41 1.08 -6.17
C ASP A 29 10.94 1.47 -6.00
N LEU A 30 10.24 0.75 -5.13
CA LEU A 30 8.82 1.01 -4.88
C LEU A 30 8.65 1.90 -3.66
N LYS A 31 9.54 1.73 -2.68
CA LYS A 31 9.49 2.52 -1.45
C LYS A 31 9.42 4.01 -1.77
N PRO A 32 10.25 4.45 -2.72
CA PRO A 32 10.31 5.86 -3.13
C PRO A 32 8.92 6.44 -3.40
N LEU A 33 8.24 5.89 -4.39
CA LEU A 33 6.90 6.34 -4.75
C LEU A 33 6.09 6.69 -3.50
N PHE A 34 5.64 5.65 -2.79
CA PHE A 34 4.86 5.84 -1.58
C PHE A 34 5.62 6.70 -0.57
N GLU A 35 6.80 6.24 -0.19
CA GLU A 35 7.63 6.97 0.77
C GLU A 35 7.50 8.48 0.58
N GLU A 36 7.24 8.89 -0.67
CA GLU A 36 7.09 10.31 -0.98
C GLU A 36 5.76 10.83 -0.46
N PHE A 37 4.69 10.08 -0.69
CA PHE A 37 3.36 10.49 -0.24
C PHE A 37 3.20 10.25 1.26
N GLY A 38 3.64 9.09 1.72
CA GLY A 38 3.55 8.76 3.13
C GLY A 38 4.77 8.02 3.65
N LYS A 39 5.09 8.24 4.92
CA LYS A 39 6.24 7.59 5.54
C LYS A 39 5.99 6.10 5.72
N ILE A 40 6.33 5.31 4.72
CA ILE A 40 6.15 3.86 4.76
C ILE A 40 6.56 3.30 6.12
N TYR A 41 5.76 2.39 6.65
CA TYR A 41 6.04 1.77 7.95
C TYR A 41 6.58 0.36 7.77
N GLU A 42 6.02 -0.37 6.81
CA GLU A 42 6.45 -1.73 6.54
C GLU A 42 6.04 -2.17 5.13
N LEU A 43 7.03 -2.38 4.27
CA LEU A 43 6.77 -2.79 2.90
C LEU A 43 7.11 -4.27 2.70
N THR A 44 6.26 -4.98 1.98
CA THR A 44 6.46 -6.40 1.72
C THR A 44 5.99 -6.78 0.32
N VAL A 45 6.90 -7.33 -0.48
CA VAL A 45 6.58 -7.73 -1.84
C VAL A 45 6.06 -9.17 -1.88
N LEU A 46 4.74 -9.31 -1.86
CA LEU A 46 4.11 -10.63 -1.89
C LEU A 46 4.72 -11.49 -3.00
N LYS A 47 5.61 -12.40 -2.62
CA LYS A 47 6.26 -13.29 -3.57
C LYS A 47 6.31 -14.71 -3.03
N ASP A 48 5.99 -15.67 -3.90
CA ASP A 48 6.00 -17.08 -3.52
C ASP A 48 7.41 -17.64 -3.52
N ARG A 49 7.56 -18.89 -3.09
CA ARG A 49 8.86 -19.53 -3.05
C ARG A 49 8.83 -20.87 -3.77
N PHE A 50 7.65 -21.26 -4.25
CA PHE A 50 7.49 -22.52 -4.96
C PHE A 50 7.34 -22.28 -6.46
N THR A 51 6.20 -21.70 -6.85
CA THR A 51 5.93 -21.42 -8.25
C THR A 51 5.50 -19.97 -8.45
N GLY A 52 4.80 -19.43 -7.47
CA GLY A 52 4.32 -18.06 -7.54
C GLY A 52 5.44 -17.06 -7.32
N MET A 53 6.58 -17.27 -7.97
CA MET A 53 7.72 -16.38 -7.84
C MET A 53 7.26 -14.94 -7.62
N HIS A 54 6.35 -14.48 -8.46
CA HIS A 54 5.84 -13.12 -8.37
C HIS A 54 4.31 -13.11 -8.52
N LYS A 55 3.62 -13.54 -7.47
CA LYS A 55 2.16 -13.57 -7.47
C LYS A 55 1.60 -12.41 -8.28
N GLY A 56 2.15 -11.22 -8.09
CA GLY A 56 1.70 -10.05 -8.81
C GLY A 56 1.00 -9.05 -7.91
N CYS A 57 1.59 -8.78 -6.76
CA CYS A 57 1.02 -7.83 -5.80
C CYS A 57 1.99 -7.58 -4.65
N ALA A 58 1.63 -6.62 -3.79
CA ALA A 58 2.47 -6.28 -2.65
C ALA A 58 1.65 -5.57 -1.57
N PHE A 59 2.04 -5.78 -0.32
CA PHE A 59 1.34 -5.16 0.81
C PHE A 59 2.09 -3.93 1.31
N LEU A 60 1.38 -2.83 1.45
CA LEU A 60 1.98 -1.58 1.91
C LEU A 60 1.28 -1.06 3.16
N THR A 61 2.04 -0.43 4.05
CA THR A 61 1.48 0.11 5.28
C THR A 61 1.97 1.53 5.53
N TYR A 62 1.04 2.45 5.76
CA TYR A 62 1.39 3.84 6.01
C TYR A 62 1.37 4.15 7.50
N CYS A 63 2.36 4.91 7.96
CA CYS A 63 2.46 5.27 9.37
C CYS A 63 1.15 5.88 9.87
N GLU A 64 0.58 6.78 9.07
CA GLU A 64 -0.66 7.43 9.43
C GLU A 64 -1.81 6.97 8.53
N ARG A 65 -2.98 6.81 9.11
CA ARG A 65 -4.16 6.36 8.36
C ARG A 65 -4.44 7.30 7.19
N GLU A 66 -4.73 8.56 7.51
CA GLU A 66 -5.02 9.56 6.49
C GLU A 66 -4.04 9.45 5.32
N SER A 67 -2.75 9.47 5.65
CA SER A 67 -1.71 9.38 4.62
C SER A 67 -2.10 8.37 3.54
N ALA A 68 -2.63 7.23 3.97
CA ALA A 68 -3.05 6.19 3.04
C ALA A 68 -4.05 6.72 2.02
N LEU A 69 -5.00 7.52 2.50
CA LEU A 69 -6.02 8.09 1.63
C LEU A 69 -5.38 8.90 0.51
N LYS A 70 -4.48 9.81 0.88
CA LYS A 70 -3.80 10.66 -0.10
C LYS A 70 -3.22 9.81 -1.22
N ALA A 71 -2.27 8.94 -0.88
CA ALA A 71 -1.62 8.07 -1.86
C ALA A 71 -2.66 7.26 -2.63
N GLN A 72 -3.77 6.95 -1.98
CA GLN A 72 -4.84 6.18 -2.60
C GLN A 72 -5.52 6.99 -3.70
N SER A 73 -6.13 8.10 -3.32
CA SER A 73 -6.82 8.96 -4.27
C SER A 73 -5.83 9.77 -5.11
N ALA A 74 -4.55 9.60 -4.81
CA ALA A 74 -3.50 10.30 -5.53
C ALA A 74 -2.76 9.37 -6.49
N LEU A 75 -2.86 8.07 -6.24
CA LEU A 75 -2.21 7.07 -7.07
C LEU A 75 -3.24 6.21 -7.80
N HIS A 76 -4.28 5.79 -7.07
CA HIS A 76 -5.33 4.97 -7.64
C HIS A 76 -5.80 5.53 -8.98
N GLU A 77 -5.80 4.68 -10.01
CA GLU A 77 -6.23 5.09 -11.34
C GLU A 77 -5.66 6.46 -11.69
N GLN A 78 -4.37 6.64 -11.45
CA GLN A 78 -3.71 7.91 -11.73
C GLN A 78 -2.38 7.68 -12.44
N LYS A 79 -1.63 6.69 -11.98
CA LYS A 79 -0.34 6.37 -12.57
C LYS A 79 -0.32 4.95 -13.11
N THR A 80 0.41 4.74 -14.19
CA THR A 80 0.51 3.42 -14.81
C THR A 80 1.97 2.97 -14.92
N LEU A 81 2.20 1.69 -14.62
CA LEU A 81 3.55 1.14 -14.69
C LEU A 81 3.92 0.76 -16.12
N PRO A 82 5.23 0.73 -16.41
CA PRO A 82 5.74 0.38 -17.73
C PRO A 82 5.54 -1.09 -18.07
N GLY A 83 4.80 -1.36 -19.14
CA GLY A 83 4.54 -2.73 -19.54
C GLY A 83 3.26 -3.28 -18.94
N MET A 84 2.33 -2.39 -18.62
CA MET A 84 1.06 -2.79 -18.04
C MET A 84 -0.08 -1.96 -18.61
N ASN A 85 -0.96 -2.61 -19.39
CA ASN A 85 -2.09 -1.93 -19.99
C ASN A 85 -3.00 -1.32 -18.92
N ARG A 86 -3.05 -1.96 -17.76
CA ARG A 86 -3.87 -1.48 -16.65
C ARG A 86 -3.02 -0.72 -15.64
N PRO A 87 -3.57 0.38 -15.11
CA PRO A 87 -2.89 1.22 -14.12
C PRO A 87 -2.76 0.52 -12.77
N ILE A 88 -1.87 1.03 -11.93
CA ILE A 88 -1.66 0.46 -10.60
C ILE A 88 -2.90 0.61 -9.73
N GLN A 89 -3.38 -0.50 -9.19
CA GLN A 89 -4.56 -0.47 -8.34
C GLN A 89 -4.17 -0.49 -6.86
N VAL A 90 -4.74 0.43 -6.09
CA VAL A 90 -4.45 0.53 -4.67
C VAL A 90 -5.73 0.51 -3.84
N LYS A 91 -5.96 -0.58 -3.13
CA LYS A 91 -7.15 -0.72 -2.30
C LYS A 91 -6.81 -1.38 -0.96
N PRO A 92 -7.44 -0.89 0.11
CA PRO A 92 -7.22 -1.42 1.46
C PRO A 92 -7.79 -2.83 1.64
N ALA A 93 -6.91 -3.80 1.84
CA ALA A 93 -7.32 -5.18 2.02
C ALA A 93 -8.39 -5.30 3.10
N ASP A 94 -8.03 -4.95 4.33
CA ASP A 94 -8.96 -5.02 5.45
C ASP A 94 -8.90 -3.73 6.28
N SER A 95 -9.82 -2.81 6.00
CA SER A 95 -9.88 -1.54 6.71
C SER A 95 -11.20 -1.39 7.46
N GLU A 96 -11.14 -1.52 8.79
CA GLU A 96 -12.33 -1.40 9.62
C GLU A 96 -12.01 -0.65 10.91
N SER A 97 -12.85 0.33 11.23
CA SER A 97 -12.66 1.13 12.44
C SER A 97 -13.48 0.57 13.60
N ARG A 98 -12.95 -0.48 14.25
CA ARG A 98 -13.63 -1.11 15.37
C ARG A 98 -12.87 -0.85 16.67
N GLY A 99 -13.53 -1.12 17.79
CA GLY A 99 -12.90 -0.92 19.09
C GLY A 99 -12.60 -2.23 19.79
N GLY A 100 -12.23 -2.14 21.06
CA GLY A 100 -11.92 -3.33 21.83
C GLY A 100 -10.49 -3.34 22.34
N SER A 101 -10.31 -2.94 23.60
CA SER A 101 -8.98 -2.89 24.21
C SER A 101 -8.27 -4.23 24.06
N GLY A 102 -7.09 -4.21 23.47
CA GLY A 102 -6.32 -5.42 23.28
C GLY A 102 -6.00 -6.12 24.58
N PRO A 103 -5.18 -7.17 24.51
CA PRO A 103 -4.77 -7.95 25.69
C PRO A 103 -3.86 -7.17 26.63
N SER A 104 -2.84 -6.55 26.06
CA SER A 104 -1.88 -5.77 26.84
C SER A 104 -1.43 -6.54 28.08
N SER A 105 -1.17 -7.83 27.89
CA SER A 105 -0.72 -8.69 28.99
C SER A 105 0.61 -8.21 29.54
N GLY A 106 0.94 -8.67 30.75
CA GLY A 106 2.19 -8.27 31.38
C GLY A 106 3.22 -9.39 31.37
N GLY A 1 22.29 14.43 20.42
CA GLY A 1 22.70 14.74 19.07
C GLY A 1 21.58 14.57 18.06
N SER A 2 20.86 13.45 18.17
CA SER A 2 19.77 13.17 17.25
C SER A 2 18.46 13.00 18.02
N SER A 3 17.35 12.98 17.29
CA SER A 3 16.03 12.81 17.90
C SER A 3 15.05 12.18 16.92
N GLY A 4 13.91 11.74 17.43
CA GLY A 4 12.91 11.12 16.59
C GLY A 4 11.49 11.45 17.03
N SER A 5 10.93 12.52 16.48
CA SER A 5 9.58 12.93 16.83
C SER A 5 8.57 11.86 16.48
N SER A 6 8.63 11.39 15.24
CA SER A 6 7.71 10.35 14.76
C SER A 6 8.48 9.11 14.32
N GLY A 7 7.75 8.01 14.14
CA GLY A 7 8.37 6.77 13.72
C GLY A 7 7.44 5.59 13.83
N MET A 8 7.00 5.29 15.04
CA MET A 8 6.08 4.17 15.27
C MET A 8 4.76 4.40 14.57
N LYS A 9 4.18 3.32 14.04
CA LYS A 9 2.90 3.40 13.34
C LYS A 9 1.79 3.82 14.30
N ASP A 10 0.77 4.49 13.76
CA ASP A 10 -0.36 4.94 14.56
C ASP A 10 -1.07 3.76 15.20
N HIS A 11 -1.81 4.03 16.28
CA HIS A 11 -2.55 2.98 16.99
C HIS A 11 -3.06 1.92 16.02
N ASP A 12 -3.63 2.38 14.91
CA ASP A 12 -4.18 1.47 13.90
C ASP A 12 -3.71 1.88 12.50
N ALA A 13 -2.93 1.03 11.87
CA ALA A 13 -2.42 1.30 10.52
C ALA A 13 -3.36 0.73 9.46
N ILE A 14 -3.02 0.96 8.20
CA ILE A 14 -3.83 0.47 7.09
C ILE A 14 -2.97 -0.29 6.09
N LYS A 15 -3.32 -1.56 5.86
CA LYS A 15 -2.58 -2.39 4.92
C LYS A 15 -3.06 -2.16 3.49
N LEU A 16 -2.41 -1.23 2.79
CA LEU A 16 -2.78 -0.92 1.41
C LEU A 16 -2.31 -2.02 0.46
N PHE A 17 -3.27 -2.68 -0.18
CA PHE A 17 -2.96 -3.75 -1.13
C PHE A 17 -2.74 -3.20 -2.53
N ILE A 18 -1.59 -3.53 -3.12
CA ILE A 18 -1.26 -3.07 -4.46
C ILE A 18 -1.28 -4.22 -5.46
N GLY A 19 -1.90 -3.99 -6.61
CA GLY A 19 -1.97 -5.02 -7.64
C GLY A 19 -1.67 -4.48 -9.02
N GLN A 20 -1.57 -5.38 -9.99
CA GLN A 20 -1.28 -4.99 -11.37
C GLN A 20 0.16 -4.51 -11.50
N ILE A 21 1.09 -5.26 -10.92
CA ILE A 21 2.50 -4.92 -10.98
C ILE A 21 3.34 -6.09 -11.46
N PRO A 22 4.24 -5.83 -12.42
CA PRO A 22 5.12 -6.86 -12.99
C PRO A 22 6.17 -7.34 -11.99
N ARG A 23 6.58 -8.60 -12.13
CA ARG A 23 7.58 -9.18 -11.25
C ARG A 23 8.99 -8.76 -11.67
N ASN A 24 9.14 -7.51 -12.05
CA ASN A 24 10.43 -6.99 -12.48
C ASN A 24 10.85 -5.79 -11.65
N LEU A 25 10.03 -5.45 -10.66
CA LEU A 25 10.30 -4.32 -9.77
C LEU A 25 10.89 -4.80 -8.45
N ASP A 26 11.19 -3.84 -7.57
CA ASP A 26 11.75 -4.17 -6.26
C ASP A 26 11.15 -3.28 -5.18
N GLU A 27 11.48 -3.56 -3.93
CA GLU A 27 10.97 -2.79 -2.80
C GLU A 27 11.57 -1.40 -2.78
N LYS A 28 12.85 -1.30 -3.15
CA LYS A 28 13.54 -0.02 -3.18
C LYS A 28 13.08 0.84 -4.35
N ASP A 29 12.40 0.20 -5.30
CA ASP A 29 11.89 0.90 -6.48
C ASP A 29 10.43 1.29 -6.28
N LEU A 30 9.75 0.61 -5.36
CA LEU A 30 8.36 0.88 -5.08
C LEU A 30 8.19 1.73 -3.82
N LYS A 31 9.12 1.56 -2.88
CA LYS A 31 9.08 2.30 -1.63
C LYS A 31 9.16 3.80 -1.89
N PRO A 32 10.04 4.19 -2.84
CA PRO A 32 10.23 5.60 -3.21
C PRO A 32 8.91 6.32 -3.45
N LEU A 33 8.17 5.87 -4.46
CA LEU A 33 6.89 6.48 -4.80
C LEU A 33 6.07 6.75 -3.54
N PHE A 34 5.56 5.70 -2.92
CA PHE A 34 4.76 5.83 -1.71
C PHE A 34 5.51 6.65 -0.65
N GLU A 35 6.68 6.14 -0.24
CA GLU A 35 7.48 6.82 0.77
C GLU A 35 7.48 8.33 0.54
N GLU A 36 7.24 8.74 -0.70
CA GLU A 36 7.22 10.16 -1.05
C GLU A 36 5.96 10.82 -0.50
N PHE A 37 4.81 10.18 -0.73
CA PHE A 37 3.54 10.70 -0.26
C PHE A 37 3.40 10.54 1.25
N GLY A 38 3.77 9.36 1.75
CA GLY A 38 3.68 9.09 3.17
C GLY A 38 4.84 8.29 3.69
N LYS A 39 5.10 8.38 4.99
CA LYS A 39 6.21 7.66 5.60
C LYS A 39 5.83 6.20 5.86
N ILE A 40 6.10 5.34 4.89
CA ILE A 40 5.78 3.92 5.01
C ILE A 40 6.17 3.40 6.39
N TYR A 41 5.50 2.33 6.82
CA TYR A 41 5.77 1.73 8.12
C TYR A 41 6.41 0.35 7.96
N GLU A 42 5.97 -0.38 6.94
CA GLU A 42 6.50 -1.71 6.68
C GLU A 42 6.13 -2.18 5.26
N LEU A 43 7.14 -2.30 4.41
CA LEU A 43 6.94 -2.73 3.03
C LEU A 43 7.19 -4.23 2.89
N THR A 44 6.29 -4.92 2.19
CA THR A 44 6.42 -6.35 1.98
C THR A 44 5.88 -6.76 0.61
N VAL A 45 6.78 -7.17 -0.28
CA VAL A 45 6.39 -7.58 -1.62
C VAL A 45 5.98 -9.05 -1.64
N LEU A 46 4.67 -9.28 -1.66
CA LEU A 46 4.14 -10.64 -1.69
C LEU A 46 4.93 -11.52 -2.66
N LYS A 47 5.53 -12.58 -2.14
CA LYS A 47 6.31 -13.50 -2.95
C LYS A 47 6.00 -14.94 -2.58
N ASP A 48 5.78 -15.77 -3.60
CA ASP A 48 5.48 -17.18 -3.37
C ASP A 48 6.74 -18.03 -3.49
N ARG A 49 6.59 -19.34 -3.30
CA ARG A 49 7.72 -20.26 -3.37
C ARG A 49 7.45 -21.37 -4.38
N PHE A 50 6.36 -21.23 -5.13
CA PHE A 50 5.99 -22.22 -6.13
C PHE A 50 5.91 -21.59 -7.52
N THR A 51 4.83 -20.84 -7.75
CA THR A 51 4.62 -20.17 -9.04
C THR A 51 4.49 -18.67 -8.86
N GLY A 52 3.75 -18.26 -7.83
CA GLY A 52 3.56 -16.84 -7.56
C GLY A 52 4.75 -16.20 -6.90
N MET A 53 5.95 -16.56 -7.37
CA MET A 53 7.17 -16.01 -6.80
C MET A 53 6.99 -14.56 -6.40
N HIS A 54 6.22 -13.82 -7.19
CA HIS A 54 5.95 -12.41 -6.92
C HIS A 54 4.45 -12.14 -6.85
N LYS A 55 3.67 -13.00 -7.49
CA LYS A 55 2.22 -12.86 -7.50
C LYS A 55 1.82 -11.49 -8.05
N GLY A 56 2.69 -10.91 -8.88
CA GLY A 56 2.40 -9.61 -9.46
C GLY A 56 1.62 -8.71 -8.52
N CYS A 57 2.18 -8.47 -7.34
CA CYS A 57 1.53 -7.62 -6.34
C CYS A 57 2.44 -7.40 -5.14
N ALA A 58 2.01 -6.52 -4.24
CA ALA A 58 2.79 -6.22 -3.04
C ALA A 58 1.91 -5.56 -1.98
N PHE A 59 2.33 -5.68 -0.72
CA PHE A 59 1.58 -5.10 0.39
C PHE A 59 2.28 -3.85 0.92
N LEU A 60 1.52 -2.80 1.16
CA LEU A 60 2.06 -1.55 1.68
C LEU A 60 1.36 -1.13 2.96
N THR A 61 2.13 -0.52 3.87
CA THR A 61 1.58 -0.07 5.15
C THR A 61 1.94 1.37 5.43
N TYR A 62 0.93 2.24 5.51
CA TYR A 62 1.15 3.65 5.77
C TYR A 62 1.03 3.96 7.27
N CYS A 63 2.04 4.60 7.81
CA CYS A 63 2.05 4.95 9.24
C CYS A 63 0.71 5.57 9.65
N GLU A 64 0.34 6.67 8.99
CA GLU A 64 -0.91 7.35 9.30
C GLU A 64 -2.03 6.84 8.40
N ARG A 65 -2.94 6.05 8.98
CA ARG A 65 -4.05 5.49 8.23
C ARG A 65 -4.65 6.53 7.28
N GLU A 66 -4.77 7.77 7.76
CA GLU A 66 -5.31 8.85 6.96
C GLU A 66 -4.40 9.18 5.79
N SER A 67 -3.13 9.46 6.10
CA SER A 67 -2.16 9.80 5.08
C SER A 67 -2.22 8.81 3.92
N ALA A 68 -2.52 7.56 4.23
CA ALA A 68 -2.61 6.52 3.22
C ALA A 68 -3.74 6.81 2.24
N LEU A 69 -4.84 7.35 2.75
CA LEU A 69 -5.99 7.68 1.91
C LEU A 69 -5.59 8.61 0.78
N LYS A 70 -4.67 9.52 1.07
CA LYS A 70 -4.20 10.48 0.07
C LYS A 70 -3.56 9.75 -1.11
N ALA A 71 -2.42 9.12 -0.86
CA ALA A 71 -1.71 8.39 -1.91
C ALA A 71 -2.64 7.41 -2.62
N GLN A 72 -3.57 6.84 -1.87
CA GLN A 72 -4.52 5.88 -2.43
C GLN A 72 -5.20 6.46 -3.68
N SER A 73 -5.88 7.59 -3.50
CA SER A 73 -6.58 8.24 -4.60
C SER A 73 -5.60 8.99 -5.49
N ALA A 74 -4.41 9.25 -4.98
CA ALA A 74 -3.37 9.96 -5.72
C ALA A 74 -2.67 9.03 -6.70
N LEU A 75 -2.69 7.74 -6.40
CA LEU A 75 -2.04 6.74 -7.25
C LEU A 75 -3.09 5.91 -8.00
N HIS A 76 -4.08 5.43 -7.27
CA HIS A 76 -5.15 4.63 -7.87
C HIS A 76 -5.63 5.24 -9.18
N GLU A 77 -5.77 4.40 -10.20
CA GLU A 77 -6.22 4.87 -11.51
C GLU A 77 -5.65 6.25 -11.82
N GLN A 78 -4.44 6.51 -11.34
CA GLN A 78 -3.79 7.79 -11.57
C GLN A 78 -2.41 7.60 -12.20
N LYS A 79 -1.72 6.55 -11.79
CA LYS A 79 -0.39 6.26 -12.31
C LYS A 79 -0.32 4.83 -12.84
N THR A 80 0.32 4.67 -14.00
CA THR A 80 0.46 3.35 -14.61
C THR A 80 1.93 2.95 -14.74
N LEU A 81 2.25 1.76 -14.26
CA LEU A 81 3.62 1.26 -14.32
C LEU A 81 3.97 0.81 -15.74
N PRO A 82 5.26 0.90 -16.08
CA PRO A 82 5.76 0.50 -17.41
C PRO A 82 5.71 -1.01 -17.61
N GLY A 83 4.98 -1.44 -18.63
CA GLY A 83 4.87 -2.87 -18.91
C GLY A 83 3.46 -3.37 -18.78
N MET A 84 2.67 -2.72 -17.93
CA MET A 84 1.28 -3.11 -17.71
C MET A 84 0.33 -2.17 -18.44
N ASN A 85 -0.55 -2.74 -19.25
CA ASN A 85 -1.52 -1.96 -20.02
C ASN A 85 -2.47 -1.22 -19.08
N ARG A 86 -2.82 -1.86 -17.97
CA ARG A 86 -3.72 -1.27 -16.99
C ARG A 86 -2.95 -0.50 -15.93
N PRO A 87 -3.61 0.50 -15.32
CA PRO A 87 -3.00 1.34 -14.28
C PRO A 87 -2.76 0.57 -12.98
N ILE A 88 -2.09 1.21 -12.05
CA ILE A 88 -1.79 0.59 -10.75
C ILE A 88 -2.99 0.67 -9.82
N GLN A 89 -3.31 -0.45 -9.18
CA GLN A 89 -4.44 -0.51 -8.25
C GLN A 89 -3.97 -0.38 -6.81
N VAL A 90 -4.62 0.50 -6.05
CA VAL A 90 -4.26 0.70 -4.65
C VAL A 90 -5.51 0.86 -3.78
N LYS A 91 -5.73 -0.13 -2.91
CA LYS A 91 -6.89 -0.09 -2.01
C LYS A 91 -6.55 -0.72 -0.67
N PRO A 92 -7.24 -0.28 0.38
CA PRO A 92 -7.04 -0.79 1.74
C PRO A 92 -7.53 -2.23 1.90
N ALA A 93 -6.69 -3.06 2.49
CA ALA A 93 -7.04 -4.47 2.72
C ALA A 93 -8.24 -4.59 3.62
N ASP A 94 -9.40 -4.88 3.02
CA ASP A 94 -10.64 -5.04 3.77
C ASP A 94 -11.72 -5.68 2.92
N SER A 95 -12.83 -6.05 3.56
CA SER A 95 -13.94 -6.68 2.85
C SER A 95 -15.13 -5.72 2.74
N GLU A 96 -15.46 -5.08 3.85
CA GLU A 96 -16.58 -4.14 3.88
C GLU A 96 -16.14 -2.75 3.44
N SER A 97 -17.10 -1.85 3.26
CA SER A 97 -16.80 -0.49 2.83
C SER A 97 -16.45 0.38 4.02
N ARG A 98 -15.18 0.76 4.11
CA ARG A 98 -14.70 1.60 5.20
C ARG A 98 -14.44 3.02 4.72
N GLY A 99 -13.62 3.15 3.68
CA GLY A 99 -13.31 4.46 3.14
C GLY A 99 -14.13 4.80 1.92
N GLY A 100 -14.57 6.06 1.82
CA GLY A 100 -15.37 6.48 0.70
C GLY A 100 -15.25 7.96 0.41
N SER A 101 -15.14 8.32 -0.86
CA SER A 101 -15.01 9.72 -1.26
C SER A 101 -16.12 10.57 -0.64
N GLY A 102 -17.37 10.19 -0.91
CA GLY A 102 -18.50 10.93 -0.39
C GLY A 102 -18.65 12.30 -1.01
N PRO A 103 -19.34 13.21 -0.31
CA PRO A 103 -19.57 14.58 -0.80
C PRO A 103 -18.29 15.41 -0.80
N SER A 104 -17.54 15.32 0.28
CA SER A 104 -16.29 16.08 0.39
C SER A 104 -16.52 17.55 0.10
N SER A 105 -17.61 18.09 0.63
CA SER A 105 -17.94 19.50 0.42
C SER A 105 -17.11 20.39 1.32
N GLY A 106 -17.08 20.06 2.61
CA GLY A 106 -16.31 20.85 3.56
C GLY A 106 -15.04 20.16 3.99
N GLY A 1 21.17 12.96 11.76
CA GLY A 1 19.97 12.81 12.54
C GLY A 1 18.86 13.75 12.08
N SER A 2 18.53 13.68 10.79
CA SER A 2 17.49 14.52 10.23
C SER A 2 16.12 13.87 10.38
N SER A 3 15.98 12.65 9.88
CA SER A 3 14.73 11.91 9.96
C SER A 3 14.73 10.96 11.15
N GLY A 4 13.54 10.65 11.66
CA GLY A 4 13.42 9.76 12.79
C GLY A 4 13.90 8.36 12.47
N SER A 5 15.12 8.04 12.88
CA SER A 5 15.70 6.73 12.63
C SER A 5 14.73 5.62 13.02
N SER A 6 14.18 5.72 14.22
CA SER A 6 13.24 4.74 14.72
C SER A 6 11.86 4.93 14.10
N GLY A 7 11.21 3.83 13.76
CA GLY A 7 9.89 3.90 13.15
C GLY A 7 8.78 3.66 14.16
N MET A 8 7.91 4.66 14.33
CA MET A 8 6.81 4.55 15.27
C MET A 8 5.47 4.66 14.55
N LYS A 9 4.60 3.69 14.75
CA LYS A 9 3.28 3.68 14.12
C LYS A 9 2.19 3.50 15.16
N ASP A 10 1.04 4.15 14.93
CA ASP A 10 -0.09 4.06 15.85
C ASP A 10 -0.72 2.67 15.80
N HIS A 11 -1.68 2.43 16.68
CA HIS A 11 -2.36 1.14 16.73
C HIS A 11 -3.29 0.96 15.53
N ASP A 12 -4.04 2.02 15.21
CA ASP A 12 -4.97 1.98 14.08
C ASP A 12 -4.24 2.26 12.77
N ALA A 13 -3.89 1.20 12.06
CA ALA A 13 -3.19 1.32 10.78
C ALA A 13 -4.04 0.77 9.64
N ILE A 14 -3.62 1.07 8.40
CA ILE A 14 -4.34 0.60 7.23
C ILE A 14 -3.40 -0.06 6.23
N LYS A 15 -3.55 -1.38 6.07
CA LYS A 15 -2.72 -2.14 5.15
C LYS A 15 -3.21 -1.99 3.72
N LEU A 16 -2.49 -1.19 2.93
CA LEU A 16 -2.86 -0.96 1.54
C LEU A 16 -2.43 -2.15 0.67
N PHE A 17 -3.10 -2.31 -0.46
CA PHE A 17 -2.79 -3.39 -1.39
C PHE A 17 -2.60 -2.86 -2.80
N ILE A 18 -1.40 -3.08 -3.36
CA ILE A 18 -1.09 -2.62 -4.71
C ILE A 18 -1.05 -3.79 -5.69
N GLY A 19 -1.63 -3.60 -6.86
CA GLY A 19 -1.65 -4.64 -7.86
C GLY A 19 -1.14 -4.15 -9.21
N GLN A 20 -1.21 -5.03 -10.22
CA GLN A 20 -0.76 -4.69 -11.56
C GLN A 20 0.71 -4.27 -11.55
N ILE A 21 1.56 -5.13 -11.01
CA ILE A 21 2.99 -4.85 -10.94
C ILE A 21 3.81 -5.97 -11.57
N PRO A 22 4.65 -5.61 -12.55
CA PRO A 22 5.50 -6.57 -13.26
C PRO A 22 6.61 -7.12 -12.37
N ARG A 23 7.14 -8.29 -12.74
CA ARG A 23 8.20 -8.93 -11.98
C ARG A 23 9.55 -8.29 -12.29
N ASN A 24 9.57 -6.97 -12.39
CA ASN A 24 10.80 -6.24 -12.69
C ASN A 24 11.04 -5.13 -11.66
N LEU A 25 10.18 -5.07 -10.66
CA LEU A 25 10.30 -4.06 -9.61
C LEU A 25 10.92 -4.66 -8.35
N ASP A 26 11.25 -3.81 -7.39
CA ASP A 26 11.85 -4.24 -6.13
C ASP A 26 11.27 -3.47 -4.96
N GLU A 27 11.37 -4.04 -3.76
CA GLU A 27 10.87 -3.40 -2.56
C GLU A 27 11.53 -2.04 -2.34
N LYS A 28 12.84 -1.98 -2.57
CA LYS A 28 13.59 -0.75 -2.40
C LYS A 28 13.30 0.23 -3.54
N ASP A 29 12.83 -0.31 -4.66
CA ASP A 29 12.50 0.51 -5.81
C ASP A 29 11.06 0.99 -5.76
N LEU A 30 10.25 0.33 -4.94
CA LEU A 30 8.85 0.69 -4.80
C LEU A 30 8.62 1.51 -3.53
N LYS A 31 9.34 1.16 -2.47
CA LYS A 31 9.22 1.87 -1.20
C LYS A 31 9.40 3.37 -1.39
N PRO A 32 10.41 3.75 -2.19
CA PRO A 32 10.72 5.15 -2.48
C PRO A 32 9.48 5.95 -2.88
N LEU A 33 8.87 5.56 -3.99
CA LEU A 33 7.67 6.24 -4.48
C LEU A 33 6.74 6.58 -3.33
N PHE A 34 6.11 5.56 -2.76
CA PHE A 34 5.19 5.75 -1.64
C PHE A 34 5.81 6.63 -0.57
N GLU A 35 7.02 6.27 -0.14
CA GLU A 35 7.73 7.02 0.89
C GLU A 35 7.50 8.52 0.72
N GLU A 36 7.42 8.96 -0.53
CA GLU A 36 7.20 10.38 -0.82
C GLU A 36 5.77 10.79 -0.45
N PHE A 37 4.81 9.95 -0.79
CA PHE A 37 3.41 10.23 -0.50
C PHE A 37 3.13 10.09 1.00
N GLY A 38 3.64 9.02 1.60
CA GLY A 38 3.43 8.79 3.02
C GLY A 38 4.67 8.21 3.70
N LYS A 39 4.74 8.38 5.01
CA LYS A 39 5.87 7.87 5.78
C LYS A 39 5.72 6.38 6.06
N ILE A 40 5.90 5.56 5.03
CA ILE A 40 5.77 4.12 5.17
C ILE A 40 6.42 3.64 6.47
N TYR A 41 5.93 2.51 6.98
CA TYR A 41 6.45 1.94 8.21
C TYR A 41 7.11 0.60 7.96
N GLU A 42 6.56 -0.16 7.02
CA GLU A 42 7.10 -1.46 6.67
C GLU A 42 6.46 -1.98 5.38
N LEU A 43 7.28 -2.09 4.33
CA LEU A 43 6.81 -2.59 3.04
C LEU A 43 7.16 -4.06 2.85
N THR A 44 6.27 -4.79 2.19
CA THR A 44 6.50 -6.21 1.94
C THR A 44 5.82 -6.64 0.63
N VAL A 45 6.63 -7.08 -0.32
CA VAL A 45 6.12 -7.53 -1.62
C VAL A 45 5.80 -9.02 -1.58
N LEU A 46 4.52 -9.34 -1.72
CA LEU A 46 4.07 -10.73 -1.73
C LEU A 46 4.82 -11.55 -2.76
N LYS A 47 5.77 -12.36 -2.32
CA LYS A 47 6.56 -13.20 -3.21
C LYS A 47 6.60 -14.64 -2.71
N ASP A 48 5.97 -15.54 -3.45
CA ASP A 48 5.94 -16.95 -3.09
C ASP A 48 7.36 -17.52 -3.02
N ARG A 49 7.49 -18.68 -2.37
CA ARG A 49 8.78 -19.33 -2.23
C ARG A 49 8.82 -20.64 -3.01
N PHE A 50 7.69 -20.99 -3.64
CA PHE A 50 7.60 -22.22 -4.40
C PHE A 50 7.64 -21.94 -5.90
N THR A 51 6.53 -21.42 -6.43
CA THR A 51 6.43 -21.11 -7.85
C THR A 51 5.90 -19.70 -8.06
N GLY A 52 5.10 -19.23 -7.11
CA GLY A 52 4.54 -17.89 -7.22
C GLY A 52 5.54 -16.80 -6.83
N MET A 53 6.78 -16.97 -7.26
CA MET A 53 7.83 -16.01 -6.96
C MET A 53 7.48 -14.63 -7.50
N HIS A 54 6.92 -13.78 -6.64
CA HIS A 54 6.54 -12.43 -7.05
C HIS A 54 5.32 -12.46 -7.95
N LYS A 55 4.24 -13.09 -7.47
CA LYS A 55 3.01 -13.19 -8.24
C LYS A 55 2.79 -11.94 -9.09
N GLY A 56 2.61 -10.81 -8.43
CA GLY A 56 2.40 -9.56 -9.16
C GLY A 56 1.70 -8.51 -8.31
N CYS A 57 2.02 -8.49 -7.02
CA CYS A 57 1.42 -7.52 -6.10
C CYS A 57 2.32 -7.29 -4.90
N ALA A 58 1.92 -6.35 -4.04
CA ALA A 58 2.69 -6.03 -2.84
C ALA A 58 1.81 -5.38 -1.78
N PHE A 59 2.23 -5.49 -0.53
CA PHE A 59 1.48 -4.92 0.58
C PHE A 59 2.19 -3.70 1.15
N LEU A 60 1.43 -2.64 1.40
CA LEU A 60 2.00 -1.41 1.95
C LEU A 60 1.30 -1.03 3.25
N THR A 61 2.09 -0.55 4.21
CA THR A 61 1.56 -0.14 5.51
C THR A 61 1.98 1.28 5.86
N TYR A 62 0.99 2.14 6.06
CA TYR A 62 1.26 3.53 6.41
C TYR A 62 1.02 3.79 7.89
N CYS A 63 1.93 4.53 8.52
CA CYS A 63 1.80 4.85 9.94
C CYS A 63 0.41 5.36 10.27
N GLU A 64 0.02 6.47 9.65
CA GLU A 64 -1.29 7.05 9.88
C GLU A 64 -2.30 6.55 8.85
N ARG A 65 -3.58 6.82 9.10
CA ARG A 65 -4.64 6.39 8.20
C ARG A 65 -4.82 7.40 7.07
N GLU A 66 -5.09 8.65 7.43
CA GLU A 66 -5.29 9.72 6.45
C GLU A 66 -4.25 9.63 5.35
N SER A 67 -2.97 9.65 5.74
CA SER A 67 -1.87 9.59 4.78
C SER A 67 -2.18 8.59 3.67
N ALA A 68 -2.51 7.36 4.06
CA ALA A 68 -2.83 6.32 3.10
C ALA A 68 -3.89 6.78 2.11
N LEU A 69 -4.98 7.35 2.64
CA LEU A 69 -6.07 7.83 1.81
C LEU A 69 -5.54 8.65 0.64
N LYS A 70 -4.57 9.52 0.92
CA LYS A 70 -3.98 10.37 -0.11
C LYS A 70 -3.45 9.52 -1.27
N ALA A 71 -2.38 8.78 -1.01
CA ALA A 71 -1.78 7.93 -2.04
C ALA A 71 -2.81 6.97 -2.62
N GLN A 72 -3.77 6.56 -1.80
CA GLN A 72 -4.82 5.65 -2.23
C GLN A 72 -5.53 6.19 -3.47
N SER A 73 -5.86 7.47 -3.44
CA SER A 73 -6.56 8.10 -4.56
C SER A 73 -5.57 8.81 -5.48
N ALA A 74 -4.38 9.10 -4.95
CA ALA A 74 -3.35 9.77 -5.72
C ALA A 74 -2.63 8.80 -6.66
N LEU A 75 -2.68 7.51 -6.31
CA LEU A 75 -2.04 6.48 -7.12
C LEU A 75 -3.07 5.68 -7.90
N HIS A 76 -4.15 5.29 -7.22
CA HIS A 76 -5.21 4.52 -7.85
C HIS A 76 -5.69 5.20 -9.14
N GLU A 77 -5.85 4.41 -10.19
CA GLU A 77 -6.30 4.94 -11.48
C GLU A 77 -5.71 6.31 -11.73
N GLN A 78 -4.44 6.49 -11.38
CA GLN A 78 -3.76 7.76 -11.57
C GLN A 78 -2.52 7.58 -12.43
N LYS A 79 -1.75 6.55 -12.16
CA LYS A 79 -0.53 6.26 -12.91
C LYS A 79 -0.54 4.84 -13.45
N THR A 80 0.07 4.64 -14.62
CA THR A 80 0.12 3.33 -15.25
C THR A 80 1.56 2.86 -15.39
N LEU A 81 1.82 1.61 -15.02
CA LEU A 81 3.16 1.04 -15.10
C LEU A 81 3.51 0.71 -16.56
N PRO A 82 4.81 0.69 -16.86
CA PRO A 82 5.31 0.39 -18.20
C PRO A 82 5.09 -1.08 -18.58
N GLY A 83 4.40 -1.31 -19.69
CA GLY A 83 4.14 -2.66 -20.14
C GLY A 83 2.91 -3.27 -19.49
N MET A 84 1.97 -2.41 -19.10
CA MET A 84 0.74 -2.86 -18.46
C MET A 84 -0.46 -2.07 -18.97
N ASN A 85 -1.38 -2.76 -19.64
CA ASN A 85 -2.58 -2.12 -20.18
C ASN A 85 -3.44 -1.55 -19.05
N ARG A 86 -3.36 -2.18 -17.88
CA ARG A 86 -4.13 -1.74 -16.73
C ARG A 86 -3.28 -0.92 -15.77
N PRO A 87 -3.83 0.21 -15.30
CA PRO A 87 -3.13 1.10 -14.38
C PRO A 87 -2.96 0.50 -12.99
N ILE A 88 -2.01 1.02 -12.23
CA ILE A 88 -1.74 0.52 -10.88
C ILE A 88 -2.95 0.74 -9.97
N GLN A 89 -3.35 -0.33 -9.27
CA GLN A 89 -4.50 -0.25 -8.37
C GLN A 89 -4.04 -0.20 -6.91
N VAL A 90 -4.79 0.50 -6.08
CA VAL A 90 -4.46 0.62 -4.67
C VAL A 90 -5.72 0.66 -3.81
N LYS A 91 -5.83 -0.27 -2.88
CA LYS A 91 -6.99 -0.35 -1.99
C LYS A 91 -6.58 -0.84 -0.60
N PRO A 92 -7.34 -0.43 0.41
CA PRO A 92 -7.08 -0.82 1.81
C PRO A 92 -7.36 -2.30 2.06
N ALA A 93 -6.30 -3.10 2.13
CA ALA A 93 -6.44 -4.53 2.36
C ALA A 93 -7.46 -4.80 3.47
N ASP A 94 -7.28 -4.16 4.60
CA ASP A 94 -8.19 -4.34 5.73
C ASP A 94 -8.51 -3.00 6.38
N SER A 95 -9.79 -2.78 6.67
CA SER A 95 -10.25 -1.54 7.29
C SER A 95 -11.27 -1.82 8.39
N GLU A 96 -10.89 -1.51 9.63
CA GLU A 96 -11.78 -1.73 10.77
C GLU A 96 -12.62 -2.98 10.57
N SER A 97 -12.02 -4.02 10.00
CA SER A 97 -12.72 -5.27 9.75
C SER A 97 -12.71 -6.16 10.98
N ARG A 98 -13.66 -5.91 11.88
CA ARG A 98 -13.76 -6.70 13.12
C ARG A 98 -15.01 -6.32 13.89
N GLY A 99 -15.49 -7.24 14.72
CA GLY A 99 -16.67 -6.98 15.52
C GLY A 99 -17.70 -8.10 15.41
N GLY A 100 -18.59 -8.19 16.39
CA GLY A 100 -19.61 -9.21 16.38
C GLY A 100 -20.99 -8.65 16.17
N SER A 101 -21.88 -9.46 15.60
CA SER A 101 -23.25 -9.04 15.33
C SER A 101 -24.23 -9.72 16.28
N GLY A 102 -25.13 -8.94 16.85
CA GLY A 102 -26.11 -9.50 17.77
C GLY A 102 -26.38 -8.58 18.96
N PRO A 103 -26.99 -7.41 18.68
CA PRO A 103 -27.31 -6.43 19.72
C PRO A 103 -28.43 -6.91 20.64
N SER A 104 -29.21 -7.88 20.17
CA SER A 104 -30.31 -8.42 20.96
C SER A 104 -30.13 -9.92 21.17
N SER A 105 -31.05 -10.51 21.93
CA SER A 105 -31.01 -11.94 22.21
C SER A 105 -32.40 -12.49 22.48
N GLY A 106 -32.68 -13.69 21.95
CA GLY A 106 -33.98 -14.30 22.14
C GLY A 106 -34.61 -14.71 20.83
N GLY A 1 14.42 24.01 10.37
CA GLY A 1 14.03 22.62 10.44
C GLY A 1 12.58 22.39 10.05
N SER A 2 12.33 21.32 9.30
CA SER A 2 10.99 21.00 8.85
C SER A 2 10.68 19.52 9.06
N SER A 3 11.55 18.67 8.53
CA SER A 3 11.38 17.23 8.64
C SER A 3 11.94 16.71 9.97
N GLY A 4 11.13 15.93 10.67
CA GLY A 4 11.56 15.39 11.96
C GLY A 4 10.46 14.61 12.66
N SER A 5 10.43 13.31 12.44
CA SER A 5 9.41 12.45 13.05
C SER A 5 10.04 11.20 13.65
N SER A 6 9.40 10.64 14.67
CA SER A 6 9.90 9.45 15.34
C SER A 6 10.01 8.29 14.35
N GLY A 7 8.97 8.11 13.53
CA GLY A 7 8.97 7.04 12.55
C GLY A 7 8.38 5.76 13.11
N MET A 8 7.17 5.85 13.67
CA MET A 8 6.50 4.68 14.23
C MET A 8 5.02 4.68 13.86
N LYS A 9 4.47 3.49 13.65
CA LYS A 9 3.06 3.35 13.30
C LYS A 9 2.17 4.03 14.33
N ASP A 10 0.93 4.31 13.94
CA ASP A 10 -0.02 4.95 14.84
C ASP A 10 -0.98 3.92 15.45
N HIS A 11 -1.86 4.39 16.32
CA HIS A 11 -2.83 3.52 16.98
C HIS A 11 -3.38 2.50 15.99
N ASP A 12 -3.83 2.98 14.84
CA ASP A 12 -4.39 2.10 13.81
C ASP A 12 -3.50 2.08 12.57
N ALA A 13 -3.08 0.89 12.15
CA ALA A 13 -2.23 0.75 10.99
C ALA A 13 -2.95 0.01 9.87
N ILE A 14 -3.21 0.70 8.77
CA ILE A 14 -3.90 0.11 7.63
C ILE A 14 -2.91 -0.30 6.54
N LYS A 15 -3.12 -1.48 5.97
CA LYS A 15 -2.26 -1.97 4.91
C LYS A 15 -2.91 -1.80 3.54
N LEU A 16 -2.21 -1.11 2.65
CA LEU A 16 -2.72 -0.87 1.30
C LEU A 16 -2.22 -1.93 0.33
N PHE A 17 -3.15 -2.64 -0.30
CA PHE A 17 -2.81 -3.69 -1.25
C PHE A 17 -2.63 -3.11 -2.65
N ILE A 18 -1.51 -3.45 -3.28
CA ILE A 18 -1.23 -2.96 -4.63
C ILE A 18 -1.24 -4.11 -5.64
N GLY A 19 -1.88 -3.88 -6.78
CA GLY A 19 -1.95 -4.90 -7.82
C GLY A 19 -1.49 -4.38 -9.17
N GLN A 20 -1.51 -5.26 -10.16
CA GLN A 20 -1.09 -4.89 -11.51
C GLN A 20 0.37 -4.45 -11.52
N ILE A 21 1.24 -5.31 -11.00
CA ILE A 21 2.67 -4.99 -10.95
C ILE A 21 3.51 -6.16 -11.47
N PRO A 22 4.39 -5.88 -12.45
CA PRO A 22 5.25 -6.89 -13.05
C PRO A 22 6.33 -7.37 -12.08
N ARG A 23 6.77 -8.62 -12.26
CA ARG A 23 7.79 -9.20 -11.41
C ARG A 23 9.18 -8.73 -11.82
N ASN A 24 9.30 -7.44 -12.10
CA ASN A 24 10.57 -6.85 -12.51
C ASN A 24 10.94 -5.66 -11.62
N LEU A 25 10.10 -5.41 -10.63
CA LEU A 25 10.34 -4.30 -9.70
C LEU A 25 10.94 -4.81 -8.39
N ASP A 26 11.32 -3.87 -7.52
CA ASP A 26 11.91 -4.22 -6.23
C ASP A 26 11.39 -3.30 -5.13
N GLU A 27 11.39 -3.79 -3.90
CA GLU A 27 10.92 -3.02 -2.76
C GLU A 27 11.60 -1.65 -2.72
N LYS A 28 12.90 -1.63 -2.98
CA LYS A 28 13.67 -0.39 -2.97
C LYS A 28 13.18 0.55 -4.07
N ASP A 29 12.62 -0.02 -5.13
CA ASP A 29 12.12 0.77 -6.25
C ASP A 29 10.61 0.95 -6.15
N LEU A 30 10.05 0.54 -5.03
CA LEU A 30 8.61 0.67 -4.80
C LEU A 30 8.32 1.56 -3.60
N LYS A 31 9.16 1.44 -2.56
CA LYS A 31 9.00 2.24 -1.36
C LYS A 31 9.13 3.72 -1.66
N PRO A 32 10.13 4.08 -2.49
CA PRO A 32 10.38 5.46 -2.89
C PRO A 32 9.11 6.18 -3.33
N LEU A 33 8.39 5.58 -4.27
CA LEU A 33 7.16 6.17 -4.78
C LEU A 33 6.21 6.50 -3.64
N PHE A 34 5.62 5.47 -3.05
CA PHE A 34 4.68 5.67 -1.94
C PHE A 34 5.30 6.53 -0.85
N GLU A 35 6.47 6.11 -0.36
CA GLU A 35 7.16 6.86 0.68
C GLU A 35 7.02 8.37 0.48
N GLU A 36 7.23 8.80 -0.76
CA GLU A 36 7.13 10.22 -1.09
C GLU A 36 5.75 10.75 -0.76
N PHE A 37 4.72 9.95 -1.02
CA PHE A 37 3.35 10.35 -0.74
C PHE A 37 3.04 10.25 0.74
N GLY A 38 3.45 9.14 1.35
CA GLY A 38 3.21 8.95 2.77
C GLY A 38 4.37 8.27 3.46
N LYS A 39 4.36 8.30 4.80
CA LYS A 39 5.42 7.69 5.59
C LYS A 39 5.22 6.18 5.69
N ILE A 40 6.19 5.42 5.18
CA ILE A 40 6.11 3.96 5.23
C ILE A 40 6.81 3.42 6.47
N TYR A 41 6.17 2.44 7.10
CA TYR A 41 6.72 1.83 8.31
C TYR A 41 7.36 0.48 8.00
N GLU A 42 6.70 -0.29 7.13
CA GLU A 42 7.20 -1.61 6.75
C GLU A 42 6.56 -2.07 5.45
N LEU A 43 7.40 -2.33 4.45
CA LEU A 43 6.91 -2.79 3.15
C LEU A 43 7.15 -4.28 2.97
N THR A 44 6.21 -4.95 2.30
CA THR A 44 6.31 -6.38 2.07
C THR A 44 5.74 -6.76 0.70
N VAL A 45 6.59 -7.31 -0.16
CA VAL A 45 6.17 -7.71 -1.50
C VAL A 45 5.73 -9.17 -1.51
N LEU A 46 4.41 -9.38 -1.43
CA LEU A 46 3.86 -10.73 -1.44
C LEU A 46 4.64 -11.64 -2.38
N LYS A 47 5.38 -12.58 -1.81
CA LYS A 47 6.17 -13.51 -2.60
C LYS A 47 5.86 -14.96 -2.21
N ASP A 48 5.73 -15.82 -3.21
CA ASP A 48 5.44 -17.23 -2.97
C ASP A 48 6.65 -17.96 -2.42
N ARG A 49 7.84 -17.45 -2.75
CA ARG A 49 9.09 -18.06 -2.29
C ARG A 49 9.16 -19.53 -2.69
N PHE A 50 8.44 -19.88 -3.76
CA PHE A 50 8.42 -21.26 -4.24
C PHE A 50 8.57 -21.31 -5.75
N THR A 51 7.51 -20.93 -6.46
CA THR A 51 7.52 -20.93 -7.91
C THR A 51 6.90 -19.65 -8.47
N GLY A 52 5.84 -19.18 -7.83
CA GLY A 52 5.18 -17.98 -8.27
C GLY A 52 5.89 -16.72 -7.81
N MET A 53 7.20 -16.81 -7.65
CA MET A 53 8.00 -15.68 -7.21
C MET A 53 7.46 -14.37 -7.79
N HIS A 54 7.06 -13.46 -6.92
CA HIS A 54 6.53 -12.17 -7.34
C HIS A 54 5.16 -12.34 -7.99
N LYS A 55 4.24 -12.96 -7.25
CA LYS A 55 2.88 -13.18 -7.74
C LYS A 55 2.44 -12.04 -8.66
N GLY A 56 2.33 -10.85 -8.09
CA GLY A 56 1.91 -9.69 -8.87
C GLY A 56 1.26 -8.63 -8.03
N CYS A 57 1.74 -8.47 -6.80
CA CYS A 57 1.19 -7.47 -5.88
C CYS A 57 2.13 -7.23 -4.71
N ALA A 58 1.77 -6.29 -3.86
CA ALA A 58 2.58 -5.95 -2.68
C ALA A 58 1.74 -5.29 -1.61
N PHE A 59 2.08 -5.55 -0.35
CA PHE A 59 1.36 -4.98 0.78
C PHE A 59 2.14 -3.82 1.39
N LEU A 60 1.51 -2.64 1.42
CA LEU A 60 2.15 -1.46 1.97
C LEU A 60 1.54 -1.08 3.32
N THR A 61 2.36 -0.59 4.24
CA THR A 61 1.90 -0.20 5.56
C THR A 61 2.17 1.27 5.82
N TYR A 62 1.10 2.06 5.91
CA TYR A 62 1.23 3.49 6.16
C TYR A 62 1.06 3.81 7.65
N CYS A 63 2.00 4.58 8.19
CA CYS A 63 1.97 4.95 9.60
C CYS A 63 0.64 5.60 9.95
N GLU A 64 0.40 6.79 9.38
CA GLU A 64 -0.83 7.52 9.64
C GLU A 64 -2.01 6.87 8.92
N ARG A 65 -3.22 7.30 9.28
CA ARG A 65 -4.43 6.75 8.67
C ARG A 65 -4.73 7.45 7.35
N GLU A 66 -4.86 8.78 7.39
CA GLU A 66 -5.15 9.55 6.20
C GLU A 66 -4.03 9.42 5.17
N SER A 67 -2.79 9.50 5.64
CA SER A 67 -1.63 9.39 4.76
C SER A 67 -1.85 8.32 3.71
N ALA A 68 -2.51 7.23 4.11
CA ALA A 68 -2.79 6.13 3.19
C ALA A 68 -3.80 6.54 2.13
N LEU A 69 -4.84 7.24 2.55
CA LEU A 69 -5.89 7.69 1.64
C LEU A 69 -5.29 8.50 0.49
N LYS A 70 -4.47 9.48 0.84
CA LYS A 70 -3.83 10.33 -0.17
C LYS A 70 -3.24 9.49 -1.29
N ALA A 71 -2.22 8.71 -0.97
CA ALA A 71 -1.56 7.85 -1.95
C ALA A 71 -2.56 6.89 -2.59
N GLN A 72 -3.54 6.47 -1.80
CA GLN A 72 -4.56 5.54 -2.29
C GLN A 72 -5.29 6.12 -3.49
N SER A 73 -6.00 7.23 -3.28
CA SER A 73 -6.75 7.88 -4.35
C SER A 73 -5.81 8.60 -5.31
N ALA A 74 -4.63 8.96 -4.82
CA ALA A 74 -3.64 9.65 -5.63
C ALA A 74 -3.01 8.70 -6.65
N LEU A 75 -2.89 7.44 -6.28
CA LEU A 75 -2.31 6.44 -7.18
C LEU A 75 -3.40 5.67 -7.92
N HIS A 76 -4.42 5.24 -7.19
CA HIS A 76 -5.52 4.50 -7.78
C HIS A 76 -5.98 5.15 -9.09
N GLU A 77 -6.09 4.34 -10.14
CA GLU A 77 -6.51 4.83 -11.44
C GLU A 77 -5.95 6.23 -11.69
N GLN A 78 -4.67 6.41 -11.39
CA GLN A 78 -4.02 7.69 -11.58
C GLN A 78 -2.66 7.52 -12.28
N LYS A 79 -1.91 6.51 -11.84
CA LYS A 79 -0.61 6.23 -12.41
C LYS A 79 -0.59 4.88 -13.12
N THR A 80 0.34 4.72 -14.07
CA THR A 80 0.46 3.48 -14.81
C THR A 80 1.92 3.07 -14.98
N LEU A 81 2.27 1.90 -14.46
CA LEU A 81 3.63 1.41 -14.57
C LEU A 81 3.98 1.07 -16.01
N PRO A 82 5.28 1.18 -16.35
CA PRO A 82 5.77 0.89 -17.70
C PRO A 82 5.73 -0.60 -18.02
N GLY A 83 4.97 -0.97 -19.04
CA GLY A 83 4.85 -2.36 -19.43
C GLY A 83 3.43 -2.88 -19.30
N MET A 84 2.67 -2.29 -18.38
CA MET A 84 1.29 -2.71 -18.16
C MET A 84 0.32 -1.76 -18.87
N ASN A 85 -0.51 -2.33 -19.75
CA ASN A 85 -1.49 -1.52 -20.49
C ASN A 85 -2.45 -0.82 -19.54
N ARG A 86 -2.80 -1.50 -18.45
CA ARG A 86 -3.72 -0.94 -17.46
C ARG A 86 -2.96 -0.24 -16.35
N PRO A 87 -3.62 0.71 -15.68
CA PRO A 87 -3.02 1.49 -14.59
C PRO A 87 -2.78 0.64 -13.35
N ILE A 88 -2.33 1.27 -12.28
CA ILE A 88 -2.07 0.58 -11.02
C ILE A 88 -3.23 0.73 -10.06
N GLN A 89 -3.55 -0.36 -9.35
CA GLN A 89 -4.64 -0.35 -8.39
C GLN A 89 -4.11 -0.29 -6.95
N VAL A 90 -4.71 0.58 -6.14
CA VAL A 90 -4.30 0.74 -4.76
C VAL A 90 -5.51 0.88 -3.85
N LYS A 91 -5.73 -0.13 -3.01
CA LYS A 91 -6.85 -0.12 -2.08
C LYS A 91 -6.47 -0.78 -0.76
N PRO A 92 -7.14 -0.38 0.33
CA PRO A 92 -6.90 -0.92 1.66
C PRO A 92 -7.36 -2.37 1.80
N ALA A 93 -6.46 -3.23 2.25
CA ALA A 93 -6.78 -4.65 2.44
C ALA A 93 -7.88 -4.83 3.48
N ASP A 94 -9.12 -4.83 3.03
CA ASP A 94 -10.26 -4.99 3.93
C ASP A 94 -11.05 -6.25 3.57
N SER A 95 -10.52 -7.41 3.94
CA SER A 95 -11.18 -8.68 3.65
C SER A 95 -11.53 -9.41 4.95
N GLU A 96 -10.53 -9.62 5.80
CA GLU A 96 -10.73 -10.31 7.06
C GLU A 96 -11.15 -9.32 8.16
N SER A 97 -11.89 -9.81 9.14
CA SER A 97 -12.36 -8.98 10.24
C SER A 97 -11.99 -9.60 11.58
N ARG A 98 -10.77 -9.34 12.03
CA ARG A 98 -10.29 -9.88 13.30
C ARG A 98 -11.21 -9.45 14.45
N GLY A 99 -11.39 -8.15 14.61
CA GLY A 99 -12.24 -7.64 15.66
C GLY A 99 -11.73 -8.00 17.05
N GLY A 100 -12.63 -8.51 17.88
CA GLY A 100 -12.25 -8.90 19.23
C GLY A 100 -13.36 -9.61 19.97
N SER A 101 -13.41 -10.93 19.82
CA SER A 101 -14.43 -11.74 20.47
C SER A 101 -14.19 -11.82 21.97
N GLY A 102 -13.04 -12.36 22.36
CA GLY A 102 -12.71 -12.48 23.77
C GLY A 102 -13.41 -13.65 24.43
N PRO A 103 -12.73 -14.79 24.47
CA PRO A 103 -13.27 -16.02 25.08
C PRO A 103 -13.36 -15.92 26.59
N SER A 104 -14.50 -16.35 27.14
CA SER A 104 -14.71 -16.30 28.58
C SER A 104 -14.70 -17.70 29.17
N SER A 105 -13.51 -18.16 29.56
CA SER A 105 -13.35 -19.48 30.15
C SER A 105 -13.07 -19.39 31.65
N GLY A 106 -13.67 -20.29 32.41
CA GLY A 106 -13.47 -20.30 33.86
C GLY A 106 -12.07 -19.88 34.25
N GLY A 1 4.05 25.62 14.71
CA GLY A 1 3.11 24.78 13.97
C GLY A 1 3.34 23.31 14.22
N SER A 2 4.30 22.72 13.52
CA SER A 2 4.61 21.31 13.66
C SER A 2 6.03 21.12 14.19
N SER A 3 6.13 20.71 15.45
CA SER A 3 7.43 20.49 16.09
C SER A 3 8.25 19.47 15.30
N GLY A 4 7.58 18.75 14.40
CA GLY A 4 8.26 17.75 13.60
C GLY A 4 8.72 16.56 14.42
N SER A 5 8.02 15.44 14.28
CA SER A 5 8.36 14.23 15.02
C SER A 5 7.52 13.05 14.54
N SER A 6 8.02 11.84 14.78
CA SER A 6 7.31 10.63 14.38
C SER A 6 7.70 9.46 15.28
N GLY A 7 6.96 8.35 15.15
CA GLY A 7 7.23 7.18 15.95
C GLY A 7 6.68 5.91 15.33
N MET A 8 6.22 4.99 16.18
CA MET A 8 5.67 3.73 15.70
C MET A 8 4.29 3.95 15.09
N LYS A 9 3.76 2.90 14.46
CA LYS A 9 2.44 2.98 13.82
C LYS A 9 1.38 3.40 14.83
N ASP A 10 0.42 4.19 14.38
CA ASP A 10 -0.66 4.65 15.25
C ASP A 10 -1.49 3.48 15.76
N HIS A 11 -2.28 3.74 16.80
CA HIS A 11 -3.12 2.70 17.39
C HIS A 11 -3.74 1.82 16.30
N ASP A 12 -4.20 2.45 15.23
CA ASP A 12 -4.80 1.72 14.11
C ASP A 12 -4.00 1.90 12.83
N ALA A 13 -3.40 0.83 12.35
CA ALA A 13 -2.61 0.88 11.13
C ALA A 13 -3.33 0.19 9.98
N ILE A 14 -3.44 0.89 8.86
CA ILE A 14 -4.11 0.35 7.68
C ILE A 14 -3.10 -0.13 6.64
N LYS A 15 -3.30 -1.34 6.15
CA LYS A 15 -2.41 -1.91 5.14
C LYS A 15 -2.99 -1.76 3.74
N LEU A 16 -2.29 -1.00 2.90
CA LEU A 16 -2.74 -0.77 1.52
C LEU A 16 -2.37 -1.95 0.63
N PHE A 17 -3.34 -2.43 -0.14
CA PHE A 17 -3.11 -3.55 -1.05
C PHE A 17 -2.92 -3.06 -2.49
N ILE A 18 -1.70 -3.19 -2.99
CA ILE A 18 -1.40 -2.76 -4.35
C ILE A 18 -1.37 -3.96 -5.31
N GLY A 19 -1.90 -3.75 -6.52
CA GLY A 19 -1.93 -4.81 -7.50
C GLY A 19 -1.49 -4.34 -8.88
N GLN A 20 -1.59 -5.23 -9.86
CA GLN A 20 -1.19 -4.90 -11.22
C GLN A 20 0.26 -4.44 -11.29
N ILE A 21 1.16 -5.28 -10.78
CA ILE A 21 2.58 -4.97 -10.77
C ILE A 21 3.41 -6.13 -11.29
N PRO A 22 4.26 -5.86 -12.28
CA PRO A 22 5.13 -6.89 -12.88
C PRO A 22 6.22 -7.35 -11.93
N ARG A 23 6.78 -8.52 -12.21
CA ARG A 23 7.84 -9.08 -11.38
C ARG A 23 9.20 -8.57 -11.83
N ASN A 24 9.28 -7.28 -12.13
CA ASN A 24 10.53 -6.67 -12.57
C ASN A 24 10.90 -5.50 -11.68
N LEU A 25 10.09 -5.25 -10.66
CA LEU A 25 10.34 -4.16 -9.74
C LEU A 25 10.96 -4.66 -8.43
N ASP A 26 11.36 -3.74 -7.57
CA ASP A 26 11.97 -4.11 -6.29
C ASP A 26 11.47 -3.19 -5.17
N GLU A 27 11.58 -3.65 -3.93
CA GLU A 27 11.15 -2.88 -2.78
C GLU A 27 11.88 -1.54 -2.72
N LYS A 28 13.13 -1.54 -3.14
CA LYS A 28 13.94 -0.33 -3.14
C LYS A 28 13.54 0.60 -4.28
N ASP A 29 12.74 0.08 -5.20
CA ASP A 29 12.29 0.87 -6.34
C ASP A 29 10.80 1.19 -6.21
N LEU A 30 10.14 0.58 -5.23
CA LEU A 30 8.72 0.79 -5.00
C LEU A 30 8.50 1.61 -3.73
N LYS A 31 9.32 1.37 -2.72
CA LYS A 31 9.22 2.08 -1.45
C LYS A 31 9.35 3.58 -1.66
N PRO A 32 10.31 3.99 -2.51
CA PRO A 32 10.57 5.40 -2.82
C PRO A 32 9.28 6.15 -3.16
N LEU A 33 8.62 5.75 -4.24
CA LEU A 33 7.39 6.39 -4.66
C LEU A 33 6.48 6.67 -3.46
N PHE A 34 5.97 5.60 -2.85
CA PHE A 34 5.08 5.75 -1.70
C PHE A 34 5.70 6.67 -0.66
N GLU A 35 6.92 6.35 -0.23
CA GLU A 35 7.61 7.15 0.77
C GLU A 35 7.33 8.63 0.56
N GLU A 36 7.17 9.04 -0.69
CA GLU A 36 6.90 10.43 -1.02
C GLU A 36 5.52 10.85 -0.52
N PHE A 37 4.50 10.13 -0.96
CA PHE A 37 3.12 10.42 -0.56
C PHE A 37 2.94 10.23 0.94
N GLY A 38 3.49 9.13 1.46
CA GLY A 38 3.38 8.86 2.89
C GLY A 38 4.66 8.28 3.46
N LYS A 39 4.84 8.46 4.77
CA LYS A 39 6.03 7.95 5.45
C LYS A 39 5.89 6.46 5.74
N ILE A 40 6.08 5.64 4.72
CA ILE A 40 5.98 4.19 4.87
C ILE A 40 6.57 3.74 6.20
N TYR A 41 6.15 2.56 6.66
CA TYR A 41 6.63 2.02 7.92
C TYR A 41 7.30 0.66 7.70
N GLU A 42 6.78 -0.09 6.73
CA GLU A 42 7.31 -1.41 6.43
C GLU A 42 6.68 -1.99 5.17
N LEU A 43 7.49 -2.12 4.12
CA LEU A 43 7.01 -2.66 2.85
C LEU A 43 7.29 -4.14 2.75
N THR A 44 6.29 -4.91 2.30
CA THR A 44 6.43 -6.35 2.15
C THR A 44 5.87 -6.82 0.81
N VAL A 45 6.73 -7.42 0.00
CA VAL A 45 6.33 -7.92 -1.31
C VAL A 45 5.70 -9.30 -1.20
N LEU A 46 4.48 -9.43 -1.72
CA LEU A 46 3.77 -10.70 -1.69
C LEU A 46 4.30 -11.65 -2.74
N LYS A 47 5.07 -12.65 -2.30
CA LYS A 47 5.64 -13.64 -3.21
C LYS A 47 5.56 -15.04 -2.61
N ASP A 48 5.48 -16.05 -3.46
CA ASP A 48 5.41 -17.43 -3.02
C ASP A 48 6.81 -18.04 -2.88
N ARG A 49 6.87 -19.26 -2.36
CA ARG A 49 8.15 -19.93 -2.18
C ARG A 49 8.13 -21.31 -2.84
N PHE A 50 7.01 -21.65 -3.47
CA PHE A 50 6.86 -22.93 -4.13
C PHE A 50 6.78 -22.76 -5.65
N THR A 51 5.66 -22.22 -6.12
CA THR A 51 5.46 -22.00 -7.55
C THR A 51 5.05 -20.56 -7.83
N GLY A 52 4.36 -19.96 -6.88
CA GLY A 52 3.92 -18.58 -7.04
C GLY A 52 5.04 -17.58 -6.83
N MET A 53 6.20 -17.86 -7.44
CA MET A 53 7.35 -16.98 -7.32
C MET A 53 6.92 -15.52 -7.22
N HIS A 54 5.96 -15.14 -8.05
CA HIS A 54 5.46 -13.77 -8.07
C HIS A 54 3.97 -13.73 -8.41
N LYS A 55 3.14 -13.48 -7.41
CA LYS A 55 1.70 -13.43 -7.60
C LYS A 55 1.31 -12.21 -8.43
N GLY A 56 1.83 -11.04 -8.05
CA GLY A 56 1.52 -9.82 -8.76
C GLY A 56 0.89 -8.76 -7.88
N CYS A 57 1.47 -8.56 -6.70
CA CYS A 57 0.96 -7.57 -5.76
C CYS A 57 1.89 -7.44 -4.55
N ALA A 58 1.59 -6.48 -3.69
CA ALA A 58 2.40 -6.24 -2.50
C ALA A 58 1.59 -5.53 -1.42
N PHE A 59 1.96 -5.75 -0.17
CA PHE A 59 1.27 -5.12 0.96
C PHE A 59 2.09 -3.97 1.53
N LEU A 60 1.47 -2.80 1.63
CA LEU A 60 2.14 -1.62 2.16
C LEU A 60 1.53 -1.20 3.49
N THR A 61 2.35 -0.60 4.35
CA THR A 61 1.89 -0.14 5.65
C THR A 61 2.21 1.33 5.87
N TYR A 62 1.19 2.18 5.83
CA TYR A 62 1.37 3.61 6.02
C TYR A 62 1.19 3.99 7.48
N CYS A 63 2.20 4.63 8.05
CA CYS A 63 2.16 5.06 9.45
C CYS A 63 0.77 5.56 9.82
N GLU A 64 0.38 6.70 9.25
CA GLU A 64 -0.91 7.29 9.53
C GLU A 64 -1.98 6.70 8.61
N ARG A 65 -2.90 5.95 9.18
CA ARG A 65 -3.97 5.33 8.41
C ARG A 65 -4.58 6.32 7.42
N GLU A 66 -4.79 7.55 7.88
CA GLU A 66 -5.37 8.59 7.04
C GLU A 66 -4.49 8.83 5.82
N SER A 67 -3.20 9.03 6.04
CA SER A 67 -2.26 9.29 4.95
C SER A 67 -2.51 8.34 3.79
N ALA A 68 -2.71 7.07 4.10
CA ALA A 68 -2.96 6.05 3.07
C ALA A 68 -4.11 6.48 2.17
N LEU A 69 -5.15 7.07 2.76
CA LEU A 69 -6.31 7.52 2.00
C LEU A 69 -5.89 8.46 0.87
N LYS A 70 -4.83 9.23 1.11
CA LYS A 70 -4.33 10.16 0.11
C LYS A 70 -3.78 9.42 -1.10
N ALA A 71 -2.65 8.74 -0.91
CA ALA A 71 -2.03 7.97 -1.99
C ALA A 71 -3.04 7.07 -2.68
N GLN A 72 -4.01 6.58 -1.91
CA GLN A 72 -5.04 5.69 -2.46
C GLN A 72 -5.60 6.25 -3.76
N SER A 73 -6.19 7.43 -3.69
CA SER A 73 -6.78 8.06 -4.87
C SER A 73 -5.70 8.76 -5.70
N ALA A 74 -4.57 9.04 -5.07
CA ALA A 74 -3.46 9.70 -5.74
C ALA A 74 -2.71 8.74 -6.67
N LEU A 75 -2.93 7.44 -6.45
CA LEU A 75 -2.29 6.42 -7.25
C LEU A 75 -3.31 5.64 -8.08
N HIS A 76 -4.37 5.20 -7.43
CA HIS A 76 -5.43 4.46 -8.11
C HIS A 76 -5.81 5.14 -9.42
N GLU A 77 -5.70 4.40 -10.52
CA GLU A 77 -6.03 4.93 -11.84
C GLU A 77 -5.33 6.26 -12.08
N GLN A 78 -4.10 6.38 -11.60
CA GLN A 78 -3.33 7.61 -11.75
C GLN A 78 -1.91 7.31 -12.22
N LYS A 79 -1.34 6.25 -11.67
CA LYS A 79 0.02 5.84 -12.03
C LYS A 79 0.01 4.54 -12.83
N THR A 80 0.65 4.56 -14.00
CA THR A 80 0.71 3.39 -14.85
C THR A 80 2.16 2.95 -15.08
N LEU A 81 2.47 1.72 -14.71
CA LEU A 81 3.81 1.18 -14.88
C LEU A 81 4.10 0.86 -16.34
N PRO A 82 5.38 0.94 -16.72
CA PRO A 82 5.81 0.67 -18.09
C PRO A 82 5.69 -0.81 -18.46
N GLY A 83 4.81 -1.11 -19.40
CA GLY A 83 4.62 -2.49 -19.82
C GLY A 83 3.23 -3.01 -19.51
N MET A 84 2.50 -2.28 -18.66
CA MET A 84 1.15 -2.67 -18.28
C MET A 84 0.12 -1.69 -18.85
N ASN A 85 -0.67 -2.16 -19.81
CA ASN A 85 -1.69 -1.33 -20.44
C ASN A 85 -2.66 -0.80 -19.40
N ARG A 86 -2.81 -1.54 -18.30
CA ARG A 86 -3.72 -1.13 -17.23
C ARG A 86 -2.97 -0.39 -16.13
N PRO A 87 -3.59 0.67 -15.59
CA PRO A 87 -3.00 1.49 -14.53
C PRO A 87 -2.93 0.74 -13.20
N ILE A 88 -2.02 1.16 -12.34
CA ILE A 88 -1.84 0.54 -11.03
C ILE A 88 -3.07 0.76 -10.15
N GLN A 89 -3.41 -0.25 -9.36
CA GLN A 89 -4.56 -0.15 -8.46
C GLN A 89 -4.12 -0.14 -7.00
N VAL A 90 -4.75 0.74 -6.21
CA VAL A 90 -4.42 0.85 -4.80
C VAL A 90 -5.68 0.92 -3.94
N LYS A 91 -5.85 -0.08 -3.08
CA LYS A 91 -7.02 -0.15 -2.20
C LYS A 91 -6.64 -0.72 -0.84
N PRO A 92 -7.23 -0.16 0.22
CA PRO A 92 -6.98 -0.61 1.60
C PRO A 92 -7.57 -1.98 1.87
N ALA A 93 -6.71 -2.93 2.24
CA ALA A 93 -7.15 -4.29 2.54
C ALA A 93 -8.15 -4.30 3.69
N ASP A 94 -7.74 -3.76 4.84
CA ASP A 94 -8.59 -3.71 6.01
C ASP A 94 -9.92 -3.02 5.69
N SER A 95 -10.87 -3.12 6.61
CA SER A 95 -12.19 -2.51 6.43
C SER A 95 -12.92 -2.39 7.76
N GLU A 96 -13.10 -1.16 8.21
CA GLU A 96 -13.79 -0.90 9.48
C GLU A 96 -14.98 0.03 9.26
N SER A 97 -15.72 0.28 10.34
CA SER A 97 -16.89 1.15 10.28
C SER A 97 -17.00 2.00 11.54
N ARG A 98 -17.71 3.12 11.43
CA ARG A 98 -17.89 4.02 12.57
C ARG A 98 -19.35 4.42 12.70
N GLY A 99 -19.69 5.03 13.84
CA GLY A 99 -21.06 5.45 14.07
C GLY A 99 -21.14 6.81 14.74
N GLY A 100 -22.13 7.59 14.37
CA GLY A 100 -22.30 8.92 14.95
C GLY A 100 -22.27 8.89 16.47
N SER A 101 -21.32 9.59 17.06
CA SER A 101 -21.20 9.64 18.51
C SER A 101 -21.55 11.03 19.05
N GLY A 102 -21.82 11.10 20.35
CA GLY A 102 -22.17 12.37 20.96
C GLY A 102 -20.97 13.29 21.09
N PRO A 103 -21.20 14.59 20.86
CA PRO A 103 -20.15 15.61 20.95
C PRO A 103 -19.70 15.85 22.39
N SER A 104 -18.37 15.90 22.57
CA SER A 104 -17.82 16.12 23.90
C SER A 104 -17.98 17.58 24.33
N SER A 105 -17.66 17.86 25.58
CA SER A 105 -17.77 19.21 26.12
C SER A 105 -16.98 19.34 27.42
N GLY A 106 -16.47 20.55 27.68
CA GLY A 106 -15.70 20.80 28.88
C GLY A 106 -15.21 22.22 28.96
N GLY A 1 21.88 5.72 5.31
CA GLY A 1 21.45 6.15 6.63
C GLY A 1 22.28 5.54 7.74
N SER A 2 22.38 6.24 8.86
CA SER A 2 23.16 5.75 10.00
C SER A 2 22.47 6.10 11.31
N SER A 3 22.50 5.18 12.26
CA SER A 3 21.88 5.39 13.56
C SER A 3 20.57 6.16 13.42
N GLY A 4 19.79 5.79 12.41
CA GLY A 4 18.51 6.44 12.18
C GLY A 4 17.34 5.66 12.72
N SER A 5 16.59 6.26 13.63
CA SER A 5 15.43 5.60 14.23
C SER A 5 14.21 5.71 13.33
N SER A 6 13.56 4.58 13.06
CA SER A 6 12.38 4.56 12.21
C SER A 6 11.30 5.49 12.75
N GLY A 7 10.94 5.30 14.01
CA GLY A 7 9.92 6.13 14.62
C GLY A 7 8.83 5.32 15.28
N MET A 8 7.57 5.64 14.97
CA MET A 8 6.44 4.93 15.55
C MET A 8 5.13 5.35 14.87
N LYS A 9 4.24 4.39 14.67
CA LYS A 9 2.96 4.66 14.04
C LYS A 9 2.07 5.52 14.94
N ASP A 10 1.62 6.65 14.42
CA ASP A 10 0.77 7.55 15.18
C ASP A 10 -0.69 7.09 15.16
N HIS A 11 -1.23 6.91 13.95
CA HIS A 11 -2.61 6.47 13.79
C HIS A 11 -2.65 5.02 13.30
N ASP A 12 -3.80 4.37 13.50
CA ASP A 12 -3.97 2.98 13.09
C ASP A 12 -3.41 2.75 11.68
N ALA A 13 -2.43 1.87 11.58
CA ALA A 13 -1.82 1.56 10.29
C ALA A 13 -2.75 0.74 9.42
N ILE A 14 -2.80 1.08 8.13
CA ILE A 14 -3.66 0.37 7.18
C ILE A 14 -2.83 -0.42 6.18
N LYS A 15 -3.22 -1.67 5.95
CA LYS A 15 -2.52 -2.54 5.02
C LYS A 15 -3.09 -2.38 3.61
N LEU A 16 -2.54 -1.42 2.86
CA LEU A 16 -2.98 -1.18 1.50
C LEU A 16 -2.45 -2.24 0.55
N PHE A 17 -3.36 -2.90 -0.16
CA PHE A 17 -2.98 -3.94 -1.11
C PHE A 17 -2.80 -3.36 -2.51
N ILE A 18 -1.56 -3.40 -2.99
CA ILE A 18 -1.25 -2.88 -4.32
C ILE A 18 -1.19 -4.00 -5.36
N GLY A 19 -1.85 -3.78 -6.50
CA GLY A 19 -1.86 -4.79 -7.54
C GLY A 19 -1.40 -4.23 -8.88
N GLN A 20 -1.58 -5.02 -9.93
CA GLN A 20 -1.18 -4.60 -11.27
C GLN A 20 0.30 -4.21 -11.31
N ILE A 21 1.15 -5.12 -10.88
CA ILE A 21 2.59 -4.88 -10.86
C ILE A 21 3.35 -6.06 -11.44
N PRO A 22 4.28 -5.76 -12.37
CA PRO A 22 5.09 -6.78 -13.03
C PRO A 22 6.11 -7.41 -12.09
N ARG A 23 7.00 -8.22 -12.64
CA ARG A 23 8.03 -8.89 -11.85
C ARG A 23 9.41 -8.35 -12.19
N ASN A 24 9.53 -7.03 -12.28
CA ASN A 24 10.80 -6.40 -12.61
C ASN A 24 11.07 -5.22 -11.67
N LEU A 25 10.26 -5.11 -10.63
CA LEU A 25 10.42 -4.03 -9.65
C LEU A 25 11.12 -4.53 -8.39
N ASP A 26 11.45 -3.61 -7.49
CA ASP A 26 12.12 -3.96 -6.25
C ASP A 26 11.57 -3.13 -5.09
N GLU A 27 11.67 -3.67 -3.88
CA GLU A 27 11.19 -2.98 -2.69
C GLU A 27 11.79 -1.58 -2.58
N LYS A 28 13.08 -1.47 -2.90
CA LYS A 28 13.78 -0.20 -2.85
C LYS A 28 13.33 0.72 -3.97
N ASP A 29 12.73 0.13 -5.01
CA ASP A 29 12.25 0.90 -6.15
C ASP A 29 10.81 1.32 -5.95
N LEU A 30 10.07 0.56 -5.14
CA LEU A 30 8.67 0.85 -4.87
C LEU A 30 8.53 1.73 -3.63
N LYS A 31 9.39 1.49 -2.65
CA LYS A 31 9.37 2.25 -1.41
C LYS A 31 9.36 3.75 -1.69
N PRO A 32 10.22 4.19 -2.63
CA PRO A 32 10.32 5.59 -3.01
C PRO A 32 8.97 6.23 -3.29
N LEU A 33 8.27 5.71 -4.30
CA LEU A 33 6.95 6.23 -4.65
C LEU A 33 6.15 6.60 -3.41
N PHE A 34 5.69 5.58 -2.69
CA PHE A 34 4.91 5.80 -1.47
C PHE A 34 5.68 6.66 -0.48
N GLU A 35 6.86 6.19 -0.09
CA GLU A 35 7.70 6.91 0.86
C GLU A 35 7.58 8.41 0.66
N GLU A 36 7.37 8.82 -0.59
CA GLU A 36 7.23 10.24 -0.93
C GLU A 36 5.89 10.78 -0.44
N PHE A 37 4.82 10.09 -0.78
CA PHE A 37 3.48 10.51 -0.38
C PHE A 37 3.30 10.37 1.13
N GLY A 38 3.72 9.23 1.66
CA GLY A 38 3.59 8.99 3.09
C GLY A 38 4.79 8.26 3.66
N LYS A 39 4.95 8.33 4.98
CA LYS A 39 6.07 7.68 5.66
C LYS A 39 5.77 6.20 5.87
N ILE A 40 6.13 5.39 4.89
CA ILE A 40 5.90 3.94 4.97
C ILE A 40 6.24 3.41 6.36
N TYR A 41 5.60 2.32 6.73
CA TYR A 41 5.82 1.71 8.04
C TYR A 41 6.50 0.34 7.90
N GLU A 42 6.15 -0.37 6.83
CA GLU A 42 6.72 -1.69 6.57
C GLU A 42 6.25 -2.24 5.23
N LEU A 43 7.18 -2.36 4.30
CA LEU A 43 6.86 -2.87 2.96
C LEU A 43 7.20 -4.35 2.85
N THR A 44 6.33 -5.10 2.18
CA THR A 44 6.52 -6.52 1.99
C THR A 44 5.94 -7.00 0.67
N VAL A 45 6.82 -7.38 -0.25
CA VAL A 45 6.39 -7.85 -1.57
C VAL A 45 5.68 -9.20 -1.46
N LEU A 46 4.57 -9.33 -2.18
CA LEU A 46 3.79 -10.57 -2.16
C LEU A 46 4.27 -11.52 -3.25
N LYS A 47 5.11 -12.48 -2.86
CA LYS A 47 5.63 -13.46 -3.81
C LYS A 47 5.57 -14.87 -3.23
N ASP A 48 5.27 -15.84 -4.08
CA ASP A 48 5.18 -17.23 -3.65
C ASP A 48 6.55 -17.90 -3.69
N ARG A 49 6.60 -19.15 -3.23
CA ARG A 49 7.84 -19.91 -3.22
C ARG A 49 7.68 -21.26 -3.92
N PHE A 50 6.47 -21.52 -4.41
CA PHE A 50 6.17 -22.76 -5.09
C PHE A 50 5.95 -22.53 -6.59
N THR A 51 4.90 -21.79 -6.93
CA THR A 51 4.58 -21.50 -8.31
C THR A 51 4.25 -20.03 -8.50
N GLY A 52 3.66 -19.42 -7.47
CA GLY A 52 3.30 -18.02 -7.54
C GLY A 52 4.48 -17.10 -7.27
N MET A 53 5.65 -17.50 -7.73
CA MET A 53 6.87 -16.72 -7.54
C MET A 53 6.66 -15.27 -8.01
N HIS A 54 6.29 -14.40 -7.08
CA HIS A 54 6.06 -13.00 -7.39
C HIS A 54 4.78 -12.82 -8.21
N LYS A 55 3.69 -13.35 -7.68
CA LYS A 55 2.40 -13.27 -8.36
C LYS A 55 2.28 -11.96 -9.14
N GLY A 56 2.29 -10.84 -8.42
CA GLY A 56 2.18 -9.54 -9.06
C GLY A 56 1.53 -8.51 -8.17
N CYS A 57 1.90 -8.51 -6.89
CA CYS A 57 1.34 -7.56 -5.93
C CYS A 57 2.24 -7.43 -4.71
N ALA A 58 1.90 -6.49 -3.82
CA ALA A 58 2.68 -6.26 -2.61
C ALA A 58 1.84 -5.58 -1.55
N PHE A 59 2.19 -5.80 -0.28
CA PHE A 59 1.48 -5.21 0.84
C PHE A 59 2.21 -3.98 1.36
N LEU A 60 1.46 -2.89 1.55
CA LEU A 60 2.05 -1.65 2.05
C LEU A 60 1.36 -1.21 3.34
N THR A 61 2.13 -0.63 4.25
CA THR A 61 1.59 -0.15 5.52
C THR A 61 1.96 1.31 5.77
N TYR A 62 0.95 2.17 5.78
CA TYR A 62 1.16 3.59 6.00
C TYR A 62 1.17 3.92 7.50
N CYS A 63 2.16 4.68 7.94
CA CYS A 63 2.28 5.07 9.33
C CYS A 63 1.00 5.73 9.82
N GLU A 64 0.41 6.58 8.98
CA GLU A 64 -0.82 7.27 9.33
C GLU A 64 -1.99 6.76 8.50
N ARG A 65 -3.20 6.97 9.00
CA ARG A 65 -4.41 6.54 8.31
C ARG A 65 -4.77 7.50 7.18
N GLU A 66 -4.72 8.79 7.48
CA GLU A 66 -5.05 9.81 6.49
C GLU A 66 -4.09 9.74 5.31
N SER A 67 -2.80 9.80 5.58
CA SER A 67 -1.79 9.74 4.54
C SER A 67 -2.13 8.69 3.50
N ALA A 68 -2.69 7.58 3.94
CA ALA A 68 -3.08 6.50 3.04
C ALA A 68 -4.12 6.97 2.03
N LEU A 69 -5.06 7.78 2.50
CA LEU A 69 -6.11 8.30 1.63
C LEU A 69 -5.52 9.03 0.43
N LYS A 70 -4.61 9.96 0.70
CA LYS A 70 -3.97 10.72 -0.35
C LYS A 70 -3.35 9.80 -1.40
N ALA A 71 -2.39 8.99 -0.98
CA ALA A 71 -1.72 8.05 -1.88
C ALA A 71 -2.73 7.15 -2.58
N GLN A 72 -3.79 6.78 -1.86
CA GLN A 72 -4.82 5.92 -2.42
C GLN A 72 -5.43 6.54 -3.68
N SER A 73 -5.97 7.73 -3.56
CA SER A 73 -6.58 8.43 -4.69
C SER A 73 -5.51 9.02 -5.60
N ALA A 74 -4.31 9.21 -5.05
CA ALA A 74 -3.20 9.76 -5.81
C ALA A 74 -2.57 8.71 -6.72
N LEU A 75 -2.68 7.45 -6.31
CA LEU A 75 -2.12 6.35 -7.09
C LEU A 75 -3.22 5.59 -7.82
N HIS A 76 -4.24 5.17 -7.07
CA HIS A 76 -5.36 4.43 -7.65
C HIS A 76 -5.80 5.05 -8.97
N GLU A 77 -5.89 4.23 -10.00
CA GLU A 77 -6.30 4.69 -11.32
C GLU A 77 -5.74 6.09 -11.60
N GLN A 78 -4.45 6.28 -11.28
CA GLN A 78 -3.80 7.56 -11.50
C GLN A 78 -2.48 7.38 -12.25
N LYS A 79 -1.67 6.43 -11.79
CA LYS A 79 -0.39 6.16 -12.41
C LYS A 79 -0.37 4.77 -13.05
N THR A 80 0.47 4.60 -14.06
CA THR A 80 0.57 3.33 -14.76
C THR A 80 2.02 2.83 -14.77
N LEU A 81 2.19 1.52 -14.67
CA LEU A 81 3.52 0.92 -14.68
C LEU A 81 3.98 0.62 -16.10
N PRO A 82 5.31 0.58 -16.30
CA PRO A 82 5.90 0.31 -17.61
C PRO A 82 5.69 -1.13 -18.06
N GLY A 83 4.77 -1.32 -19.00
CA GLY A 83 4.49 -2.66 -19.49
C GLY A 83 3.16 -3.19 -19.01
N MET A 84 2.26 -2.29 -18.61
CA MET A 84 0.95 -2.67 -18.12
C MET A 84 -0.14 -1.82 -18.76
N ASN A 85 -0.87 -2.42 -19.70
CA ASN A 85 -1.95 -1.71 -20.39
C ASN A 85 -2.82 -0.95 -19.40
N ARG A 86 -3.06 -1.55 -18.25
CA ARG A 86 -3.89 -0.92 -17.22
C ARG A 86 -3.01 -0.29 -16.14
N PRO A 87 -3.57 0.72 -15.45
CA PRO A 87 -2.86 1.43 -14.38
C PRO A 87 -2.66 0.56 -13.14
N ILE A 88 -2.26 1.20 -12.04
CA ILE A 88 -2.04 0.48 -10.80
C ILE A 88 -3.23 0.63 -9.85
N GLN A 89 -3.66 -0.47 -9.26
CA GLN A 89 -4.78 -0.47 -8.33
C GLN A 89 -4.30 -0.43 -6.89
N VAL A 90 -5.00 0.34 -6.06
CA VAL A 90 -4.64 0.44 -4.64
C VAL A 90 -5.89 0.43 -3.76
N LYS A 91 -6.05 -0.65 -3.01
CA LYS A 91 -7.19 -0.79 -2.11
C LYS A 91 -6.77 -1.40 -0.77
N PRO A 92 -7.37 -0.90 0.32
CA PRO A 92 -7.08 -1.38 1.67
C PRO A 92 -7.58 -2.80 1.91
N ALA A 93 -6.71 -3.65 2.44
CA ALA A 93 -7.08 -5.04 2.72
C ALA A 93 -8.33 -5.11 3.58
N ASP A 94 -8.32 -4.39 4.70
CA ASP A 94 -9.46 -4.36 5.61
C ASP A 94 -10.27 -3.08 5.45
N SER A 95 -11.59 -3.20 5.52
CA SER A 95 -12.47 -2.06 5.37
C SER A 95 -13.22 -1.78 6.68
N GLU A 96 -13.74 -0.56 6.80
CA GLU A 96 -14.49 -0.17 8.00
C GLU A 96 -15.99 -0.23 7.75
N SER A 97 -16.73 -0.64 8.77
CA SER A 97 -18.18 -0.74 8.66
C SER A 97 -18.86 -0.18 9.91
N ARG A 98 -19.46 1.00 9.78
CA ARG A 98 -20.14 1.64 10.89
C ARG A 98 -21.59 1.17 10.98
N GLY A 99 -21.85 0.25 11.91
CA GLY A 99 -23.20 -0.27 12.10
C GLY A 99 -24.00 0.55 13.08
N GLY A 100 -24.13 1.85 12.81
CA GLY A 100 -24.88 2.72 13.70
C GLY A 100 -25.21 4.05 13.05
N SER A 101 -26.26 4.07 12.23
CA SER A 101 -26.68 5.29 11.56
C SER A 101 -28.04 5.75 12.04
N GLY A 102 -28.09 6.93 12.65
CA GLY A 102 -29.34 7.47 13.16
C GLY A 102 -29.18 8.11 14.52
N PRO A 103 -28.80 9.40 14.53
CA PRO A 103 -28.61 10.15 15.77
C PRO A 103 -29.93 10.44 16.49
N SER A 104 -30.08 9.87 17.68
CA SER A 104 -31.29 10.06 18.47
C SER A 104 -30.98 10.70 19.82
N SER A 105 -31.11 12.03 19.88
CA SER A 105 -30.83 12.77 21.10
C SER A 105 -32.08 12.87 21.97
N GLY A 106 -31.92 13.41 23.17
CA GLY A 106 -33.03 13.55 24.08
C GLY A 106 -33.51 12.22 24.63
N GLY A 1 13.48 18.47 5.84
CA GLY A 1 12.42 18.62 6.83
C GLY A 1 12.82 18.08 8.19
N SER A 2 11.83 17.86 9.05
CA SER A 2 12.09 17.35 10.39
C SER A 2 11.54 15.94 10.55
N SER A 3 12.00 15.24 11.59
CA SER A 3 11.56 13.87 11.84
C SER A 3 10.84 13.77 13.18
N GLY A 4 10.02 12.74 13.34
CA GLY A 4 9.29 12.55 14.57
C GLY A 4 9.16 11.10 14.96
N SER A 5 10.10 10.62 15.78
CA SER A 5 10.09 9.23 16.21
C SER A 5 9.15 9.04 17.40
N SER A 6 7.93 9.52 17.26
CA SER A 6 6.93 9.42 18.33
C SER A 6 6.89 7.99 18.89
N GLY A 7 6.97 7.01 18.00
CA GLY A 7 6.94 5.63 18.43
C GLY A 7 6.50 4.69 17.33
N MET A 8 6.10 3.48 17.71
CA MET A 8 5.64 2.48 16.74
C MET A 8 4.72 3.11 15.71
N LYS A 9 5.10 3.00 14.44
CA LYS A 9 4.31 3.56 13.35
C LYS A 9 3.22 2.57 12.91
N ASP A 10 2.46 2.08 13.88
CA ASP A 10 1.38 1.14 13.59
C ASP A 10 0.10 1.53 14.33
N HIS A 11 -0.06 2.83 14.57
CA HIS A 11 -1.24 3.33 15.26
C HIS A 11 -2.42 3.46 14.31
N ASP A 12 -3.27 2.44 14.28
CA ASP A 12 -4.44 2.45 13.41
C ASP A 12 -4.03 2.46 11.94
N ALA A 13 -2.90 1.82 11.65
CA ALA A 13 -2.39 1.76 10.28
C ALA A 13 -3.38 1.05 9.37
N ILE A 14 -3.05 0.98 8.08
CA ILE A 14 -3.91 0.33 7.10
C ILE A 14 -3.09 -0.43 6.06
N LYS A 15 -3.42 -1.69 5.86
CA LYS A 15 -2.72 -2.53 4.90
C LYS A 15 -3.17 -2.22 3.47
N LEU A 16 -2.38 -1.43 2.76
CA LEU A 16 -2.71 -1.05 1.39
C LEU A 16 -2.26 -2.14 0.42
N PHE A 17 -3.22 -2.81 -0.20
CA PHE A 17 -2.92 -3.87 -1.16
C PHE A 17 -2.82 -3.31 -2.58
N ILE A 18 -1.68 -3.52 -3.22
CA ILE A 18 -1.45 -3.03 -4.58
C ILE A 18 -1.44 -4.19 -5.57
N GLY A 19 -2.07 -3.96 -6.73
CA GLY A 19 -2.11 -5.00 -7.75
C GLY A 19 -1.59 -4.51 -9.09
N GLN A 20 -1.56 -5.40 -10.07
CA GLN A 20 -1.07 -5.06 -11.40
C GLN A 20 0.39 -4.61 -11.35
N ILE A 21 1.24 -5.46 -10.77
CA ILE A 21 2.65 -5.14 -10.67
C ILE A 21 3.51 -6.24 -11.31
N PRO A 22 4.34 -5.85 -12.29
CA PRO A 22 5.22 -6.78 -13.00
C PRO A 22 6.35 -7.30 -12.11
N ARG A 23 6.85 -8.48 -12.45
CA ARG A 23 7.94 -9.08 -11.68
C ARG A 23 9.29 -8.49 -12.08
N ASN A 24 9.32 -7.18 -12.27
CA ASN A 24 10.55 -6.49 -12.66
C ASN A 24 10.82 -5.30 -11.75
N LEU A 25 10.03 -5.19 -10.69
CA LEU A 25 10.18 -4.09 -9.73
C LEU A 25 10.93 -4.56 -8.48
N ASP A 26 11.27 -3.62 -7.61
CA ASP A 26 11.98 -3.94 -6.38
C ASP A 26 11.44 -3.11 -5.22
N GLU A 27 11.68 -3.58 -4.00
CA GLU A 27 11.21 -2.89 -2.81
C GLU A 27 11.83 -1.49 -2.71
N LYS A 28 13.12 -1.40 -3.02
CA LYS A 28 13.83 -0.13 -2.97
C LYS A 28 13.43 0.75 -4.15
N ASP A 29 12.79 0.15 -5.15
CA ASP A 29 12.36 0.87 -6.33
C ASP A 29 10.90 1.32 -6.21
N LEU A 30 10.20 0.71 -5.26
CA LEU A 30 8.79 1.04 -5.04
C LEU A 30 8.62 1.85 -3.76
N LYS A 31 9.57 1.71 -2.84
CA LYS A 31 9.52 2.43 -1.58
C LYS A 31 9.50 3.95 -1.82
N PRO A 32 10.34 4.42 -2.75
CA PRO A 32 10.44 5.83 -3.09
C PRO A 32 9.07 6.46 -3.33
N LEU A 33 8.37 5.98 -4.35
CA LEU A 33 7.05 6.50 -4.69
C LEU A 33 6.21 6.72 -3.42
N PHE A 34 5.73 5.62 -2.84
CA PHE A 34 4.92 5.70 -1.64
C PHE A 34 5.61 6.55 -0.56
N GLU A 35 6.89 6.26 -0.32
CA GLU A 35 7.66 6.99 0.67
C GLU A 35 7.56 8.50 0.43
N GLU A 36 7.23 8.88 -0.80
CA GLU A 36 7.10 10.29 -1.15
C GLU A 36 5.77 10.86 -0.66
N PHE A 37 4.70 10.07 -0.80
CA PHE A 37 3.38 10.50 -0.37
C PHE A 37 3.23 10.35 1.15
N GLY A 38 3.69 9.22 1.67
CA GLY A 38 3.59 8.97 3.10
C GLY A 38 4.81 8.28 3.65
N LYS A 39 5.00 8.36 4.97
CA LYS A 39 6.15 7.74 5.62
C LYS A 39 5.90 6.24 5.83
N ILE A 40 6.35 5.45 4.87
CA ILE A 40 6.20 4.00 4.95
C ILE A 40 6.80 3.45 6.24
N TYR A 41 6.12 2.46 6.82
CA TYR A 41 6.58 1.85 8.06
C TYR A 41 7.24 0.49 7.79
N GLU A 42 6.67 -0.25 6.84
CA GLU A 42 7.19 -1.56 6.49
C GLU A 42 6.56 -2.07 5.18
N LEU A 43 7.38 -2.20 4.15
CA LEU A 43 6.91 -2.66 2.86
C LEU A 43 7.25 -4.13 2.65
N THR A 44 6.32 -4.86 2.02
CA THR A 44 6.52 -6.29 1.77
C THR A 44 5.91 -6.69 0.44
N VAL A 45 6.74 -7.18 -0.47
CA VAL A 45 6.28 -7.60 -1.79
C VAL A 45 5.85 -9.07 -1.77
N LEU A 46 4.55 -9.30 -1.99
CA LEU A 46 4.01 -10.65 -2.00
C LEU A 46 4.57 -11.45 -3.16
N LYS A 47 5.73 -12.05 -2.94
CA LYS A 47 6.38 -12.87 -3.97
C LYS A 47 6.97 -14.14 -3.36
N ASP A 48 6.29 -15.26 -3.61
CA ASP A 48 6.75 -16.55 -3.09
C ASP A 48 8.13 -16.91 -3.65
N ARG A 49 8.69 -18.00 -3.16
CA ARG A 49 10.00 -18.45 -3.61
C ARG A 49 9.96 -19.90 -4.07
N PHE A 50 8.75 -20.47 -4.13
CA PHE A 50 8.57 -21.85 -4.55
C PHE A 50 7.78 -21.92 -5.86
N THR A 51 6.55 -21.41 -5.83
CA THR A 51 5.70 -21.42 -7.01
C THR A 51 5.04 -20.06 -7.22
N GLY A 52 4.59 -19.45 -6.12
CA GLY A 52 3.95 -18.15 -6.21
C GLY A 52 4.94 -17.02 -6.37
N MET A 53 5.95 -17.24 -7.22
CA MET A 53 6.98 -16.23 -7.46
C MET A 53 6.36 -14.95 -8.01
N HIS A 54 6.35 -13.91 -7.19
CA HIS A 54 5.79 -12.62 -7.59
C HIS A 54 4.35 -12.78 -8.06
N LYS A 55 3.51 -13.37 -7.21
CA LYS A 55 2.11 -13.58 -7.54
C LYS A 55 1.57 -12.45 -8.40
N GLY A 56 1.81 -11.21 -7.96
CA GLY A 56 1.34 -10.06 -8.71
C GLY A 56 0.68 -9.02 -7.82
N CYS A 57 1.32 -8.71 -6.70
CA CYS A 57 0.78 -7.73 -5.76
C CYS A 57 1.79 -7.43 -4.65
N ALA A 58 1.43 -6.52 -3.76
CA ALA A 58 2.30 -6.14 -2.65
C ALA A 58 1.50 -5.54 -1.50
N PHE A 59 2.06 -5.61 -0.30
CA PHE A 59 1.40 -5.08 0.89
C PHE A 59 2.15 -3.87 1.43
N LEU A 60 1.42 -2.78 1.64
CA LEU A 60 2.02 -1.55 2.17
C LEU A 60 1.37 -1.15 3.49
N THR A 61 2.16 -0.56 4.38
CA THR A 61 1.67 -0.12 5.67
C THR A 61 2.08 1.32 5.96
N TYR A 62 1.07 2.18 6.18
CA TYR A 62 1.33 3.58 6.46
C TYR A 62 1.12 3.88 7.95
N CYS A 63 2.07 4.59 8.55
CA CYS A 63 1.99 4.95 9.95
C CYS A 63 0.60 5.47 10.30
N GLU A 64 0.18 6.50 9.59
CA GLU A 64 -1.14 7.11 9.84
C GLU A 64 -2.22 6.38 9.04
N ARG A 65 -3.47 6.63 9.39
CA ARG A 65 -4.60 6.00 8.71
C ARG A 65 -5.00 6.80 7.47
N GLU A 66 -5.45 8.03 7.69
CA GLU A 66 -5.87 8.90 6.59
C GLU A 66 -4.77 9.00 5.53
N SER A 67 -3.54 9.22 5.98
CA SER A 67 -2.41 9.34 5.07
C SER A 67 -2.58 8.40 3.86
N ALA A 68 -2.81 7.13 4.15
CA ALA A 68 -3.00 6.14 3.10
C ALA A 68 -4.01 6.62 2.05
N LEU A 69 -5.15 7.11 2.52
CA LEU A 69 -6.20 7.60 1.63
C LEU A 69 -5.61 8.53 0.56
N LYS A 70 -4.71 9.42 1.00
CA LYS A 70 -4.07 10.36 0.08
C LYS A 70 -3.40 9.62 -1.07
N ALA A 71 -2.41 8.80 -0.75
CA ALA A 71 -1.68 8.03 -1.75
C ALA A 71 -2.63 7.17 -2.57
N GLN A 72 -3.76 6.80 -1.97
CA GLN A 72 -4.75 5.96 -2.65
C GLN A 72 -5.44 6.75 -3.76
N SER A 73 -6.29 7.69 -3.35
CA SER A 73 -7.02 8.52 -4.31
C SER A 73 -6.07 9.29 -5.21
N ALA A 74 -4.80 9.33 -4.82
CA ALA A 74 -3.79 10.04 -5.59
C ALA A 74 -3.15 9.13 -6.65
N LEU A 75 -2.63 8.00 -6.19
CA LEU A 75 -2.00 7.04 -7.10
C LEU A 75 -3.05 6.27 -7.89
N HIS A 76 -4.07 5.78 -7.20
CA HIS A 76 -5.14 5.02 -7.83
C HIS A 76 -5.54 5.67 -9.16
N GLU A 77 -5.59 4.86 -10.22
CA GLU A 77 -5.96 5.36 -11.54
C GLU A 77 -5.27 6.69 -11.84
N GLN A 78 -3.96 6.73 -11.63
CA GLN A 78 -3.18 7.94 -11.87
C GLN A 78 -1.91 7.63 -12.65
N LYS A 79 -1.21 6.58 -12.24
CA LYS A 79 0.03 6.17 -12.90
C LYS A 79 -0.13 4.80 -13.55
N THR A 80 0.73 4.50 -14.51
CA THR A 80 0.68 3.22 -15.21
C THR A 80 2.08 2.62 -15.34
N LEU A 81 2.33 1.56 -14.58
CA LEU A 81 3.63 0.89 -14.61
C LEU A 81 3.96 0.42 -16.02
N PRO A 82 5.26 0.41 -16.34
CA PRO A 82 5.75 -0.02 -17.67
C PRO A 82 5.57 -1.52 -17.88
N GLY A 83 4.79 -1.88 -18.90
CA GLY A 83 4.56 -3.28 -19.20
C GLY A 83 3.12 -3.69 -18.95
N MET A 84 2.40 -2.88 -18.19
CA MET A 84 1.01 -3.17 -17.87
C MET A 84 0.07 -2.26 -18.65
N ASN A 85 -0.80 -2.86 -19.45
CA ASN A 85 -1.75 -2.11 -20.26
C ASN A 85 -2.64 -1.24 -19.37
N ARG A 86 -2.93 -1.73 -18.17
CA ARG A 86 -3.78 -1.01 -17.24
C ARG A 86 -2.94 -0.27 -16.19
N PRO A 87 -3.52 0.75 -15.56
CA PRO A 87 -2.84 1.55 -14.54
C PRO A 87 -2.62 0.77 -13.25
N ILE A 88 -2.20 1.47 -12.21
CA ILE A 88 -1.94 0.85 -10.92
C ILE A 88 -3.16 0.94 -10.00
N GLN A 89 -3.52 -0.17 -9.38
CA GLN A 89 -4.66 -0.21 -8.47
C GLN A 89 -4.21 -0.25 -7.02
N VAL A 90 -4.69 0.72 -6.23
CA VAL A 90 -4.33 0.79 -4.81
C VAL A 90 -5.58 0.82 -3.94
N LYS A 91 -5.71 -0.18 -3.06
CA LYS A 91 -6.85 -0.28 -2.17
C LYS A 91 -6.44 -0.87 -0.83
N PRO A 92 -7.19 -0.54 0.23
CA PRO A 92 -6.94 -1.04 1.58
C PRO A 92 -7.21 -2.53 1.72
N ALA A 93 -6.60 -3.15 2.71
CA ALA A 93 -6.79 -4.59 2.96
C ALA A 93 -7.83 -4.82 4.05
N ASP A 94 -7.99 -6.08 4.44
CA ASP A 94 -8.95 -6.44 5.48
C ASP A 94 -10.36 -6.02 5.08
N SER A 95 -10.69 -6.22 3.80
CA SER A 95 -12.02 -5.86 3.29
C SER A 95 -13.09 -6.73 3.92
N GLU A 96 -12.96 -8.04 3.75
CA GLU A 96 -13.92 -8.99 4.30
C GLU A 96 -15.33 -8.66 3.82
N SER A 97 -15.48 -8.43 2.52
CA SER A 97 -16.77 -8.09 1.94
C SER A 97 -17.67 -9.32 1.89
N ARG A 98 -18.91 -9.15 2.30
CA ARG A 98 -19.88 -10.25 2.30
C ARG A 98 -21.31 -9.71 2.26
N GLY A 99 -22.03 -10.06 1.19
CA GLY A 99 -23.41 -9.61 1.05
C GLY A 99 -23.72 -9.14 -0.35
N GLY A 100 -23.79 -7.83 -0.53
CA GLY A 100 -24.08 -7.28 -1.85
C GLY A 100 -25.55 -7.37 -2.20
N SER A 101 -26.38 -6.58 -1.50
CA SER A 101 -27.81 -6.59 -1.74
C SER A 101 -28.48 -5.43 -0.99
N GLY A 102 -29.71 -5.11 -1.39
CA GLY A 102 -30.44 -4.03 -0.75
C GLY A 102 -31.18 -3.16 -1.76
N PRO A 103 -32.39 -3.61 -2.14
CA PRO A 103 -33.23 -2.88 -3.10
C PRO A 103 -33.78 -1.58 -2.52
N SER A 104 -33.48 -1.33 -1.25
CA SER A 104 -33.95 -0.12 -0.58
C SER A 104 -32.89 0.97 -0.63
N SER A 105 -32.25 1.11 -1.78
CA SER A 105 -31.20 2.12 -1.95
C SER A 105 -31.49 2.97 -3.19
N GLY A 106 -31.50 4.29 -3.00
CA GLY A 106 -31.75 5.19 -4.10
C GLY A 106 -30.47 5.74 -4.71
N GLY A 1 7.23 26.24 15.18
CA GLY A 1 7.41 26.28 13.74
C GLY A 1 8.55 25.39 13.28
N SER A 2 8.61 24.18 13.81
CA SER A 2 9.65 23.23 13.45
C SER A 2 9.73 23.06 11.94
N SER A 3 10.74 22.31 11.49
CA SER A 3 10.93 22.06 10.07
C SER A 3 10.90 20.56 9.76
N GLY A 4 11.84 19.83 10.35
CA GLY A 4 11.91 18.40 10.13
C GLY A 4 10.58 17.70 10.41
N SER A 5 10.34 16.62 9.70
CA SER A 5 9.10 15.86 9.88
C SER A 5 9.36 14.53 10.57
N SER A 6 8.31 13.94 11.13
CA SER A 6 8.44 12.66 11.83
C SER A 6 7.54 11.61 11.19
N GLY A 7 7.98 10.36 11.24
CA GLY A 7 7.20 9.27 10.66
C GLY A 7 7.34 7.98 11.45
N MET A 8 6.32 7.66 12.24
CA MET A 8 6.33 6.45 13.04
C MET A 8 4.93 5.84 13.12
N LYS A 9 4.87 4.51 13.01
CA LYS A 9 3.60 3.80 13.07
C LYS A 9 3.16 3.59 14.51
N ASP A 10 2.02 4.19 14.87
CA ASP A 10 1.50 4.06 16.23
C ASP A 10 0.04 3.61 16.21
N HIS A 11 -0.75 4.21 15.32
CA HIS A 11 -2.15 3.86 15.19
C HIS A 11 -2.34 2.60 14.36
N ASP A 12 -3.58 2.15 14.24
CA ASP A 12 -3.88 0.94 13.47
C ASP A 12 -3.34 1.05 12.05
N ALA A 13 -2.18 0.46 11.83
CA ALA A 13 -1.55 0.48 10.51
C ALA A 13 -2.37 -0.31 9.49
N ILE A 14 -2.78 0.37 8.44
CA ILE A 14 -3.57 -0.26 7.39
C ILE A 14 -2.68 -0.94 6.35
N LYS A 15 -3.07 -2.14 5.95
CA LYS A 15 -2.31 -2.90 4.95
C LYS A 15 -2.85 -2.65 3.55
N LEU A 16 -2.26 -1.68 2.86
CA LEU A 16 -2.68 -1.35 1.50
C LEU A 16 -2.22 -2.41 0.51
N PHE A 17 -3.16 -2.98 -0.22
CA PHE A 17 -2.85 -4.01 -1.20
C PHE A 17 -2.71 -3.40 -2.59
N ILE A 18 -1.50 -3.49 -3.15
CA ILE A 18 -1.23 -2.95 -4.48
C ILE A 18 -1.10 -4.06 -5.50
N GLY A 19 -1.84 -3.94 -6.60
CA GLY A 19 -1.80 -4.95 -7.64
C GLY A 19 -1.16 -4.43 -8.92
N GLN A 20 -1.65 -4.90 -10.06
CA GLN A 20 -1.10 -4.48 -11.35
C GLN A 20 0.40 -4.25 -11.27
N ILE A 21 1.08 -5.11 -10.52
CA ILE A 21 2.53 -4.99 -10.36
C ILE A 21 3.25 -6.19 -10.98
N PRO A 22 4.07 -5.92 -12.00
CA PRO A 22 4.83 -6.96 -12.71
C PRO A 22 5.94 -7.54 -11.85
N ARG A 23 6.51 -8.65 -12.30
CA ARG A 23 7.59 -9.31 -11.57
C ARG A 23 8.95 -8.73 -11.95
N ASN A 24 9.00 -7.41 -12.07
CA ASN A 24 10.24 -6.73 -12.43
C ASN A 24 10.52 -5.56 -11.49
N LEU A 25 9.75 -5.48 -10.41
CA LEU A 25 9.91 -4.41 -9.44
C LEU A 25 10.71 -4.90 -8.22
N ASP A 26 10.95 -4.00 -7.28
CA ASP A 26 11.69 -4.34 -6.07
C ASP A 26 11.08 -3.66 -4.85
N GLU A 27 11.48 -4.10 -3.67
CA GLU A 27 10.97 -3.54 -2.42
C GLU A 27 11.50 -2.12 -2.20
N LYS A 28 12.71 -1.87 -2.70
CA LYS A 28 13.33 -0.56 -2.56
C LYS A 28 12.95 0.35 -3.73
N ASP A 29 12.43 -0.24 -4.79
CA ASP A 29 12.02 0.50 -5.96
C ASP A 29 10.57 0.95 -5.85
N LEU A 30 9.85 0.39 -4.88
CA LEU A 30 8.46 0.74 -4.67
C LEU A 30 8.31 1.66 -3.46
N LYS A 31 9.10 1.41 -2.42
CA LYS A 31 9.05 2.22 -1.21
C LYS A 31 9.20 3.70 -1.55
N PRO A 32 10.15 4.02 -2.43
CA PRO A 32 10.41 5.40 -2.86
C PRO A 32 9.13 6.14 -3.24
N LEU A 33 8.41 5.60 -4.23
CA LEU A 33 7.17 6.21 -4.69
C LEU A 33 6.29 6.62 -3.51
N PHE A 34 5.71 5.62 -2.84
CA PHE A 34 4.85 5.88 -1.69
C PHE A 34 5.52 6.83 -0.70
N GLU A 35 6.77 6.51 -0.35
CA GLU A 35 7.52 7.33 0.59
C GLU A 35 7.38 8.82 0.25
N GLU A 36 7.03 9.10 -1.00
CA GLU A 36 6.87 10.47 -1.46
C GLU A 36 5.59 11.08 -0.90
N PHE A 37 4.53 10.28 -0.86
CA PHE A 37 3.24 10.74 -0.34
C PHE A 37 3.16 10.57 1.17
N GLY A 38 3.63 9.44 1.66
CA GLY A 38 3.60 9.17 3.09
C GLY A 38 4.84 8.47 3.57
N LYS A 39 5.29 8.80 4.78
CA LYS A 39 6.48 8.20 5.35
C LYS A 39 6.23 6.73 5.71
N ILE A 40 6.33 5.87 4.72
CA ILE A 40 6.11 4.44 4.93
C ILE A 40 6.74 3.97 6.24
N TYR A 41 6.20 2.90 6.80
CA TYR A 41 6.71 2.36 8.06
C TYR A 41 7.26 0.95 7.85
N GLU A 42 6.61 0.19 6.98
CA GLU A 42 7.03 -1.17 6.70
C GLU A 42 6.49 -1.64 5.34
N LEU A 43 7.37 -2.24 4.54
CA LEU A 43 6.99 -2.73 3.22
C LEU A 43 7.34 -4.21 3.06
N THR A 44 6.52 -4.94 2.33
CA THR A 44 6.76 -6.36 2.10
C THR A 44 6.20 -6.80 0.75
N VAL A 45 7.10 -7.08 -0.19
CA VAL A 45 6.70 -7.51 -1.53
C VAL A 45 6.32 -8.99 -1.54
N LEU A 46 5.02 -9.25 -1.52
CA LEU A 46 4.53 -10.63 -1.52
C LEU A 46 5.32 -11.49 -2.49
N LYS A 47 6.37 -12.14 -1.99
CA LYS A 47 7.22 -12.99 -2.81
C LYS A 47 7.40 -14.36 -2.16
N ASP A 48 6.92 -15.40 -2.82
CA ASP A 48 7.03 -16.76 -2.31
C ASP A 48 8.43 -17.31 -2.52
N ARG A 49 8.68 -18.52 -2.03
CA ARG A 49 9.98 -19.15 -2.16
C ARG A 49 9.86 -20.51 -2.85
N PHE A 50 8.66 -20.83 -3.32
CA PHE A 50 8.41 -22.10 -4.00
C PHE A 50 8.06 -21.88 -5.46
N THR A 51 6.84 -21.39 -5.70
CA THR A 51 6.37 -21.14 -7.06
C THR A 51 6.06 -19.65 -7.25
N GLY A 52 5.45 -19.04 -6.24
CA GLY A 52 5.11 -17.63 -6.33
C GLY A 52 6.31 -16.72 -6.09
N MET A 53 7.45 -17.10 -6.65
CA MET A 53 8.67 -16.31 -6.49
C MET A 53 8.35 -14.82 -6.46
N HIS A 54 7.32 -14.43 -7.20
CA HIS A 54 6.92 -13.03 -7.26
C HIS A 54 5.47 -12.90 -7.72
N LYS A 55 4.59 -12.53 -6.80
CA LYS A 55 3.17 -12.37 -7.11
C LYS A 55 2.90 -11.01 -7.74
N GLY A 56 1.80 -10.91 -8.47
CA GLY A 56 1.45 -9.66 -9.13
C GLY A 56 0.84 -8.66 -8.17
N CYS A 57 1.45 -8.52 -7.00
CA CYS A 57 0.96 -7.59 -5.99
C CYS A 57 1.91 -7.53 -4.80
N ALA A 58 1.61 -6.63 -3.86
CA ALA A 58 2.43 -6.48 -2.66
C ALA A 58 1.65 -5.84 -1.53
N PHE A 59 2.23 -5.85 -0.33
CA PHE A 59 1.57 -5.27 0.84
C PHE A 59 2.38 -4.09 1.38
N LEU A 60 1.71 -2.96 1.52
CA LEU A 60 2.35 -1.75 2.03
C LEU A 60 1.71 -1.29 3.33
N THR A 61 2.50 -0.64 4.19
CA THR A 61 2.02 -0.15 5.46
C THR A 61 2.33 1.33 5.64
N TYR A 62 1.32 2.12 5.99
CA TYR A 62 1.50 3.55 6.19
C TYR A 62 1.46 3.90 7.67
N CYS A 63 2.30 4.86 8.07
CA CYS A 63 2.36 5.29 9.46
C CYS A 63 0.98 5.68 9.97
N GLU A 64 0.28 6.49 9.18
CA GLU A 64 -1.06 6.95 9.56
C GLU A 64 -2.10 6.47 8.55
N ARG A 65 -3.34 6.38 9.00
CA ARG A 65 -4.43 5.93 8.14
C ARG A 65 -4.73 6.97 7.06
N GLU A 66 -5.16 8.16 7.49
CA GLU A 66 -5.48 9.23 6.57
C GLU A 66 -4.49 9.27 5.41
N SER A 67 -3.21 9.45 5.75
CA SER A 67 -2.16 9.51 4.74
C SER A 67 -2.41 8.49 3.62
N ALA A 68 -2.71 7.26 4.02
CA ALA A 68 -2.98 6.19 3.07
C ALA A 68 -4.03 6.61 2.05
N LEU A 69 -5.08 7.27 2.53
CA LEU A 69 -6.16 7.73 1.67
C LEU A 69 -5.62 8.61 0.55
N LYS A 70 -4.70 9.50 0.89
CA LYS A 70 -4.10 10.40 -0.09
C LYS A 70 -3.45 9.61 -1.23
N ALA A 71 -2.46 8.80 -0.88
CA ALA A 71 -1.76 7.99 -1.87
C ALA A 71 -2.74 7.11 -2.65
N GLN A 72 -3.77 6.64 -1.97
CA GLN A 72 -4.77 5.79 -2.61
C GLN A 72 -5.37 6.47 -3.84
N SER A 73 -5.88 7.68 -3.64
CA SER A 73 -6.49 8.44 -4.73
C SER A 73 -5.42 9.08 -5.60
N ALA A 74 -4.23 9.28 -5.02
CA ALA A 74 -3.13 9.89 -5.75
C ALA A 74 -2.48 8.89 -6.71
N LEU A 75 -2.71 7.60 -6.45
CA LEU A 75 -2.15 6.55 -7.29
C LEU A 75 -3.26 5.80 -8.03
N HIS A 76 -4.25 5.33 -7.28
CA HIS A 76 -5.37 4.60 -7.87
C HIS A 76 -5.90 5.32 -9.10
N GLU A 77 -5.78 4.69 -10.25
CA GLU A 77 -6.24 5.26 -11.51
C GLU A 77 -5.67 6.67 -11.70
N GLN A 78 -4.37 6.81 -11.46
CA GLN A 78 -3.70 8.09 -11.60
C GLN A 78 -2.48 7.97 -12.51
N LYS A 79 -1.75 6.87 -12.37
CA LYS A 79 -0.56 6.62 -13.17
C LYS A 79 -0.63 5.26 -13.84
N THR A 80 0.41 4.93 -14.61
CA THR A 80 0.47 3.65 -15.31
C THR A 80 1.88 3.07 -15.27
N LEU A 81 2.04 1.97 -14.55
CA LEU A 81 3.33 1.31 -14.42
C LEU A 81 3.82 0.83 -15.79
N PRO A 82 5.15 0.80 -15.97
CA PRO A 82 5.78 0.35 -17.22
C PRO A 82 5.62 -1.15 -17.43
N GLY A 83 4.97 -1.51 -18.54
CA GLY A 83 4.76 -2.91 -18.85
C GLY A 83 3.32 -3.34 -18.66
N MET A 84 2.50 -2.46 -18.10
CA MET A 84 1.09 -2.74 -17.87
C MET A 84 0.20 -1.84 -18.70
N ASN A 85 -0.63 -2.44 -19.55
CA ASN A 85 -1.53 -1.68 -20.40
C ASN A 85 -2.50 -0.85 -19.56
N ARG A 86 -2.90 -1.39 -18.42
CA ARG A 86 -3.83 -0.70 -17.53
C ARG A 86 -3.07 0.11 -16.49
N PRO A 87 -3.77 1.07 -15.86
CA PRO A 87 -3.19 1.93 -14.82
C PRO A 87 -2.87 1.18 -13.53
N ILE A 88 -2.60 1.92 -12.47
CA ILE A 88 -2.28 1.31 -11.18
C ILE A 88 -3.55 1.14 -10.34
N GLN A 89 -3.54 0.13 -9.48
CA GLN A 89 -4.69 -0.15 -8.61
C GLN A 89 -4.25 -0.30 -7.16
N VAL A 90 -4.78 0.56 -6.29
CA VAL A 90 -4.44 0.51 -4.88
C VAL A 90 -5.70 0.45 -4.01
N LYS A 91 -5.76 -0.52 -3.12
CA LYS A 91 -6.90 -0.69 -2.23
C LYS A 91 -6.49 -1.35 -0.92
N PRO A 92 -7.09 -0.90 0.19
CA PRO A 92 -6.80 -1.45 1.53
C PRO A 92 -7.32 -2.87 1.70
N ALA A 93 -6.40 -3.81 1.92
CA ALA A 93 -6.77 -5.20 2.10
C ALA A 93 -8.00 -5.34 2.98
N ASP A 94 -9.16 -5.49 2.35
CA ASP A 94 -10.42 -5.62 3.08
C ASP A 94 -10.53 -7.01 3.71
N SER A 95 -11.51 -7.17 4.59
CA SER A 95 -11.72 -8.44 5.27
C SER A 95 -12.81 -9.25 4.57
N GLU A 96 -12.44 -9.98 3.52
CA GLU A 96 -13.38 -10.79 2.77
C GLU A 96 -14.05 -11.81 3.67
N SER A 97 -13.32 -12.27 4.69
CA SER A 97 -13.85 -13.26 5.63
C SER A 97 -14.16 -12.61 6.98
N ARG A 98 -15.35 -12.03 7.08
CA ARG A 98 -15.78 -11.37 8.31
C ARG A 98 -17.10 -11.95 8.81
N GLY A 99 -17.17 -12.22 10.10
CA GLY A 99 -18.38 -12.78 10.69
C GLY A 99 -19.28 -11.71 11.27
N GLY A 100 -20.59 -11.87 11.08
CA GLY A 100 -21.55 -10.91 11.59
C GLY A 100 -21.96 -9.89 10.56
N SER A 101 -22.80 -8.94 10.96
CA SER A 101 -23.28 -7.90 10.05
C SER A 101 -23.96 -6.77 10.83
N GLY A 102 -23.49 -5.55 10.61
CA GLY A 102 -24.06 -4.40 11.29
C GLY A 102 -24.05 -3.15 10.43
N PRO A 103 -25.08 -3.00 9.59
CA PRO A 103 -25.20 -1.85 8.69
C PRO A 103 -25.51 -0.56 9.45
N SER A 104 -25.71 0.52 8.71
CA SER A 104 -26.01 1.82 9.31
C SER A 104 -27.03 2.58 8.47
N SER A 105 -27.86 3.37 9.15
CA SER A 105 -28.89 4.16 8.47
C SER A 105 -28.77 5.63 8.82
N GLY A 106 -29.54 6.47 8.13
CA GLY A 106 -29.51 7.90 8.39
C GLY A 106 -30.62 8.34 9.33
#